data_6CVL
#
_entry.id   6CVL
#
_cell.length_a   107.960
_cell.length_b   107.960
_cell.length_c   354.520
_cell.angle_alpha   90.000
_cell.angle_beta   90.000
_cell.angle_gamma   120.000
#
_symmetry.space_group_name_H-M   'P 32 2 1'
#
loop_
_entity.id
_entity.type
_entity.pdbx_description
1 polymer 'MetN nucleotide-binding subunit'
2 polymer 'MetI transmembrane subunit'
3 polymer 'MetQ periplasmic binding protein'
4 non-polymer 'MERCURY (II) ION'
5 non-polymer 'PHOSPHOTHIOPHOSPHORIC ACID-ADENYLATE ESTER'
6 non-polymer 'IODIDE ION'
#
loop_
_entity_poly.entity_id
_entity_poly.type
_entity_poly.pdbx_seq_one_letter_code
_entity_poly.pdbx_strand_id
1 'polypeptide(L)'
;HMIKLSNITKVFHQGTRTIQALNNVSLHVPAGQIYGVIGASGAGKSTLIRCVNLLERPTEGSVLVDGQELTTLSESELTK
ARRQIGMIFQHFNLLSSRTVFGNVALPLELDNTPKDEVKRRVTELLSLVGLGDKHDSYPSNLSGGQKQRVAIARALASNP
KVLLCDQATSALDPATTRSILELLKDINRRLGLTILLITHEMDVVKRICDCVAVISNGELIEQDTVSEVFSHPKTPLAQK
FIQSTLHLDIPEDYQERLQAEPFTDCVPMLRLEFTGQSVDAPLLSETARRFNVNNAIISAQMDYAGGVKFGIMLTEMHGT
QQDTQAAIAWLQEHHVKVEVLGYV
;
C,D
2 'polypeptide(L)'
;MSEPMMWLLVRGVWETLAMTFVSGFFGFVIGLPVGVLLYVTRPGQIIANAKLYRTVSAIVNIFRSIPFIILLVWMIPFTR
VIVGTSIGLQAAIVPLTVGAAPFIARMVENALLEIPTGLIEASRAMGATPMQIVRKVLLPEALPGLVNAATITLITLVGY
SAMGGAVGAGGLGQIGYQYGYIGYNATVMNTVLVLLVILVYLIQFAGDRIVRAVT
;
A,B
3 'polypeptide(L)'
;KVGVIVGAEQQVAEVAQKVAKDKYGLDVELVTFNDYVLPNEALSKGDIDANAFQHKPYLDQQLKDRGYKLVAVGNTFVYP
IAGYSKKIKSLDELQDGSQVAVPNDPTNLGRSLLLLQKVGLIKLKDGVGLLPTVLDVVENPKNLKIVELEAPQLPRSLDD
AQIALAVINTTYASQIGLTPAKDGIFVEDKESPYVALIVTREDNKDAENVKKFVQAYQSDEVYEAA
;
E
#
loop_
_chem_comp.id
_chem_comp.type
_chem_comp.name
_chem_comp.formula
AGS non-polymer 'PHOSPHOTHIOPHOSPHORIC ACID-ADENYLATE ESTER' 'C10 H16 N5 O12 P3 S'
HG non-polymer 'MERCURY (II) ION' 'Hg 2'
IOD non-polymer 'IODIDE ION' 'I -1'
#
# COMPACT_ATOMS: atom_id res chain seq x y z
N HIS A 1 -19.29 -29.25 -23.61
CA HIS A 1 -19.22 -27.80 -23.27
C HIS A 1 -18.29 -27.57 -22.08
N MET A 2 -17.14 -26.94 -22.32
CA MET A 2 -16.18 -26.74 -21.25
C MET A 2 -16.71 -25.78 -20.17
N ILE A 3 -17.58 -24.84 -20.54
CA ILE A 3 -18.08 -23.86 -19.57
C ILE A 3 -19.60 -23.77 -19.66
N LYS A 4 -20.26 -23.74 -18.50
CA LYS A 4 -21.72 -23.56 -18.44
C LYS A 4 -22.10 -22.70 -17.26
N LEU A 5 -22.71 -21.56 -17.53
CA LEU A 5 -23.27 -20.67 -16.51
C LEU A 5 -24.78 -20.66 -16.64
N SER A 6 -25.49 -20.83 -15.53
CA SER A 6 -26.93 -20.93 -15.55
C SER A 6 -27.54 -20.04 -14.48
N ASN A 7 -28.47 -19.17 -14.90
CA ASN A 7 -29.30 -18.38 -14.00
C ASN A 7 -28.43 -17.67 -12.96
N ILE A 8 -27.41 -16.98 -13.46
CA ILE A 8 -26.47 -16.26 -12.60
C ILE A 8 -27.06 -14.91 -12.25
N THR A 9 -27.05 -14.57 -10.97
CA THR A 9 -27.51 -13.28 -10.50
C THR A 9 -26.59 -12.81 -9.40
N LYS A 10 -26.19 -11.56 -9.47
CA LYS A 10 -25.30 -10.99 -8.46
C LYS A 10 -25.77 -9.59 -8.10
N VAL A 11 -25.97 -9.37 -6.81
CA VAL A 11 -26.29 -8.05 -6.28
C VAL A 11 -25.10 -7.54 -5.48
N PHE A 12 -24.86 -6.24 -5.55
CA PHE A 12 -23.89 -5.57 -4.69
C PHE A 12 -24.62 -4.52 -3.88
N HIS A 13 -24.26 -4.41 -2.61
CA HIS A 13 -24.77 -3.35 -1.73
C HIS A 13 -23.63 -2.38 -1.52
N GLN A 14 -23.50 -1.43 -2.45
CA GLN A 14 -22.43 -0.44 -2.32
C GLN A 14 -22.62 0.30 -1.01
N GLY A 15 -23.70 1.06 -0.93
CA GLY A 15 -24.11 1.74 0.29
C GLY A 15 -25.62 1.82 0.33
N THR A 16 -26.11 3.05 0.44
CA THR A 16 -27.53 3.38 0.37
C THR A 16 -28.29 2.53 -0.64
N ARG A 17 -27.68 2.24 -1.78
CA ARG A 17 -28.37 1.61 -2.88
C ARG A 17 -27.73 0.27 -3.22
N THR A 18 -28.56 -0.64 -3.72
CA THR A 18 -28.15 -1.97 -4.16
C THR A 18 -28.29 -2.06 -5.67
N ILE A 19 -27.45 -2.89 -6.28
CA ILE A 19 -27.29 -2.91 -7.73
C ILE A 19 -27.36 -4.34 -8.23
N GLN A 20 -28.10 -4.55 -9.32
CA GLN A 20 -28.22 -5.85 -9.98
C GLN A 20 -27.18 -5.95 -11.10
N ALA A 21 -25.91 -6.07 -10.69
CA ALA A 21 -24.83 -6.12 -11.66
C ALA A 21 -25.08 -7.20 -12.69
N LEU A 22 -25.60 -8.35 -12.26
CA LEU A 22 -26.00 -9.43 -13.14
C LEU A 22 -27.37 -9.92 -12.72
N ASN A 23 -28.20 -10.24 -13.72
CA ASN A 23 -29.58 -10.64 -13.48
C ASN A 23 -29.93 -11.81 -14.39
N ASN A 24 -29.83 -13.01 -13.84
CA ASN A 24 -30.28 -14.24 -14.53
C ASN A 24 -29.62 -14.37 -15.90
N VAL A 25 -28.31 -14.56 -15.87
CA VAL A 25 -27.49 -14.68 -17.08
C VAL A 25 -27.04 -16.12 -17.23
N SER A 26 -27.08 -16.63 -18.47
CA SER A 26 -26.71 -18.00 -18.79
C SER A 26 -25.91 -18.03 -20.08
N LEU A 27 -24.83 -18.82 -20.10
CA LEU A 27 -23.91 -18.80 -21.24
C LEU A 27 -23.09 -20.09 -21.24
N HIS A 28 -22.96 -20.71 -22.41
CA HIS A 28 -22.29 -22.00 -22.57
C HIS A 28 -21.22 -21.91 -23.64
N VAL A 29 -20.03 -22.42 -23.33
CA VAL A 29 -18.87 -22.34 -24.22
C VAL A 29 -18.32 -23.74 -24.45
N PRO A 30 -18.27 -24.23 -25.69
CA PRO A 30 -17.67 -25.54 -25.95
C PRO A 30 -16.16 -25.54 -25.75
N ALA A 31 -15.59 -26.74 -25.86
CA ALA A 31 -14.15 -26.89 -25.77
C ALA A 31 -13.48 -26.42 -27.07
N GLY A 32 -12.35 -25.73 -26.91
CA GLY A 32 -11.63 -25.20 -28.05
C GLY A 32 -12.35 -24.14 -28.84
N GLN A 33 -13.34 -23.48 -28.24
CA GLN A 33 -14.06 -22.39 -28.86
C GLN A 33 -13.59 -21.05 -28.30
N ILE A 34 -13.76 -19.99 -29.08
CA ILE A 34 -13.37 -18.64 -28.69
C ILE A 34 -14.60 -17.76 -28.69
N TYR A 35 -14.80 -17.05 -27.58
CA TYR A 35 -16.07 -16.44 -27.24
C TYR A 35 -15.85 -15.06 -26.64
N GLY A 36 -16.49 -14.06 -27.22
CA GLY A 36 -16.33 -12.68 -26.80
C GLY A 36 -17.49 -12.18 -25.97
N VAL A 37 -17.21 -11.18 -25.13
CA VAL A 37 -18.20 -10.50 -24.31
C VAL A 37 -18.07 -9.01 -24.58
N ILE A 38 -19.19 -8.36 -24.91
CA ILE A 38 -19.17 -6.94 -25.21
C ILE A 38 -20.42 -6.29 -24.65
N GLY A 39 -20.33 -4.98 -24.41
CA GLY A 39 -21.43 -4.25 -23.78
C GLY A 39 -21.00 -2.93 -23.19
N ALA A 40 -21.95 -1.99 -23.11
CA ALA A 40 -21.66 -0.67 -22.56
C ALA A 40 -21.02 -0.78 -21.18
N SER A 41 -20.27 0.24 -20.81
CA SER A 41 -19.50 0.24 -19.58
C SER A 41 -20.42 0.09 -18.36
N GLY A 42 -19.96 -0.71 -17.40
CA GLY A 42 -20.73 -0.93 -16.19
C GLY A 42 -21.89 -1.88 -16.34
N ALA A 43 -21.86 -2.75 -17.34
CA ALA A 43 -22.98 -3.64 -17.60
C ALA A 43 -22.89 -4.97 -16.87
N GLY A 44 -21.71 -5.35 -16.38
CA GLY A 44 -21.52 -6.61 -15.70
C GLY A 44 -20.44 -7.50 -16.28
N LYS A 45 -19.82 -7.14 -17.40
CA LYS A 45 -18.90 -8.05 -18.09
C LYS A 45 -17.82 -8.58 -17.14
N SER A 46 -17.05 -7.67 -16.52
CA SER A 46 -16.04 -8.10 -15.58
C SER A 46 -16.67 -8.94 -14.48
N THR A 47 -17.85 -8.54 -14.01
CA THR A 47 -18.54 -9.30 -12.98
C THR A 47 -18.75 -10.74 -13.43
N LEU A 48 -19.28 -10.93 -14.63
CA LEU A 48 -19.54 -12.27 -15.15
C LEU A 48 -18.25 -13.09 -15.23
N ILE A 49 -17.22 -12.53 -15.87
CA ILE A 49 -16.00 -13.29 -16.06
C ILE A 49 -15.42 -13.67 -14.71
N ARG A 50 -15.60 -12.83 -13.69
CA ARG A 50 -15.16 -13.18 -12.36
C ARG A 50 -16.03 -14.27 -11.76
N CYS A 51 -17.32 -14.28 -12.11
CA CYS A 51 -18.19 -15.36 -11.65
C CYS A 51 -17.68 -16.70 -12.13
N VAL A 52 -17.11 -16.75 -13.34
CA VAL A 52 -16.54 -18.00 -13.83
C VAL A 52 -15.42 -18.46 -12.89
N ASN A 53 -14.42 -17.61 -12.69
CA ASN A 53 -13.36 -17.90 -11.73
C ASN A 53 -13.89 -18.11 -10.32
N LEU A 54 -15.12 -17.65 -10.05
CA LEU A 54 -15.72 -17.63 -8.72
C LEU A 54 -15.03 -16.62 -7.81
N LEU A 55 -14.29 -15.68 -8.39
CA LEU A 55 -13.86 -14.51 -7.64
C LEU A 55 -15.05 -13.68 -7.18
N GLU A 56 -16.20 -13.86 -7.82
CA GLU A 56 -17.47 -13.31 -7.36
C GLU A 56 -18.45 -14.46 -7.18
N ARG A 57 -18.95 -14.64 -5.96
CA ARG A 57 -19.87 -15.73 -5.66
C ARG A 57 -21.28 -15.30 -6.01
N PRO A 58 -21.90 -15.88 -7.03
CA PRO A 58 -23.25 -15.44 -7.41
C PRO A 58 -24.22 -15.70 -6.27
N THR A 59 -25.04 -14.69 -5.98
CA THR A 59 -26.00 -14.83 -4.91
C THR A 59 -27.03 -15.91 -5.26
N GLU A 60 -27.38 -16.02 -6.54
CA GLU A 60 -28.22 -17.11 -7.02
C GLU A 60 -27.73 -17.47 -8.42
N GLY A 61 -27.29 -18.71 -8.61
CA GLY A 61 -26.80 -19.14 -9.90
C GLY A 61 -25.94 -20.37 -9.80
N SER A 62 -25.70 -20.99 -10.96
CA SER A 62 -24.96 -22.24 -11.05
C SER A 62 -23.80 -22.10 -12.03
N VAL A 63 -22.62 -22.58 -11.62
CA VAL A 63 -21.39 -22.47 -12.41
C VAL A 63 -20.80 -23.86 -12.59
N LEU A 64 -20.45 -24.20 -13.84
CA LEU A 64 -19.88 -25.50 -14.17
C LEU A 64 -18.69 -25.32 -15.08
N VAL A 65 -17.53 -25.86 -14.68
CA VAL A 65 -16.30 -25.77 -15.47
C VAL A 65 -15.71 -27.17 -15.58
N ASP A 66 -15.61 -27.68 -16.81
CA ASP A 66 -15.12 -29.04 -17.06
C ASP A 66 -16.02 -30.06 -16.36
N GLY A 67 -17.33 -29.83 -16.42
CA GLY A 67 -18.29 -30.71 -15.80
C GLY A 67 -18.35 -30.65 -14.28
N GLN A 68 -17.61 -29.74 -13.65
CA GLN A 68 -17.56 -29.65 -12.20
C GLN A 68 -18.28 -28.39 -11.73
N GLU A 69 -19.28 -28.57 -10.87
CA GLU A 69 -19.99 -27.44 -10.27
C GLU A 69 -19.17 -26.85 -9.14
N LEU A 70 -19.10 -25.52 -9.11
CA LEU A 70 -18.20 -24.81 -8.22
C LEU A 70 -18.89 -24.15 -7.03
N THR A 71 -20.06 -23.54 -7.24
CA THR A 71 -20.81 -22.95 -6.14
C THR A 71 -20.77 -23.82 -4.89
N THR A 72 -21.00 -25.12 -5.07
CA THR A 72 -20.99 -26.10 -3.99
C THR A 72 -19.71 -26.93 -4.13
N LEU A 73 -18.62 -26.43 -3.55
CA LEU A 73 -17.33 -27.09 -3.66
C LEU A 73 -16.46 -26.61 -2.50
N SER A 74 -15.60 -27.50 -2.01
CA SER A 74 -14.73 -27.14 -0.90
C SER A 74 -13.61 -26.21 -1.36
N GLU A 75 -13.12 -25.41 -0.43
CA GLU A 75 -12.05 -24.47 -0.76
C GLU A 75 -10.86 -25.18 -1.36
N SER A 76 -10.56 -26.40 -0.88
CA SER A 76 -9.41 -27.14 -1.39
C SER A 76 -9.66 -27.64 -2.80
N GLU A 77 -10.80 -28.32 -3.01
CA GLU A 77 -11.19 -28.71 -4.36
C GLU A 77 -11.23 -27.50 -5.27
N LEU A 78 -11.76 -26.38 -4.76
CA LEU A 78 -11.82 -25.16 -5.57
C LEU A 78 -10.43 -24.71 -5.97
N THR A 79 -9.49 -24.72 -5.04
CA THR A 79 -8.10 -24.37 -5.35
C THR A 79 -7.54 -25.28 -6.45
N LYS A 80 -7.68 -26.58 -6.27
CA LYS A 80 -7.15 -27.52 -7.24
C LYS A 80 -7.76 -27.26 -8.61
N ALA A 81 -9.06 -27.02 -8.66
CA ALA A 81 -9.70 -26.72 -9.93
C ALA A 81 -9.13 -25.43 -10.51
N ARG A 82 -8.97 -24.41 -9.70
CA ARG A 82 -8.45 -23.13 -10.18
C ARG A 82 -7.06 -23.29 -10.77
N ARG A 83 -6.32 -24.28 -10.33
CA ARG A 83 -5.05 -24.50 -11.02
C ARG A 83 -5.22 -24.95 -12.47
N GLN A 84 -6.46 -25.10 -12.96
CA GLN A 84 -6.73 -25.39 -14.36
C GLN A 84 -7.11 -24.15 -15.16
N ILE A 85 -7.29 -22.99 -14.51
CA ILE A 85 -7.88 -21.82 -15.14
C ILE A 85 -6.91 -20.66 -15.04
N GLY A 86 -6.57 -20.07 -16.18
CA GLY A 86 -5.75 -18.86 -16.21
C GLY A 86 -6.62 -17.62 -16.36
N MET A 87 -6.22 -16.55 -15.69
CA MET A 87 -6.93 -15.27 -15.79
C MET A 87 -5.95 -14.15 -16.10
N ILE A 88 -6.43 -13.17 -16.86
CA ILE A 88 -5.68 -11.97 -17.17
C ILE A 88 -6.51 -10.78 -16.69
N PHE A 89 -6.04 -10.11 -15.67
CA PHE A 89 -6.76 -8.98 -15.11
C PHE A 89 -6.59 -7.73 -15.97
N GLN A 90 -7.59 -6.86 -15.90
CA GLN A 90 -7.50 -5.58 -16.59
C GLN A 90 -6.25 -4.80 -16.18
N HIS A 91 -5.71 -5.07 -14.98
CA HIS A 91 -4.58 -4.32 -14.47
C HIS A 91 -3.43 -5.24 -14.06
N PHE A 92 -3.45 -6.49 -14.49
CA PHE A 92 -2.32 -7.41 -14.52
C PHE A 92 -1.89 -7.94 -13.17
N ASN A 93 -2.25 -7.26 -12.08
CA ASN A 93 -1.97 -7.71 -10.72
C ASN A 93 -0.65 -8.49 -10.63
N LEU A 94 0.46 -7.91 -11.03
CA LEU A 94 1.75 -8.58 -10.92
C LEU A 94 2.38 -8.38 -9.54
N LEU A 95 3.25 -9.31 -9.17
CA LEU A 95 4.02 -9.17 -7.94
C LEU A 95 5.22 -8.26 -8.18
N SER A 96 5.32 -7.20 -7.37
CA SER A 96 6.49 -6.34 -7.46
C SER A 96 7.73 -7.02 -6.87
N SER A 97 7.52 -7.94 -5.93
CA SER A 97 8.64 -8.62 -5.28
C SER A 97 9.36 -9.58 -6.21
N ARG A 98 8.77 -9.88 -7.38
CA ARG A 98 9.32 -10.87 -8.28
C ARG A 98 9.48 -10.25 -9.66
N THR A 99 10.54 -10.64 -10.34
CA THR A 99 10.80 -10.15 -11.68
C THR A 99 9.78 -10.73 -12.64
N VAL A 100 9.91 -10.35 -13.91
CA VAL A 100 9.11 -10.97 -14.96
C VAL A 100 9.16 -12.49 -14.82
N PHE A 101 10.39 -13.03 -14.83
CA PHE A 101 10.56 -14.47 -14.75
C PHE A 101 9.83 -15.05 -13.53
N GLY A 102 9.96 -14.39 -12.39
CA GLY A 102 9.35 -14.93 -11.19
C GLY A 102 7.83 -14.94 -11.28
N ASN A 103 7.26 -13.82 -11.70
CA ASN A 103 5.81 -13.74 -11.88
C ASN A 103 5.34 -14.88 -12.78
N VAL A 104 6.05 -15.11 -13.89
CA VAL A 104 5.63 -16.13 -14.83
C VAL A 104 5.81 -17.52 -14.24
N ALA A 105 6.87 -17.72 -13.46
CA ALA A 105 7.15 -19.04 -12.91
C ALA A 105 6.16 -19.43 -11.84
N LEU A 106 5.57 -18.46 -11.15
CA LEU A 106 4.75 -18.75 -9.98
C LEU A 106 3.76 -19.89 -10.17
N PRO A 107 2.92 -19.91 -11.21
CA PRO A 107 1.96 -21.03 -11.33
C PRO A 107 2.64 -22.37 -11.47
N LEU A 108 3.76 -22.43 -12.18
CA LEU A 108 4.52 -23.67 -12.26
C LEU A 108 5.00 -24.10 -10.87
N GLU A 109 5.52 -23.15 -10.08
CA GLU A 109 5.91 -23.47 -8.72
C GLU A 109 4.75 -24.07 -7.95
N LEU A 110 3.55 -23.50 -8.11
CA LEU A 110 2.40 -24.02 -7.39
C LEU A 110 2.26 -25.53 -7.60
N ASP A 111 2.57 -26.00 -8.80
CA ASP A 111 2.57 -27.43 -9.10
C ASP A 111 3.89 -28.10 -8.76
N ASN A 112 4.78 -27.43 -8.03
CA ASN A 112 6.10 -27.97 -7.66
C ASN A 112 6.83 -28.55 -8.87
N THR A 113 6.64 -27.96 -10.05
CA THR A 113 7.28 -28.52 -11.23
C THR A 113 8.80 -28.43 -11.09
N PRO A 114 9.53 -29.31 -11.76
CA PRO A 114 10.99 -29.30 -11.61
C PRO A 114 11.59 -27.95 -11.98
N LYS A 115 12.72 -27.63 -11.34
CA LYS A 115 13.36 -26.33 -11.56
C LYS A 115 13.76 -26.16 -13.01
N ASP A 116 14.40 -27.18 -13.59
CA ASP A 116 14.81 -27.12 -14.98
C ASP A 116 13.61 -26.89 -15.90
N GLU A 117 12.53 -27.63 -15.65
CA GLU A 117 11.31 -27.44 -16.41
C GLU A 117 10.80 -26.02 -16.30
N VAL A 118 10.84 -25.45 -15.09
CA VAL A 118 10.38 -24.07 -14.91
C VAL A 118 11.23 -23.13 -15.77
N LYS A 119 12.55 -23.26 -15.68
CA LYS A 119 13.42 -22.42 -16.49
C LYS A 119 13.03 -22.50 -17.96
N ARG A 120 12.98 -23.73 -18.48
CA ARG A 120 12.70 -23.92 -19.90
C ARG A 120 11.36 -23.30 -20.28
N ARG A 121 10.29 -23.66 -19.57
CA ARG A 121 8.95 -23.23 -19.96
C ARG A 121 8.80 -21.72 -19.83
N VAL A 122 9.31 -21.14 -18.75
CA VAL A 122 9.22 -19.70 -18.57
C VAL A 122 9.99 -18.97 -19.68
N THR A 123 11.18 -19.47 -20.02
CA THR A 123 11.94 -18.87 -21.09
C THR A 123 11.18 -18.92 -22.40
N GLU A 124 10.59 -20.09 -22.71
CA GLU A 124 9.79 -20.22 -23.92
C GLU A 124 8.68 -19.17 -23.95
N LEU A 125 7.95 -19.06 -22.84
CA LEU A 125 6.83 -18.12 -22.81
C LEU A 125 7.32 -16.68 -23.03
N LEU A 126 8.41 -16.30 -22.37
CA LEU A 126 8.91 -14.94 -22.53
C LEU A 126 9.33 -14.68 -23.96
N SER A 127 9.99 -15.65 -24.59
CA SER A 127 10.32 -15.51 -26.00
C SER A 127 9.07 -15.30 -26.84
N LEU A 128 8.01 -16.06 -26.55
CA LEU A 128 6.80 -15.95 -27.34
C LEU A 128 6.16 -14.57 -27.22
N VAL A 129 6.15 -13.99 -26.02
CA VAL A 129 5.54 -12.68 -25.83
C VAL A 129 6.55 -11.58 -26.15
N GLY A 130 7.70 -11.97 -26.68
CA GLY A 130 8.71 -10.99 -27.03
C GLY A 130 9.39 -10.34 -25.86
N LEU A 131 9.15 -10.82 -24.64
CA LEU A 131 9.82 -10.31 -23.45
C LEU A 131 11.07 -11.10 -23.10
N GLY A 132 11.72 -11.73 -24.08
CA GLY A 132 12.90 -12.53 -23.80
C GLY A 132 13.96 -11.79 -23.02
N ASP A 133 14.24 -10.54 -23.39
CA ASP A 133 15.33 -9.79 -22.79
C ASP A 133 14.96 -9.17 -21.44
N LYS A 134 13.69 -9.21 -21.05
CA LYS A 134 13.21 -8.53 -19.85
C LYS A 134 12.99 -9.47 -18.68
N HIS A 135 13.43 -10.73 -18.78
CA HIS A 135 13.04 -11.73 -17.80
C HIS A 135 13.37 -11.30 -16.37
N ASP A 136 14.49 -10.58 -16.19
CA ASP A 136 15.02 -10.31 -14.87
C ASP A 136 14.75 -8.89 -14.38
N SER A 137 13.85 -8.15 -15.04
CA SER A 137 13.48 -6.83 -14.58
C SER A 137 12.17 -6.90 -13.80
N TYR A 138 11.89 -5.83 -13.05
CA TYR A 138 10.73 -5.83 -12.18
C TYR A 138 9.56 -5.07 -12.79
N PRO A 139 8.33 -5.44 -12.43
CA PRO A 139 7.16 -4.73 -12.96
C PRO A 139 7.18 -3.23 -12.76
N SER A 140 7.84 -2.75 -11.71
CA SER A 140 7.94 -1.31 -11.50
C SER A 140 8.75 -0.62 -12.59
N ASN A 141 9.45 -1.38 -13.43
CA ASN A 141 10.30 -0.82 -14.47
C ASN A 141 9.78 -1.02 -15.88
N LEU A 142 8.51 -1.39 -16.04
CA LEU A 142 8.00 -1.87 -17.31
C LEU A 142 6.89 -0.96 -17.85
N SER A 143 6.89 -0.78 -19.17
CA SER A 143 5.79 -0.07 -19.82
C SER A 143 4.52 -0.91 -19.74
N GLY A 144 3.39 -0.24 -19.97
CA GLY A 144 2.10 -0.92 -19.84
C GLY A 144 2.03 -2.19 -20.66
N GLY A 145 2.32 -2.09 -21.96
CA GLY A 145 2.29 -3.27 -22.81
C GLY A 145 3.15 -4.40 -22.28
N GLN A 146 4.34 -4.06 -21.79
CA GLN A 146 5.23 -5.09 -21.27
C GLN A 146 4.60 -5.83 -20.10
N LYS A 147 4.02 -5.10 -19.16
CA LYS A 147 3.40 -5.73 -18.01
C LYS A 147 2.18 -6.55 -18.41
N GLN A 148 1.41 -6.06 -19.38
CA GLN A 148 0.28 -6.83 -19.87
C GLN A 148 0.76 -8.16 -20.45
N ARG A 149 1.84 -8.13 -21.20
CA ARG A 149 2.37 -9.37 -21.76
C ARG A 149 2.90 -10.29 -20.66
N VAL A 150 3.49 -9.72 -19.61
CA VAL A 150 3.85 -10.51 -18.45
C VAL A 150 2.63 -11.25 -17.92
N ALA A 151 1.53 -10.53 -17.72
CA ALA A 151 0.31 -11.14 -17.20
C ALA A 151 -0.17 -12.25 -18.11
N ILE A 152 -0.13 -12.01 -19.43
CA ILE A 152 -0.53 -13.04 -20.39
C ILE A 152 0.30 -14.30 -20.17
N ALA A 153 1.62 -14.14 -20.19
CA ALA A 153 2.50 -15.30 -20.03
C ALA A 153 2.19 -16.05 -18.76
N ARG A 154 1.98 -15.33 -17.65
CA ARG A 154 1.65 -16.01 -16.41
C ARG A 154 0.35 -16.79 -16.55
N ALA A 155 -0.66 -16.17 -17.15
CA ALA A 155 -1.92 -16.87 -17.39
C ALA A 155 -1.68 -18.20 -18.08
N LEU A 156 -0.79 -18.21 -19.08
CA LEU A 156 -0.55 -19.42 -19.85
C LEU A 156 0.47 -20.36 -19.23
N ALA A 157 1.11 -19.99 -18.12
CA ALA A 157 2.21 -20.78 -17.58
C ALA A 157 1.83 -22.24 -17.42
N SER A 158 0.73 -22.51 -16.73
CA SER A 158 0.38 -23.87 -16.34
C SER A 158 -0.38 -24.64 -17.41
N ASN A 159 -0.41 -24.14 -18.65
CA ASN A 159 -1.14 -24.77 -19.74
C ASN A 159 -2.58 -25.09 -19.31
N PRO A 160 -3.35 -24.09 -18.91
CA PRO A 160 -4.72 -24.35 -18.43
C PRO A 160 -5.65 -24.70 -19.58
N LYS A 161 -6.75 -25.36 -19.23
CA LYS A 161 -7.79 -25.67 -20.21
C LYS A 161 -8.64 -24.45 -20.52
N VAL A 162 -8.63 -23.43 -19.68
CA VAL A 162 -9.51 -22.28 -19.82
C VAL A 162 -8.71 -21.00 -19.57
N LEU A 163 -9.00 -19.98 -20.38
CA LEU A 163 -8.43 -18.65 -20.22
C LEU A 163 -9.54 -17.63 -20.09
N LEU A 164 -9.38 -16.71 -19.13
CA LEU A 164 -10.31 -15.61 -18.91
C LEU A 164 -9.54 -14.30 -19.15
N CYS A 165 -9.75 -13.70 -20.32
CA CYS A 165 -9.10 -12.44 -20.66
C CYS A 165 -9.93 -11.26 -20.18
N ASP A 166 -9.39 -10.52 -19.23
C ASP A 166 -9.91 -7.96 -20.42
N GLN A 167 -10.01 -7.67 -21.72
CA GLN A 167 -9.23 -6.61 -22.35
C GLN A 167 -7.74 -6.89 -22.23
N ALA A 168 -7.35 -8.11 -22.62
CA ALA A 168 -5.96 -8.54 -22.46
C ALA A 168 -5.04 -7.90 -23.48
N THR A 169 -5.56 -7.11 -24.42
CA THR A 169 -4.75 -6.49 -25.45
C THR A 169 -4.97 -4.98 -25.53
N SER A 170 -5.44 -4.35 -24.45
CA SER A 170 -5.76 -2.93 -24.49
C SER A 170 -4.51 -2.06 -24.45
N ALA A 171 -3.41 -2.53 -23.88
CA ALA A 171 -2.18 -1.77 -23.77
C ALA A 171 -1.13 -2.15 -24.80
N LEU A 172 -1.53 -2.76 -25.91
CA LEU A 172 -0.60 -3.25 -26.91
C LEU A 172 -0.87 -2.65 -28.28
N ASP A 173 0.18 -2.14 -28.92
CA ASP A 173 0.10 -1.61 -30.26
C ASP A 173 -0.43 -2.67 -31.24
N PRO A 174 -0.96 -2.22 -32.39
CA PRO A 174 -1.57 -3.15 -33.34
C PRO A 174 -0.68 -4.33 -33.72
N ALA A 175 0.62 -4.11 -33.94
CA ALA A 175 1.49 -5.19 -34.35
C ALA A 175 1.65 -6.23 -33.24
N THR A 176 2.05 -5.77 -32.05
CA THR A 176 2.12 -6.67 -30.90
C THR A 176 0.77 -7.33 -30.66
N THR A 177 -0.31 -6.56 -30.80
CA THR A 177 -1.65 -7.11 -30.66
C THR A 177 -1.86 -8.30 -31.59
N ARG A 178 -1.52 -8.12 -32.87
CA ARG A 178 -1.71 -9.20 -33.83
C ARG A 178 -0.85 -10.40 -33.48
N SER A 179 0.40 -10.16 -33.09
CA SER A 179 1.26 -11.27 -32.71
C SER A 179 0.61 -12.09 -31.60
N ILE A 180 0.13 -11.41 -30.56
CA ILE A 180 -0.44 -12.09 -29.41
C ILE A 180 -1.67 -12.90 -29.83
N LEU A 181 -2.54 -12.29 -30.62
CA LEU A 181 -3.76 -12.99 -31.01
C LEU A 181 -3.45 -14.19 -31.89
N GLU A 182 -2.46 -14.05 -32.78
CA GLU A 182 -2.01 -15.21 -33.55
C GLU A 182 -1.59 -16.33 -32.62
N LEU A 183 -0.83 -16.00 -31.58
CA LEU A 183 -0.41 -17.04 -30.64
C LEU A 183 -1.62 -17.71 -29.99
N LEU A 184 -2.59 -16.91 -29.51
CA LEU A 184 -3.75 -17.52 -28.88
C LEU A 184 -4.48 -18.44 -29.84
N LYS A 185 -4.65 -18.00 -31.09
CA LYS A 185 -5.33 -18.83 -32.09
C LYS A 185 -4.58 -20.13 -32.29
N ASP A 186 -3.25 -20.05 -32.39
CA ASP A 186 -2.45 -21.26 -32.55
C ASP A 186 -2.68 -22.22 -31.39
N ILE A 187 -2.65 -21.71 -30.16
CA ILE A 187 -2.85 -22.58 -29.01
C ILE A 187 -4.26 -23.16 -29.04
N ASN A 188 -5.26 -22.35 -29.37
CA ASN A 188 -6.63 -22.81 -29.41
C ASN A 188 -6.79 -23.97 -30.37
N ARG A 189 -6.18 -23.87 -31.55
CA ARG A 189 -6.36 -24.92 -32.55
C ARG A 189 -5.38 -26.08 -32.36
N ARG A 190 -4.34 -25.91 -31.55
CA ARG A 190 -3.38 -26.98 -31.29
C ARG A 190 -3.76 -27.80 -30.08
N LEU A 191 -3.91 -27.14 -28.93
CA LEU A 191 -4.20 -27.80 -27.66
C LEU A 191 -5.64 -27.61 -27.22
N GLY A 192 -6.53 -27.25 -28.15
CA GLY A 192 -7.95 -27.13 -27.81
C GLY A 192 -8.22 -26.26 -26.61
N LEU A 193 -7.55 -25.10 -26.53
CA LEU A 193 -7.74 -24.19 -25.42
C LEU A 193 -9.07 -23.46 -25.55
N THR A 194 -9.84 -23.44 -24.46
CA THR A 194 -11.07 -22.65 -24.39
C THR A 194 -10.77 -21.27 -23.85
N ILE A 195 -11.39 -20.25 -24.45
CA ILE A 195 -11.11 -18.86 -24.11
C ILE A 195 -12.42 -18.10 -23.99
N LEU A 196 -12.54 -17.29 -22.94
CA LEU A 196 -13.59 -16.30 -22.79
C LEU A 196 -12.93 -14.97 -22.53
N LEU A 197 -13.34 -13.93 -23.27
CA LEU A 197 -12.60 -12.68 -23.28
C LEU A 197 -13.55 -11.50 -23.29
N ILE A 198 -13.19 -10.45 -22.57
CA ILE A 198 -13.88 -9.17 -22.61
C ILE A 198 -13.09 -8.22 -23.49
N THR A 199 -13.79 -7.40 -24.26
CA THR A 199 -13.12 -6.41 -25.08
C THR A 199 -14.09 -5.30 -25.45
N HIS A 200 -13.54 -4.11 -25.63
CA HIS A 200 -14.23 -3.00 -26.27
C HIS A 200 -13.75 -2.76 -27.69
N GLU A 201 -12.81 -3.57 -28.16
CA GLU A 201 -12.25 -3.44 -29.51
C GLU A 201 -12.92 -4.49 -30.40
N MET A 202 -14.03 -4.10 -31.02
CA MET A 202 -14.70 -5.02 -31.94
C MET A 202 -13.70 -5.65 -32.89
N ASP A 203 -12.70 -4.87 -33.29
CA ASP A 203 -11.58 -5.39 -34.08
C ASP A 203 -11.17 -6.78 -33.60
N VAL A 204 -10.83 -6.89 -32.32
CA VAL A 204 -10.48 -8.17 -31.75
C VAL A 204 -11.60 -9.19 -31.95
N VAL A 205 -12.83 -8.77 -31.65
CA VAL A 205 -13.98 -9.68 -31.70
C VAL A 205 -14.05 -10.37 -33.05
N LYS A 206 -14.21 -9.57 -34.11
CA LYS A 206 -14.26 -10.16 -35.44
C LYS A 206 -12.90 -10.61 -35.93
N ARG A 207 -11.85 -10.48 -35.11
CA ARG A 207 -10.58 -11.08 -35.49
C ARG A 207 -10.53 -12.56 -35.12
N ILE A 208 -10.90 -12.91 -33.88
CA ILE A 208 -10.79 -14.32 -33.49
C ILE A 208 -12.03 -14.91 -32.85
N CYS A 209 -12.97 -14.15 -32.29
CA CYS A 209 -14.07 -14.77 -31.59
C CYS A 209 -14.86 -15.71 -32.49
N ASP A 210 -15.10 -16.93 -32.01
CA ASP A 210 -15.99 -17.85 -32.72
C ASP A 210 -17.44 -17.47 -32.50
N CYS A 211 -17.82 -17.20 -31.26
CA CYS A 211 -19.16 -16.70 -30.96
C CYS A 211 -19.04 -15.46 -30.08
N VAL A 212 -20.10 -14.67 -30.03
CA VAL A 212 -20.08 -13.39 -29.34
C VAL A 212 -21.32 -13.24 -28.46
N ALA A 213 -21.18 -12.47 -27.39
CA ALA A 213 -22.25 -12.21 -26.44
C ALA A 213 -22.30 -10.73 -26.12
N VAL A 214 -23.51 -10.21 -25.93
CA VAL A 214 -23.74 -8.78 -25.75
C VAL A 214 -24.52 -8.58 -24.45
N ILE A 215 -24.15 -7.54 -23.70
CA ILE A 215 -24.66 -7.34 -22.35
C ILE A 215 -25.11 -5.90 -22.18
N SER A 216 -26.29 -5.73 -21.57
CA SER A 216 -26.82 -4.41 -21.20
C SER A 216 -27.50 -4.52 -19.85
N ASN A 217 -27.17 -3.61 -18.95
CA ASN A 217 -27.75 -3.56 -17.61
C ASN A 217 -27.81 -4.95 -16.98
N GLY A 218 -26.64 -5.57 -16.86
CA GLY A 218 -26.54 -6.84 -16.20
C GLY A 218 -27.33 -7.96 -16.84
N GLU A 219 -27.69 -7.81 -18.12
CA GLU A 219 -28.51 -8.80 -18.81
C GLU A 219 -27.89 -9.16 -20.16
N LEU A 220 -27.90 -10.45 -20.48
CA LEU A 220 -27.32 -10.95 -21.73
C LEU A 220 -28.33 -10.74 -22.84
N ILE A 221 -28.18 -9.61 -23.53
CA ILE A 221 -29.13 -9.24 -24.58
C ILE A 221 -29.22 -10.33 -25.64
N GLU A 222 -28.09 -10.67 -26.26
CA GLU A 222 -28.10 -11.71 -27.28
C GLU A 222 -26.69 -12.26 -27.48
N GLN A 223 -26.64 -13.50 -27.94
CA GLN A 223 -25.40 -14.14 -28.34
C GLN A 223 -25.59 -14.78 -29.71
N ASP A 224 -24.57 -14.71 -30.54
CA ASP A 224 -24.63 -15.26 -31.89
C ASP A 224 -23.21 -15.27 -32.44
N THR A 225 -23.08 -15.74 -33.67
CA THR A 225 -21.80 -15.64 -34.36
C THR A 225 -21.47 -14.17 -34.62
N VAL A 226 -20.17 -13.90 -34.75
CA VAL A 226 -19.67 -12.55 -34.97
C VAL A 226 -20.52 -11.85 -36.01
N SER A 227 -20.69 -12.47 -37.18
CA SER A 227 -21.45 -11.86 -38.25
C SER A 227 -22.87 -11.55 -37.82
N GLU A 228 -23.60 -12.57 -37.39
CA GLU A 228 -25.01 -12.39 -37.05
C GLU A 228 -25.20 -11.27 -36.05
N VAL A 229 -24.23 -11.06 -35.16
CA VAL A 229 -24.34 -9.96 -34.21
C VAL A 229 -24.06 -8.63 -34.90
N PHE A 230 -22.94 -8.55 -35.62
CA PHE A 230 -22.60 -7.32 -36.33
C PHE A 230 -23.41 -7.14 -37.61
N SER A 231 -24.29 -8.09 -37.93
CA SER A 231 -25.05 -8.04 -39.18
C SER A 231 -26.48 -8.41 -38.85
N HIS A 232 -27.41 -7.51 -39.16
CA HIS A 232 -28.81 -7.58 -38.76
C HIS A 232 -28.97 -8.18 -37.36
N PRO A 233 -28.41 -7.54 -36.34
CA PRO A 233 -28.73 -7.93 -34.97
C PRO A 233 -30.19 -7.65 -34.63
N LYS A 234 -30.66 -8.33 -33.60
CA LYS A 234 -32.02 -8.21 -33.10
C LYS A 234 -32.03 -7.27 -31.89
N THR A 235 -33.13 -7.26 -31.15
CA THR A 235 -33.15 -6.62 -29.84
C THR A 235 -32.73 -5.16 -29.88
N PRO A 236 -33.68 -4.23 -30.14
CA PRO A 236 -33.32 -2.82 -30.29
C PRO A 236 -32.13 -2.36 -29.46
N LEU A 237 -32.00 -2.83 -28.22
CA LEU A 237 -30.79 -2.53 -27.45
C LEU A 237 -29.54 -3.00 -28.18
N ALA A 238 -29.54 -4.28 -28.60
CA ALA A 238 -28.36 -4.83 -29.24
C ALA A 238 -28.05 -4.13 -30.55
N GLN A 239 -29.05 -3.99 -31.41
CA GLN A 239 -28.80 -3.34 -32.69
C GLN A 239 -28.41 -1.88 -32.49
N LYS A 240 -28.94 -1.22 -31.46
CA LYS A 240 -28.50 0.13 -31.12
C LYS A 240 -27.02 0.14 -30.79
N PHE A 241 -26.59 -0.78 -29.92
CA PHE A 241 -25.17 -0.88 -29.60
C PHE A 241 -24.35 -1.10 -30.86
N ILE A 242 -24.77 -2.04 -31.71
CA ILE A 242 -24.01 -2.35 -32.92
C ILE A 242 -23.91 -1.11 -33.79
N GLN A 243 -25.03 -0.39 -33.96
CA GLN A 243 -24.98 0.87 -34.66
C GLN A 243 -23.92 1.78 -34.06
N SER A 244 -23.85 1.83 -32.73
CA SER A 244 -22.81 2.62 -32.08
C SER A 244 -21.43 2.19 -32.51
N THR A 245 -21.23 0.90 -32.75
CA THR A 245 -19.92 0.39 -33.13
C THR A 245 -19.57 0.68 -34.58
N LEU A 246 -20.51 1.19 -35.36
CA LEU A 246 -20.23 1.53 -36.75
C LEU A 246 -19.65 2.94 -36.86
N HIS A 247 -18.92 3.17 -37.95
CA HIS A 247 -18.22 4.43 -38.18
C HIS A 247 -19.13 5.37 -38.97
N LEU A 248 -19.92 6.17 -38.25
CA LEU A 248 -20.78 7.18 -38.87
C LEU A 248 -20.08 8.55 -38.75
N ASP A 249 -19.05 8.72 -39.57
CA ASP A 249 -18.08 9.80 -39.35
C ASP A 249 -18.52 11.12 -39.98
N ILE A 250 -18.93 11.11 -41.25
CA ILE A 250 -19.31 12.34 -41.94
C ILE A 250 -18.25 13.41 -41.72
N PRO A 251 -17.09 13.31 -42.35
CA PRO A 251 -16.00 14.26 -42.08
C PRO A 251 -16.47 15.71 -42.13
N GLU A 252 -15.90 16.52 -41.23
CA GLU A 252 -16.31 17.92 -41.12
C GLU A 252 -16.28 18.63 -42.46
N ASP A 253 -15.38 18.23 -43.35
CA ASP A 253 -15.32 18.83 -44.69
C ASP A 253 -16.65 18.71 -45.40
N TYR A 254 -17.21 17.50 -45.41
CA TYR A 254 -18.49 17.29 -46.09
C TYR A 254 -19.64 17.89 -45.29
N GLN A 255 -19.57 17.85 -43.96
CA GLN A 255 -20.58 18.52 -43.15
C GLN A 255 -20.72 19.98 -43.56
N GLU A 256 -19.60 20.65 -43.74
CA GLU A 256 -19.62 22.06 -44.13
C GLU A 256 -20.33 22.25 -45.48
N ARG A 257 -20.01 21.41 -46.45
CA ARG A 257 -20.50 21.58 -47.82
C ARG A 257 -21.83 20.89 -48.05
N LEU A 258 -22.44 20.31 -47.02
CA LEU A 258 -23.64 19.52 -47.22
C LEU A 258 -24.86 20.42 -47.34
N GLN A 259 -25.73 20.08 -48.29
CA GLN A 259 -26.95 20.82 -48.56
C GLN A 259 -28.11 19.84 -48.51
N ALA A 260 -29.07 20.09 -47.64
CA ALA A 260 -30.25 19.23 -47.56
C ALA A 260 -30.99 19.19 -48.88
N GLU A 261 -30.86 20.22 -49.71
CA GLU A 261 -31.61 20.29 -50.96
C GLU A 261 -30.73 19.93 -52.16
N PRO A 262 -31.25 19.16 -53.11
CA PRO A 262 -30.48 18.93 -54.35
C PRO A 262 -30.49 20.18 -55.22
N PHE A 263 -29.32 20.52 -55.73
CA PHE A 263 -29.18 21.61 -56.69
C PHE A 263 -28.65 21.04 -57.99
N THR A 264 -28.67 21.87 -59.03
CA THR A 264 -28.20 21.41 -60.32
C THR A 264 -26.74 20.99 -60.22
N ASP A 265 -26.42 19.91 -60.95
CA ASP A 265 -25.06 19.37 -60.97
C ASP A 265 -24.60 18.97 -59.58
N CYS A 266 -25.54 18.57 -58.73
CA CYS A 266 -25.18 18.10 -57.41
C CYS A 266 -24.71 16.65 -57.47
N VAL A 267 -23.94 16.25 -56.48
CA VAL A 267 -23.46 14.87 -56.36
C VAL A 267 -24.00 14.32 -55.05
N PRO A 268 -24.95 13.39 -55.08
CA PRO A 268 -25.49 12.85 -53.83
C PRO A 268 -24.40 12.21 -52.97
N MET A 269 -24.49 12.44 -51.67
CA MET A 269 -23.67 11.79 -50.67
C MET A 269 -24.53 10.77 -49.93
N LEU A 270 -24.04 9.54 -49.83
CA LEU A 270 -24.90 8.46 -49.35
C LEU A 270 -24.14 7.47 -48.47
N ARG A 271 -24.80 7.05 -47.39
CA ARG A 271 -24.33 5.99 -46.50
C ARG A 271 -24.98 4.67 -46.89
N LEU A 272 -24.17 3.63 -46.95
CA LEU A 272 -24.61 2.28 -47.29
C LEU A 272 -24.35 1.36 -46.10
N GLU A 273 -25.25 0.43 -45.86
CA GLU A 273 -25.08 -0.58 -44.82
C GLU A 273 -25.32 -1.94 -45.43
N PHE A 274 -24.34 -2.82 -45.32
CA PHE A 274 -24.41 -4.19 -45.79
C PHE A 274 -24.63 -5.09 -44.59
N THR A 275 -25.74 -5.83 -44.60
CA THR A 275 -26.13 -6.71 -43.50
C THR A 275 -26.33 -8.10 -44.11
N GLY A 276 -25.27 -8.91 -44.03
CA GLY A 276 -25.32 -10.24 -44.59
C GLY A 276 -25.59 -10.22 -46.08
N GLN A 277 -24.70 -9.57 -46.83
CA GLN A 277 -24.81 -9.50 -48.27
C GLN A 277 -23.85 -10.50 -48.91
N SER A 278 -24.21 -10.94 -50.10
CA SER A 278 -23.40 -11.94 -50.80
C SER A 278 -22.06 -11.35 -51.20
N VAL A 279 -20.98 -11.90 -50.63
CA VAL A 279 -19.64 -11.39 -50.93
C VAL A 279 -19.38 -11.46 -52.44
N ASP A 280 -19.66 -12.61 -53.05
CA ASP A 280 -19.43 -12.76 -54.48
C ASP A 280 -20.24 -11.77 -55.29
N ALA A 281 -21.45 -11.43 -54.83
CA ALA A 281 -22.36 -10.58 -55.58
C ALA A 281 -21.73 -9.22 -55.86
N PRO A 282 -21.36 -8.91 -57.12
CA PRO A 282 -20.85 -7.56 -57.43
C PRO A 282 -22.00 -6.59 -57.63
N LEU A 283 -22.11 -5.62 -56.74
CA LEU A 283 -23.22 -4.67 -56.74
C LEU A 283 -22.82 -3.28 -57.21
N LEU A 284 -21.66 -2.77 -56.80
CA LEU A 284 -21.25 -1.43 -57.16
C LEU A 284 -20.54 -1.36 -58.50
N SER A 285 -19.67 -2.33 -58.80
CA SER A 285 -19.16 -2.46 -60.16
C SER A 285 -20.32 -2.67 -61.13
N GLU A 286 -21.25 -3.55 -60.78
CA GLU A 286 -22.42 -3.77 -61.62
C GLU A 286 -23.23 -2.50 -61.77
N THR A 287 -23.41 -1.74 -60.68
CA THR A 287 -24.14 -0.48 -60.76
C THR A 287 -23.46 0.49 -61.71
N ALA A 288 -22.14 0.62 -61.59
CA ALA A 288 -21.41 1.51 -62.48
C ALA A 288 -21.58 1.10 -63.93
N ARG A 289 -21.49 -0.20 -64.22
CA ARG A 289 -21.65 -0.66 -65.60
C ARG A 289 -23.07 -0.41 -66.10
N ARG A 290 -24.07 -0.61 -65.24
CA ARG A 290 -25.46 -0.55 -65.67
C ARG A 290 -25.90 0.91 -65.85
N PHE A 291 -25.87 1.69 -64.78
CA PHE A 291 -26.43 3.04 -64.80
C PHE A 291 -25.40 4.10 -65.16
N ASN A 292 -24.16 3.71 -65.46
CA ASN A 292 -23.08 4.66 -65.72
C ASN A 292 -23.03 5.75 -64.66
N VAL A 293 -23.14 5.33 -63.41
CA VAL A 293 -22.89 6.21 -62.28
C VAL A 293 -21.49 5.91 -61.78
N ASN A 294 -20.96 6.81 -60.97
CA ASN A 294 -19.60 6.68 -60.45
C ASN A 294 -19.66 6.75 -58.93
N ASN A 295 -19.20 5.69 -58.28
CA ASN A 295 -19.29 5.55 -56.84
C ASN A 295 -17.90 5.74 -56.27
N ALA A 296 -17.65 6.93 -55.74
CA ALA A 296 -16.35 7.27 -55.17
C ALA A 296 -16.39 6.94 -53.68
N ILE A 297 -15.71 5.86 -53.29
CA ILE A 297 -15.73 5.44 -51.89
C ILE A 297 -15.01 6.49 -51.05
N ILE A 298 -15.77 7.18 -50.21
CA ILE A 298 -15.17 8.08 -49.22
C ILE A 298 -14.58 7.27 -48.07
N SER A 299 -15.40 6.44 -47.43
CA SER A 299 -14.96 5.62 -46.30
C SER A 299 -15.58 4.24 -46.39
N ALA A 300 -14.93 3.27 -45.75
CA ALA A 300 -15.42 1.90 -45.78
C ALA A 300 -15.00 1.12 -44.54
N GLN A 301 -15.98 0.48 -43.92
CA GLN A 301 -15.75 -0.61 -42.96
C GLN A 301 -16.50 -1.82 -43.51
N MET A 302 -15.76 -2.77 -44.06
CA MET A 302 -16.35 -3.98 -44.62
C MET A 302 -15.58 -5.17 -44.08
N ASP A 303 -16.30 -6.13 -43.52
CA ASP A 303 -15.71 -7.31 -42.93
C ASP A 303 -16.43 -8.54 -43.47
N TYR A 304 -15.68 -9.64 -43.54
CA TYR A 304 -16.19 -10.89 -44.11
C TYR A 304 -16.22 -11.95 -43.03
N ALA A 305 -17.34 -12.66 -42.96
CA ALA A 305 -17.47 -13.79 -42.05
C ALA A 305 -18.61 -14.66 -42.56
N GLY A 306 -18.47 -15.97 -42.34
CA GLY A 306 -19.47 -16.91 -42.79
C GLY A 306 -19.95 -16.62 -44.20
N GLY A 307 -19.00 -16.43 -45.12
CA GLY A 307 -19.35 -16.30 -46.51
C GLY A 307 -20.07 -15.03 -46.89
N VAL A 308 -20.18 -14.06 -45.98
CA VAL A 308 -20.91 -12.84 -46.27
C VAL A 308 -20.07 -11.64 -45.84
N LYS A 309 -20.41 -10.49 -46.41
CA LYS A 309 -19.69 -9.24 -46.17
C LYS A 309 -20.67 -8.21 -45.62
N PHE A 310 -20.28 -7.56 -44.54
CA PHE A 310 -21.15 -6.62 -43.84
C PHE A 310 -20.33 -5.40 -43.42
N GLY A 311 -21.06 -4.33 -43.10
CA GLY A 311 -20.44 -3.09 -42.69
C GLY A 311 -20.97 -1.92 -43.52
N ILE A 312 -20.54 -0.73 -43.11
CA ILE A 312 -21.03 0.49 -43.74
C ILE A 312 -19.99 1.00 -44.72
N MET A 313 -20.46 1.83 -45.66
CA MET A 313 -19.63 2.41 -46.71
C MET A 313 -20.20 3.77 -47.07
N LEU A 314 -19.41 4.82 -46.89
CA LEU A 314 -19.80 6.18 -47.23
C LEU A 314 -19.23 6.55 -48.60
N THR A 315 -20.10 7.01 -49.51
CA THR A 315 -19.69 7.24 -50.89
C THR A 315 -20.37 8.44 -51.51
N GLU A 316 -19.80 8.86 -52.64
CA GLU A 316 -20.42 9.83 -53.55
C GLU A 316 -21.04 9.06 -54.70
N MET A 317 -22.27 9.41 -55.05
CA MET A 317 -22.92 8.88 -56.24
C MET A 317 -22.78 9.93 -57.33
N HIS A 318 -21.93 9.65 -58.32
CA HIS A 318 -21.63 10.61 -59.38
C HIS A 318 -22.48 10.30 -60.60
N GLY A 319 -22.99 11.35 -61.23
CA GLY A 319 -23.79 11.21 -62.43
C GLY A 319 -24.99 12.14 -62.43
N THR A 320 -26.07 11.71 -63.07
CA THR A 320 -27.29 12.49 -63.15
C THR A 320 -28.24 12.11 -62.04
N GLN A 321 -28.92 13.12 -61.47
CA GLN A 321 -29.81 12.88 -60.35
C GLN A 321 -30.73 11.68 -60.60
N GLN A 322 -31.25 11.55 -61.82
CA GLN A 322 -32.10 10.43 -62.15
C GLN A 322 -31.31 9.12 -62.13
N ASP A 323 -30.15 9.09 -62.79
CA ASP A 323 -29.30 7.90 -62.75
C ASP A 323 -28.96 7.54 -61.30
N THR A 324 -28.64 8.55 -60.49
CA THR A 324 -28.31 8.30 -59.09
C THR A 324 -29.47 7.64 -58.35
N GLN A 325 -30.69 8.17 -58.54
CA GLN A 325 -31.85 7.62 -57.84
C GLN A 325 -32.17 6.21 -58.33
N ALA A 326 -32.00 5.95 -59.63
CA ALA A 326 -32.22 4.60 -60.14
C ALA A 326 -31.21 3.62 -59.54
N ALA A 327 -29.94 4.02 -59.50
CA ALA A 327 -28.92 3.16 -58.90
C ALA A 327 -29.24 2.89 -57.43
N ILE A 328 -29.68 3.92 -56.70
CA ILE A 328 -30.06 3.73 -55.31
C ILE A 328 -31.20 2.72 -55.20
N ALA A 329 -32.21 2.87 -56.06
CA ALA A 329 -33.32 1.94 -56.04
C ALA A 329 -32.84 0.51 -56.27
N TRP A 330 -31.98 0.32 -57.26
CA TRP A 330 -31.47 -1.01 -57.56
C TRP A 330 -30.72 -1.59 -56.37
N LEU A 331 -29.84 -0.79 -55.77
CA LEU A 331 -29.07 -1.27 -54.63
C LEU A 331 -29.99 -1.64 -53.47
N GLN A 332 -31.04 -0.86 -53.24
CA GLN A 332 -32.01 -1.21 -52.21
C GLN A 332 -32.71 -2.51 -52.54
N GLU A 333 -33.05 -2.72 -53.82
CA GLU A 333 -33.63 -4.00 -54.23
C GLU A 333 -32.79 -5.16 -53.71
N HIS A 334 -31.47 -5.03 -53.80
CA HIS A 334 -30.54 -6.09 -53.42
C HIS A 334 -30.11 -6.02 -51.96
N HIS A 335 -30.98 -5.48 -51.10
CA HIS A 335 -30.83 -5.60 -49.66
C HIS A 335 -29.66 -4.79 -49.12
N VAL A 336 -29.30 -3.72 -49.81
CA VAL A 336 -28.34 -2.74 -49.31
C VAL A 336 -29.12 -1.62 -48.67
N LYS A 337 -28.94 -1.42 -47.37
CA LYS A 337 -29.66 -0.38 -46.65
C LYS A 337 -29.02 0.96 -46.98
N VAL A 338 -29.70 1.78 -47.79
CA VAL A 338 -29.15 3.03 -48.29
C VAL A 338 -29.85 4.20 -47.61
N GLU A 339 -29.06 5.19 -47.18
CA GLU A 339 -29.60 6.44 -46.65
C GLU A 339 -28.87 7.60 -47.30
N VAL A 340 -29.63 8.48 -47.96
CA VAL A 340 -29.06 9.67 -48.59
C VAL A 340 -28.94 10.78 -47.55
N LEU A 341 -27.73 11.33 -47.38
CA LEU A 341 -27.49 12.31 -46.34
C LEU A 341 -27.62 13.75 -46.82
N GLY A 342 -27.40 14.01 -48.11
CA GLY A 342 -27.49 15.36 -48.62
C GLY A 342 -26.95 15.43 -50.04
N TYR A 343 -26.64 16.65 -50.47
CA TYR A 343 -26.14 16.89 -51.82
C TYR A 343 -24.95 17.84 -51.74
N VAL A 344 -23.83 17.40 -52.30
CA VAL A 344 -22.63 18.21 -52.37
C VAL A 344 -22.33 18.51 -53.83
N MET B 1 35.87 7.67 34.62
CA MET B 1 35.76 6.42 33.81
C MET B 1 36.95 5.52 34.11
N SER B 2 36.86 4.78 35.22
CA SER B 2 37.92 3.87 35.60
C SER B 2 37.89 2.64 34.68
N GLU B 3 38.96 1.87 34.75
CA GLU B 3 39.00 0.61 34.00
C GLU B 3 37.89 -0.34 34.43
N PRO B 4 37.59 -0.52 35.72
CA PRO B 4 36.40 -1.30 36.07
C PRO B 4 35.13 -0.75 35.45
N MET B 5 34.97 0.57 35.42
CA MET B 5 33.80 1.16 34.78
C MET B 5 33.83 0.92 33.27
N MET B 6 35.01 0.94 32.67
CA MET B 6 35.13 0.58 31.26
C MET B 6 34.56 -0.81 31.03
N TRP B 7 35.00 -1.79 31.82
CA TRP B 7 34.52 -3.15 31.66
C TRP B 7 33.01 -3.24 31.92
N LEU B 8 32.53 -2.51 32.92
CA LEU B 8 31.10 -2.54 33.22
C LEU B 8 30.28 -2.00 32.06
N LEU B 9 30.74 -0.92 31.43
CA LEU B 9 30.07 -0.40 30.25
C LEU B 9 30.12 -1.42 29.12
N VAL B 10 31.25 -2.10 28.94
CA VAL B 10 31.33 -3.15 27.94
C VAL B 10 30.24 -4.18 28.17
N ARG B 11 30.12 -4.67 29.40
CA ARG B 11 29.13 -5.70 29.69
C ARG B 11 27.72 -5.16 29.54
N GLY B 12 27.49 -3.89 29.91
CA GLY B 12 26.19 -3.30 29.70
C GLY B 12 25.84 -3.24 28.22
N VAL B 13 26.81 -2.87 27.39
CA VAL B 13 26.62 -2.92 25.95
C VAL B 13 26.22 -4.32 25.52
N TRP B 14 26.99 -5.32 25.97
CA TRP B 14 26.71 -6.69 25.58
C TRP B 14 25.32 -7.12 26.02
N GLU B 15 24.92 -6.75 27.24
CA GLU B 15 23.60 -7.10 27.73
C GLU B 15 22.52 -6.44 26.88
N THR B 16 22.61 -5.12 26.72
CA THR B 16 21.65 -4.42 25.89
C THR B 16 21.56 -5.06 24.52
N LEU B 17 22.70 -5.45 23.96
CA LEU B 17 22.74 -5.97 22.60
C LEU B 17 22.09 -7.34 22.52
N ALA B 18 22.58 -8.28 23.33
CA ALA B 18 21.99 -9.61 23.36
C ALA B 18 20.50 -9.52 23.65
N MET B 19 20.14 -8.83 24.72
CA MET B 19 18.73 -8.68 25.06
C MET B 19 17.95 -8.20 23.85
N THR B 20 18.30 -7.02 23.34
CA THR B 20 17.54 -6.41 22.26
C THR B 20 17.38 -7.36 21.10
N PHE B 21 18.51 -7.83 20.55
CA PHE B 21 18.43 -8.54 19.27
C PHE B 21 17.88 -9.95 19.45
N VAL B 22 18.33 -10.69 20.46
CA VAL B 22 17.78 -12.02 20.69
C VAL B 22 16.28 -11.93 20.96
N SER B 23 15.89 -11.00 21.82
CA SER B 23 14.49 -10.86 22.17
C SER B 23 13.66 -10.50 20.95
N GLY B 24 14.14 -9.56 20.12
CA GLY B 24 13.42 -9.24 18.92
C GLY B 24 13.31 -10.41 17.97
N PHE B 25 14.41 -11.14 17.80
CA PHE B 25 14.42 -12.31 16.92
C PHE B 25 13.32 -13.28 17.31
N PHE B 26 13.32 -13.71 18.57
CA PHE B 26 12.35 -14.73 18.96
C PHE B 26 10.95 -14.15 19.07
N GLY B 27 10.81 -12.89 19.48
CA GLY B 27 9.51 -12.25 19.45
C GLY B 27 8.91 -12.26 18.07
N PHE B 28 9.74 -12.11 17.04
CA PHE B 28 9.24 -12.22 15.68
C PHE B 28 8.93 -13.67 15.33
N VAL B 29 9.84 -14.58 15.64
CA VAL B 29 9.62 -16.01 15.46
C VAL B 29 8.19 -16.32 15.88
N ILE B 30 7.76 -15.73 16.99
CA ILE B 30 6.42 -15.97 17.51
C ILE B 30 5.38 -15.13 16.78
N GLY B 31 5.49 -13.81 16.90
CA GLY B 31 4.40 -12.94 16.48
C GLY B 31 4.14 -12.95 14.98
N LEU B 32 5.15 -13.28 14.17
CA LEU B 32 4.94 -13.25 12.73
C LEU B 32 3.93 -14.31 12.31
N PRO B 33 4.03 -15.56 12.76
CA PRO B 33 2.90 -16.48 12.56
C PRO B 33 1.59 -15.94 13.12
N VAL B 34 1.62 -15.37 14.32
CA VAL B 34 0.41 -14.85 14.93
C VAL B 34 -0.17 -13.72 14.10
N GLY B 35 0.69 -12.80 13.63
CA GLY B 35 0.20 -11.72 12.79
C GLY B 35 -0.37 -12.23 11.48
N VAL B 36 0.31 -13.20 10.88
CA VAL B 36 -0.20 -13.79 9.64
C VAL B 36 -1.57 -14.40 9.88
N LEU B 37 -1.76 -15.02 11.04
CA LEU B 37 -3.07 -15.57 11.38
C LEU B 37 -4.10 -14.45 11.51
N LEU B 38 -3.81 -13.47 12.37
CA LEU B 38 -4.73 -12.36 12.57
C LEU B 38 -5.15 -11.76 11.23
N TYR B 39 -4.23 -11.73 10.27
CA TYR B 39 -4.55 -11.22 8.95
C TYR B 39 -5.43 -12.19 8.18
N VAL B 40 -5.07 -13.47 8.17
CA VAL B 40 -5.68 -14.43 7.26
C VAL B 40 -7.07 -14.85 7.72
N THR B 41 -7.33 -14.86 9.02
CA THR B 41 -8.62 -15.27 9.54
C THR B 41 -9.62 -14.13 9.60
N ARG B 42 -9.26 -12.96 9.10
CA ARG B 42 -10.21 -11.86 9.10
C ARG B 42 -11.42 -12.26 8.27
N PRO B 43 -12.58 -11.68 8.54
CA PRO B 43 -13.69 -11.78 7.58
C PRO B 43 -13.24 -11.45 6.17
N GLY B 44 -13.32 -12.43 5.26
CA GLY B 44 -13.02 -12.21 3.86
C GLY B 44 -11.69 -12.77 3.38
N GLN B 45 -10.81 -13.14 4.30
CA GLN B 45 -9.43 -13.44 3.94
C GLN B 45 -9.24 -14.92 3.60
N ILE B 46 -8.01 -15.26 3.21
CA ILE B 46 -7.67 -16.55 2.62
C ILE B 46 -8.32 -17.66 3.42
N ILE B 47 -8.05 -17.69 4.71
CA ILE B 47 -8.67 -18.65 5.62
C ILE B 47 -9.46 -17.80 6.60
N ALA B 48 -10.70 -17.47 6.25
CA ALA B 48 -11.48 -16.52 7.04
C ALA B 48 -12.27 -17.31 8.06
N ASN B 49 -11.81 -17.26 9.31
CA ASN B 49 -12.44 -18.01 10.40
C ASN B 49 -12.65 -17.06 11.57
N ALA B 50 -13.90 -16.69 11.82
CA ALA B 50 -14.20 -15.73 12.87
C ALA B 50 -13.80 -16.26 14.24
N LYS B 51 -14.10 -17.53 14.52
CA LYS B 51 -13.80 -18.10 15.82
C LYS B 51 -12.29 -18.05 16.09
N LEU B 52 -11.50 -18.48 15.12
CA LEU B 52 -10.06 -18.48 15.27
C LEU B 52 -9.51 -17.07 15.40
N TYR B 53 -10.03 -16.14 14.61
CA TYR B 53 -9.60 -14.76 14.73
C TYR B 53 -9.85 -14.24 16.13
N ARG B 54 -11.06 -14.50 16.66
CA ARG B 54 -11.37 -14.06 18.01
C ARG B 54 -10.43 -14.69 19.03
N THR B 55 -10.15 -15.99 18.87
CA THR B 55 -9.26 -16.65 19.82
C THR B 55 -7.88 -16.02 19.82
N VAL B 56 -7.27 -15.92 18.65
CA VAL B 56 -5.91 -15.38 18.57
C VAL B 56 -5.87 -13.94 19.04
N SER B 57 -6.82 -13.13 18.58
CA SER B 57 -6.87 -11.74 18.99
C SER B 57 -7.04 -11.62 20.49
N ALA B 58 -7.86 -12.49 21.09
CA ALA B 58 -8.03 -12.46 22.53
C ALA B 58 -6.73 -12.75 23.24
N ILE B 59 -6.04 -13.82 22.81
CA ILE B 59 -4.74 -14.14 23.40
C ILE B 59 -3.82 -12.93 23.32
N VAL B 60 -3.75 -12.33 22.14
CA VAL B 60 -2.82 -11.22 21.92
C VAL B 60 -3.15 -10.07 22.86
N ASN B 61 -4.41 -9.68 22.93
CA ASN B 61 -4.81 -8.57 23.77
C ASN B 61 -4.54 -8.88 25.24
N ILE B 62 -4.82 -10.12 25.65
CA ILE B 62 -4.59 -10.52 27.04
C ILE B 62 -3.13 -10.31 27.41
N PHE B 63 -2.23 -10.88 26.59
CA PHE B 63 -0.81 -10.71 26.88
C PHE B 63 -0.42 -9.25 26.84
N ARG B 64 -0.99 -8.48 25.92
CA ARG B 64 -0.69 -7.06 25.86
C ARG B 64 -1.08 -6.34 27.14
N SER B 65 -2.16 -6.78 27.79
CA SER B 65 -2.67 -6.07 28.95
C SER B 65 -1.91 -6.39 30.23
N ILE B 66 -1.03 -7.37 30.22
CA ILE B 66 -0.28 -7.69 31.44
C ILE B 66 0.87 -6.70 31.59
N PRO B 67 1.01 -6.06 32.74
CA PRO B 67 2.20 -5.24 32.96
C PRO B 67 3.47 -6.07 32.85
N PHE B 68 4.57 -5.39 32.48
CA PHE B 68 5.82 -6.08 32.26
C PHE B 68 6.21 -6.90 33.47
N ILE B 69 6.03 -6.33 34.66
CA ILE B 69 6.58 -6.92 35.88
C ILE B 69 5.81 -8.18 36.25
N ILE B 70 4.48 -8.10 36.25
CA ILE B 70 3.68 -9.28 36.54
C ILE B 70 4.01 -10.37 35.54
N LEU B 71 4.21 -9.99 34.28
CA LEU B 71 4.57 -10.97 33.26
C LEU B 71 5.87 -11.66 33.64
N LEU B 72 6.92 -10.88 33.92
CA LEU B 72 8.21 -11.46 34.28
C LEU B 72 8.05 -12.42 35.45
N VAL B 73 7.31 -12.00 36.47
CA VAL B 73 7.12 -12.83 37.66
C VAL B 73 6.45 -14.14 37.27
N TRP B 74 5.23 -14.07 36.76
CA TRP B 74 4.50 -15.27 36.37
C TRP B 74 5.33 -16.13 35.43
N MET B 75 6.25 -15.53 34.69
CA MET B 75 7.13 -16.28 33.81
C MET B 75 8.21 -17.02 34.57
N ILE B 76 8.65 -16.45 35.69
CA ILE B 76 9.81 -16.95 36.43
C ILE B 76 9.91 -18.47 36.36
N PRO B 77 8.88 -19.22 36.74
CA PRO B 77 9.05 -20.68 36.77
C PRO B 77 9.35 -21.27 35.40
N PHE B 78 8.55 -20.96 34.39
CA PHE B 78 8.90 -21.45 33.05
C PHE B 78 10.13 -20.74 32.49
N THR B 79 10.42 -19.51 32.91
CA THR B 79 11.71 -18.94 32.53
C THR B 79 12.83 -19.88 32.93
N ARG B 80 12.77 -20.40 34.16
CA ARG B 80 13.77 -21.36 34.63
C ARG B 80 13.68 -22.66 33.84
N VAL B 81 12.47 -23.19 33.67
CA VAL B 81 12.27 -24.39 32.87
C VAL B 81 13.04 -24.30 31.57
N ILE B 82 13.05 -23.11 30.96
CA ILE B 82 13.67 -22.93 29.66
C ILE B 82 15.18 -22.77 29.80
N VAL B 83 15.61 -21.71 30.50
CA VAL B 83 17.04 -21.38 30.57
C VAL B 83 17.69 -21.84 31.87
N GLY B 84 16.94 -22.49 32.75
CA GLY B 84 17.50 -22.97 33.99
C GLY B 84 17.77 -21.91 35.04
N THR B 85 17.28 -20.68 34.84
CA THR B 85 17.44 -19.63 35.83
C THR B 85 16.45 -18.52 35.53
N SER B 86 16.13 -17.75 36.58
CA SER B 86 15.24 -16.61 36.47
C SER B 86 15.98 -15.28 36.66
N ILE B 87 17.31 -15.30 36.55
CA ILE B 87 18.12 -14.12 36.77
C ILE B 87 19.16 -14.01 35.67
N GLY B 88 19.60 -12.78 35.42
CA GLY B 88 20.64 -12.53 34.44
C GLY B 88 20.15 -12.23 33.04
N LEU B 89 20.99 -12.53 32.05
CA LEU B 89 20.77 -12.03 30.70
C LEU B 89 19.69 -12.84 29.99
N GLN B 90 19.88 -14.15 29.89
CA GLN B 90 18.87 -14.99 29.23
C GLN B 90 17.55 -14.97 29.98
N ALA B 91 17.61 -15.03 31.31
CA ALA B 91 16.39 -14.95 32.11
C ALA B 91 15.66 -13.65 31.85
N ALA B 92 16.40 -12.57 31.59
CA ALA B 92 15.76 -11.31 31.24
C ALA B 92 15.19 -11.36 29.83
N ILE B 93 15.91 -12.01 28.91
CA ILE B 93 15.47 -12.07 27.52
C ILE B 93 14.12 -12.76 27.42
N VAL B 94 13.95 -13.86 28.12
CA VAL B 94 12.76 -14.69 27.94
C VAL B 94 11.51 -13.85 28.15
N PRO B 95 11.31 -13.26 29.33
CA PRO B 95 10.11 -12.41 29.52
C PRO B 95 10.06 -11.25 28.56
N LEU B 96 11.21 -10.66 28.21
CA LEU B 96 11.23 -9.62 27.19
C LEU B 96 10.61 -10.13 25.91
N THR B 97 11.01 -11.33 25.49
CA THR B 97 10.50 -11.91 24.25
C THR B 97 9.00 -12.08 24.34
N VAL B 98 8.51 -12.63 25.46
CA VAL B 98 7.07 -12.84 25.58
C VAL B 98 6.32 -11.52 25.59
N GLY B 99 6.90 -10.49 26.21
CA GLY B 99 6.25 -9.20 26.21
C GLY B 99 6.16 -8.59 24.83
N ALA B 100 7.20 -8.77 24.03
CA ALA B 100 7.24 -8.10 22.73
C ALA B 100 6.42 -8.81 21.67
N ALA B 101 6.36 -10.14 21.70
CA ALA B 101 5.78 -10.88 20.59
C ALA B 101 4.38 -10.42 20.19
N PRO B 102 3.45 -10.11 21.10
CA PRO B 102 2.12 -9.66 20.66
C PRO B 102 2.15 -8.35 19.91
N PHE B 103 2.92 -7.39 20.41
CA PHE B 103 3.09 -6.15 19.68
C PHE B 103 3.66 -6.41 18.29
N ILE B 104 4.65 -7.29 18.21
CA ILE B 104 5.21 -7.67 16.92
C ILE B 104 4.11 -8.20 16.00
N ALA B 105 3.25 -9.07 16.53
CA ALA B 105 2.20 -9.65 15.72
C ALA B 105 1.24 -8.58 15.21
N ARG B 106 0.90 -7.61 16.05
CA ARG B 106 0.00 -6.55 15.60
C ARG B 106 0.67 -5.69 14.53
N MET B 107 1.96 -5.40 14.70
CA MET B 107 2.70 -4.70 13.65
C MET B 107 2.64 -5.47 12.34
N VAL B 108 2.84 -6.79 12.42
CA VAL B 108 2.75 -7.62 11.22
C VAL B 108 1.38 -7.49 10.58
N GLU B 109 0.34 -7.75 11.37
CA GLU B 109 -1.04 -7.61 10.89
C GLU B 109 -1.21 -6.29 10.16
N ASN B 110 -0.76 -5.20 10.78
CA ASN B 110 -0.83 -3.90 10.12
C ASN B 110 -0.15 -3.93 8.76
N ALA B 111 1.09 -4.41 8.71
CA ALA B 111 1.82 -4.43 7.44
C ALA B 111 1.06 -5.21 6.38
N LEU B 112 0.67 -6.44 6.71
CA LEU B 112 -0.05 -7.28 5.75
C LEU B 112 -1.32 -6.60 5.27
N LEU B 113 -2.01 -5.90 6.18
CA LEU B 113 -3.20 -5.16 5.78
C LEU B 113 -2.88 -4.19 4.65
N GLU B 114 -1.68 -3.61 4.63
CA GLU B 114 -1.32 -2.67 3.59
C GLU B 114 -1.02 -3.35 2.26
N ILE B 115 -1.16 -4.67 2.18
CA ILE B 115 -1.00 -5.40 0.92
C ILE B 115 -2.19 -5.06 0.03
N PRO B 116 -2.04 -5.00 -1.30
CA PRO B 116 -3.19 -4.71 -2.16
C PRO B 116 -4.15 -5.89 -2.28
N THR B 117 -5.37 -5.57 -2.71
CA THR B 117 -6.43 -6.57 -2.84
C THR B 117 -6.27 -7.42 -4.09
N GLY B 118 -6.04 -6.77 -5.23
CA GLY B 118 -5.91 -7.51 -6.47
C GLY B 118 -4.89 -8.62 -6.40
N LEU B 119 -3.84 -8.43 -5.60
CA LEU B 119 -2.80 -9.46 -5.51
C LEU B 119 -3.32 -10.69 -4.77
N ILE B 120 -4.08 -10.49 -3.69
CA ILE B 120 -4.70 -11.63 -3.04
C ILE B 120 -5.67 -12.31 -4.00
N GLU B 121 -6.43 -11.52 -4.76
CA GLU B 121 -7.34 -12.11 -5.72
C GLU B 121 -6.60 -13.00 -6.71
N ALA B 122 -5.50 -12.50 -7.26
CA ALA B 122 -4.73 -13.27 -8.23
C ALA B 122 -4.13 -14.53 -7.60
N SER B 123 -3.58 -14.40 -6.39
CA SER B 123 -2.98 -15.55 -5.73
C SER B 123 -4.03 -16.65 -5.51
N ARG B 124 -5.23 -16.25 -5.07
CA ARG B 124 -6.28 -17.24 -4.90
C ARG B 124 -6.70 -17.84 -6.25
N ALA B 125 -6.76 -17.00 -7.29
CA ALA B 125 -7.21 -17.48 -8.61
C ALA B 125 -6.24 -18.50 -9.20
N MET B 126 -4.94 -18.25 -9.07
CA MET B 126 -3.96 -19.21 -9.59
C MET B 126 -4.14 -20.59 -8.99
N GLY B 127 -4.77 -20.69 -7.81
CA GLY B 127 -4.92 -21.96 -7.15
C GLY B 127 -3.82 -22.26 -6.16
N ALA B 128 -3.30 -21.25 -5.48
CA ALA B 128 -2.25 -21.45 -4.48
C ALA B 128 -2.87 -21.79 -3.14
N THR B 129 -2.25 -22.70 -2.42
CA THR B 129 -2.73 -23.03 -1.09
C THR B 129 -2.45 -21.88 -0.13
N PRO B 130 -3.24 -21.77 0.94
CA PRO B 130 -2.99 -20.68 1.90
C PRO B 130 -1.53 -20.50 2.28
N MET B 131 -0.83 -21.57 2.65
CA MET B 131 0.57 -21.42 3.02
C MET B 131 1.42 -21.07 1.80
N GLN B 132 1.08 -21.60 0.63
CA GLN B 132 1.76 -21.15 -0.59
C GLN B 132 1.59 -19.65 -0.75
N ILE B 133 0.38 -19.16 -0.52
CA ILE B 133 0.11 -17.73 -0.65
C ILE B 133 0.95 -16.95 0.35
N VAL B 134 0.97 -17.41 1.60
CA VAL B 134 1.76 -16.76 2.63
C VAL B 134 3.21 -16.67 2.20
N ARG B 135 3.82 -17.82 1.94
CA ARG B 135 5.26 -17.89 1.73
C ARG B 135 5.69 -17.27 0.41
N LYS B 136 4.81 -17.25 -0.59
CA LYS B 136 5.18 -16.77 -1.92
C LYS B 136 4.66 -15.37 -2.22
N VAL B 137 3.64 -14.90 -1.50
CA VAL B 137 3.05 -13.61 -1.81
C VAL B 137 3.05 -12.70 -0.59
N LEU B 138 2.32 -13.09 0.46
CA LEU B 138 2.06 -12.17 1.56
C LEU B 138 3.35 -11.62 2.15
N LEU B 139 4.26 -12.50 2.51
CA LEU B 139 5.46 -12.05 3.20
C LEU B 139 6.41 -11.36 2.22
N PRO B 140 6.63 -11.92 1.03
CA PRO B 140 7.46 -11.19 0.06
C PRO B 140 6.95 -9.77 -0.23
N GLU B 141 5.68 -9.63 -0.60
CA GLU B 141 5.20 -8.33 -1.05
C GLU B 141 5.12 -7.33 0.09
N ALA B 142 4.89 -7.79 1.31
CA ALA B 142 4.84 -6.91 2.48
C ALA B 142 6.21 -6.74 3.12
N LEU B 143 7.27 -7.16 2.44
CA LEU B 143 8.59 -7.21 3.06
C LEU B 143 9.09 -5.82 3.47
N PRO B 144 8.91 -4.76 2.68
CA PRO B 144 9.37 -3.44 3.15
C PRO B 144 8.71 -3.02 4.45
N GLY B 145 7.39 -3.15 4.53
CA GLY B 145 6.71 -2.81 5.76
C GLY B 145 7.17 -3.66 6.93
N LEU B 146 7.38 -4.95 6.70
CA LEU B 146 7.87 -5.82 7.77
C LEU B 146 9.23 -5.37 8.26
N VAL B 147 10.14 -5.00 7.34
CA VAL B 147 11.46 -4.58 7.76
C VAL B 147 11.39 -3.27 8.52
N ASN B 148 10.55 -2.33 8.05
CA ASN B 148 10.38 -1.08 8.77
C ASN B 148 9.85 -1.32 10.17
N ALA B 149 8.90 -2.24 10.28
CA ALA B 149 8.37 -2.61 11.59
C ALA B 149 9.47 -3.19 12.47
N ALA B 150 10.31 -4.07 11.92
CA ALA B 150 11.39 -4.65 12.70
C ALA B 150 12.34 -3.56 13.19
N THR B 151 12.67 -2.62 12.33
CA THR B 151 13.47 -1.47 12.74
C THR B 151 12.84 -0.80 13.95
N ILE B 152 11.57 -0.39 13.81
CA ILE B 152 10.85 0.26 14.90
C ILE B 152 10.96 -0.58 16.18
N THR B 153 10.72 -1.87 16.04
CA THR B 153 10.61 -2.74 17.20
C THR B 153 11.92 -2.87 17.94
N LEU B 154 13.02 -3.00 17.21
CA LEU B 154 14.31 -3.11 17.88
C LEU B 154 14.71 -1.80 18.54
N ILE B 155 14.42 -0.67 17.88
CA ILE B 155 14.69 0.62 18.50
C ILE B 155 13.97 0.69 19.85
N THR B 156 12.71 0.23 19.89
CA THR B 156 12.01 0.17 21.17
C THR B 156 12.69 -0.80 22.14
N LEU B 157 13.09 -1.97 21.64
CA LEU B 157 13.61 -3.01 22.51
C LEU B 157 14.86 -2.56 23.24
N VAL B 158 15.61 -1.59 22.69
CA VAL B 158 16.78 -1.10 23.42
C VAL B 158 16.37 -0.64 24.82
N GLY B 159 15.51 0.38 24.90
CA GLY B 159 15.06 0.87 26.18
C GLY B 159 14.23 -0.14 26.94
N TYR B 160 13.44 -0.95 26.23
CA TYR B 160 12.62 -1.95 26.88
C TYR B 160 13.50 -2.95 27.64
N SER B 161 14.61 -3.36 27.03
CA SER B 161 15.57 -4.22 27.70
C SER B 161 16.25 -3.48 28.84
N ALA B 162 16.62 -2.22 28.62
CA ALA B 162 17.16 -1.42 29.71
C ALA B 162 16.27 -1.55 30.95
N MET B 163 14.97 -1.35 30.77
CA MET B 163 14.03 -1.48 31.88
C MET B 163 14.02 -2.91 32.42
N GLY B 164 13.57 -3.86 31.61
CA GLY B 164 13.31 -5.20 32.09
C GLY B 164 14.53 -5.99 32.52
N GLY B 165 15.73 -5.46 32.30
CA GLY B 165 16.91 -6.23 32.61
C GLY B 165 17.15 -6.42 34.09
N ALA B 166 16.50 -5.65 34.95
CA ALA B 166 16.98 -5.51 36.31
C ALA B 166 16.67 -6.73 37.18
N VAL B 167 16.41 -7.88 36.56
CA VAL B 167 16.65 -9.17 37.22
C VAL B 167 18.04 -9.59 36.78
N GLY B 168 19.04 -9.02 37.44
CA GLY B 168 20.42 -9.35 37.12
C GLY B 168 20.90 -8.91 35.75
N ALA B 169 20.13 -8.09 35.04
CA ALA B 169 20.54 -7.57 33.73
C ALA B 169 20.11 -6.11 33.70
N GLY B 170 20.07 -5.52 32.51
CA GLY B 170 19.76 -4.12 32.41
C GLY B 170 20.56 -3.41 31.33
N GLY B 171 21.77 -3.89 31.07
CA GLY B 171 22.51 -3.24 30.03
C GLY B 171 22.81 -1.78 30.32
N LEU B 172 23.09 -1.08 29.21
CA LEU B 172 23.50 0.31 29.30
C LEU B 172 22.47 1.16 30.01
N GLY B 173 21.19 0.85 29.85
CA GLY B 173 20.17 1.64 30.52
C GLY B 173 20.25 1.50 32.03
N GLN B 174 20.40 0.27 32.51
CA GLN B 174 20.64 0.05 33.93
C GLN B 174 21.88 0.82 34.39
N ILE B 175 22.96 0.72 33.62
CA ILE B 175 24.19 1.41 34.01
C ILE B 175 23.95 2.91 34.11
N GLY B 176 23.28 3.49 33.13
CA GLY B 176 23.00 4.91 33.18
C GLY B 176 22.14 5.29 34.36
N TYR B 177 21.13 4.48 34.67
CA TYR B 177 20.28 4.76 35.82
C TYR B 177 21.10 4.75 37.10
N GLN B 178 21.92 3.72 37.31
CA GLN B 178 22.60 3.57 38.59
C GLN B 178 23.76 4.56 38.71
N TYR B 179 24.74 4.47 37.82
CA TYR B 179 25.97 5.22 37.95
C TYR B 179 25.91 6.59 37.27
N GLY B 180 25.18 6.71 36.17
CA GLY B 180 25.05 8.00 35.52
C GLY B 180 24.16 8.96 36.29
N TYR B 181 23.08 8.44 36.88
CA TYR B 181 22.04 9.28 37.49
C TYR B 181 21.99 9.20 39.01
N ILE B 182 21.89 8.00 39.59
CA ILE B 182 21.76 7.90 41.04
C ILE B 182 23.04 8.33 41.73
N GLY B 183 24.15 8.39 41.01
CA GLY B 183 25.39 8.88 41.56
C GLY B 183 25.89 9.90 40.56
N TYR B 184 25.95 11.18 40.93
CA TYR B 184 26.02 12.18 39.87
C TYR B 184 27.38 12.09 39.20
N ASN B 185 27.44 11.26 38.17
CA ASN B 185 28.62 11.04 37.34
C ASN B 185 28.24 11.43 35.91
N ALA B 186 28.56 12.66 35.51
CA ALA B 186 28.17 13.14 34.20
C ALA B 186 28.85 12.35 33.08
N THR B 187 30.12 12.00 33.27
CA THR B 187 30.86 11.27 32.25
C THR B 187 30.16 9.95 31.91
N VAL B 188 29.87 9.13 32.92
CA VAL B 188 29.24 7.85 32.67
C VAL B 188 27.90 8.03 31.98
N MET B 189 27.11 9.00 32.44
CA MET B 189 25.80 9.23 31.84
C MET B 189 25.95 9.58 30.36
N ASN B 190 26.85 10.51 30.04
CA ASN B 190 27.02 10.91 28.66
C ASN B 190 27.52 9.75 27.82
N THR B 191 28.38 8.91 28.37
CA THR B 191 28.87 7.75 27.63
C THR B 191 27.73 6.79 27.33
N VAL B 192 26.89 6.49 28.32
CA VAL B 192 25.74 5.63 28.09
C VAL B 192 24.86 6.20 26.99
N LEU B 193 24.55 7.50 27.09
CA LEU B 193 23.69 8.13 26.10
C LEU B 193 24.29 8.03 24.71
N VAL B 194 25.59 8.27 24.59
CA VAL B 194 26.24 8.22 23.29
C VAL B 194 26.20 6.81 22.72
N LEU B 195 26.46 5.81 23.56
CA LEU B 195 26.38 4.43 23.09
C LEU B 195 24.97 4.10 22.60
N LEU B 196 23.96 4.53 23.36
CA LEU B 196 22.58 4.24 22.95
C LEU B 196 22.25 4.92 21.63
N VAL B 197 22.68 6.17 21.46
CA VAL B 197 22.43 6.88 20.21
C VAL B 197 23.12 6.18 19.06
N ILE B 198 24.37 5.76 19.26
CA ILE B 198 25.08 5.04 18.20
C ILE B 198 24.33 3.77 17.84
N LEU B 199 23.83 3.05 18.85
CA LEU B 199 23.12 1.82 18.62
C LEU B 199 21.86 2.05 17.79
N VAL B 200 21.04 3.02 18.20
CA VAL B 200 19.81 3.29 17.46
C VAL B 200 20.12 3.76 16.05
N TYR B 201 21.17 4.57 15.88
CA TYR B 201 21.53 5.04 14.55
C TYR B 201 21.92 3.89 13.65
N LEU B 202 22.72 2.96 14.18
CA LEU B 202 23.10 1.79 13.41
C LEU B 202 21.85 1.00 13.01
N ILE B 203 20.94 0.79 13.95
CA ILE B 203 19.76 -0.01 13.67
C ILE B 203 18.90 0.65 12.60
N GLN B 204 18.65 1.95 12.75
CA GLN B 204 17.80 2.65 11.80
C GLN B 204 18.46 2.72 10.43
N PHE B 205 19.79 2.88 10.40
CA PHE B 205 20.50 2.90 9.15
C PHE B 205 20.36 1.55 8.44
N ALA B 206 20.56 0.47 9.16
CA ALA B 206 20.40 -0.86 8.58
C ALA B 206 18.98 -1.04 8.05
N GLY B 207 17.99 -0.67 8.85
CA GLY B 207 16.61 -0.83 8.42
C GLY B 207 16.30 -0.04 7.17
N ASP B 208 16.74 1.22 7.13
CA ASP B 208 16.44 2.06 5.98
C ASP B 208 17.15 1.54 4.74
N ARG B 209 18.39 1.10 4.88
CA ARG B 209 19.13 0.56 3.75
C ARG B 209 18.46 -0.68 3.21
N ILE B 210 18.03 -1.58 4.09
CA ILE B 210 17.36 -2.80 3.66
C ILE B 210 16.05 -2.48 2.99
N VAL B 211 15.29 -1.54 3.55
CA VAL B 211 13.99 -1.18 2.98
C VAL B 211 14.19 -0.64 1.58
N ARG B 212 15.10 0.34 1.43
CA ARG B 212 15.35 0.89 0.11
C ARG B 212 15.88 -0.17 -0.84
N ALA B 213 16.57 -1.18 -0.32
CA ALA B 213 16.97 -2.30 -1.18
C ALA B 213 15.76 -2.95 -1.82
N VAL B 214 14.63 -2.98 -1.11
CA VAL B 214 13.42 -3.60 -1.63
C VAL B 214 12.59 -2.51 -2.32
N THR B 215 12.35 -2.69 -3.61
CA THR B 215 11.74 -1.67 -4.44
C THR B 215 10.23 -1.88 -4.56
N MET C 1 -11.04 -6.74 49.14
CA MET C 1 -11.41 -5.52 48.38
C MET C 1 -12.26 -4.60 49.25
N SER C 2 -11.58 -3.84 50.09
CA SER C 2 -12.25 -2.89 50.97
C SER C 2 -12.75 -1.69 50.17
N GLU C 3 -13.61 -0.91 50.82
CA GLU C 3 -14.09 0.33 50.21
C GLU C 3 -12.93 1.27 49.87
N PRO C 4 -11.94 1.49 50.75
CA PRO C 4 -10.76 2.26 50.34
C PRO C 4 -10.07 1.67 49.13
N MET C 5 -9.94 0.35 49.04
CA MET C 5 -9.33 -0.26 47.87
C MET C 5 -10.20 -0.03 46.64
N MET C 6 -11.51 -0.05 46.81
CA MET C 6 -12.40 0.30 45.71
C MET C 6 -12.08 1.68 45.16
N TRP C 7 -12.04 2.68 46.06
CA TRP C 7 -11.75 4.04 45.60
C TRP C 7 -10.35 4.13 44.99
N LEU C 8 -9.39 3.43 45.55
CA LEU C 8 -8.03 3.46 45.02
C LEU C 8 -8.01 2.88 43.61
N LEU C 9 -8.72 1.78 43.39
CA LEU C 9 -8.82 1.23 42.04
C LEU C 9 -9.51 2.22 41.10
N VAL C 10 -10.53 2.91 41.60
CA VAL C 10 -11.17 3.94 40.80
C VAL C 10 -10.14 4.96 40.33
N ARG C 11 -9.36 5.49 41.27
CA ARG C 11 -8.40 6.52 40.91
C ARG C 11 -7.30 5.96 40.01
N GLY C 12 -6.91 4.70 40.22
CA GLY C 12 -5.94 4.08 39.32
C GLY C 12 -6.47 3.97 37.91
N VAL C 13 -7.74 3.57 37.77
CA VAL C 13 -8.38 3.57 36.45
C VAL C 13 -8.30 4.95 35.84
N TRP C 14 -8.70 5.98 36.59
CA TRP C 14 -8.69 7.34 36.07
C TRP C 14 -7.29 7.75 35.64
N GLU C 15 -6.29 7.40 36.44
CA GLU C 15 -4.91 7.75 36.11
C GLU C 15 -4.48 7.07 34.83
N THR C 16 -4.60 5.75 34.76
CA THR C 16 -4.24 5.03 33.55
C THR C 16 -4.95 5.64 32.34
N LEU C 17 -6.22 5.98 32.51
CA LEU C 17 -7.03 6.45 31.39
C LEU C 17 -6.54 7.81 30.91
N ALA C 18 -6.48 8.78 31.83
CA ALA C 18 -6.01 10.10 31.47
C ALA C 18 -4.62 10.02 30.85
N MET C 19 -3.69 9.36 31.54
CA MET C 19 -2.34 9.21 31.00
C MET C 19 -2.39 8.69 29.58
N THR C 20 -2.95 7.50 29.39
CA THR C 20 -2.92 6.87 28.08
C THR C 20 -3.47 7.81 27.00
N PHE C 21 -4.71 8.28 27.18
CA PHE C 21 -5.39 8.96 26.09
C PHE C 21 -4.81 10.37 25.85
N VAL C 22 -4.62 11.14 26.92
CA VAL C 22 -4.05 12.46 26.75
C VAL C 22 -2.66 12.37 26.13
N SER C 23 -1.82 11.47 26.67
CA SER C 23 -0.46 11.35 26.18
C SER C 23 -0.44 10.93 24.72
N GLY C 24 -1.30 9.97 24.34
CA GLY C 24 -1.37 9.59 22.95
C GLY C 24 -1.83 10.74 22.07
N PHE C 25 -2.84 11.48 22.53
CA PHE C 25 -3.33 12.62 21.78
C PHE C 25 -2.18 13.58 21.45
N PHE C 26 -1.47 14.02 22.48
CA PHE C 26 -0.45 15.02 22.26
C PHE C 26 0.77 14.43 21.56
N GLY C 27 1.11 13.18 21.86
CA GLY C 27 2.17 12.52 21.13
C GLY C 27 1.88 12.50 19.65
N PHE C 28 0.61 12.36 19.28
CA PHE C 28 0.27 12.42 17.87
C PHE C 28 0.35 13.85 17.37
N VAL C 29 -0.23 14.79 18.12
CA VAL C 29 -0.13 16.20 17.77
C VAL C 29 1.29 16.51 17.31
N ILE C 30 2.27 15.93 18.02
CA ILE C 30 3.66 16.19 17.69
C ILE C 30 4.13 15.30 16.55
N GLY C 31 4.13 13.98 16.79
CA GLY C 31 4.82 13.07 15.87
C GLY C 31 4.19 13.02 14.50
N LEU C 32 2.90 13.33 14.40
CA LEU C 32 2.25 13.29 13.09
C LEU C 32 2.85 14.32 12.15
N PRO C 33 3.01 15.58 12.55
CA PRO C 33 3.83 16.49 11.73
C PRO C 33 5.23 15.94 11.53
N VAL C 34 5.84 15.40 12.57
CA VAL C 34 7.18 14.85 12.44
C VAL C 34 7.20 13.71 11.44
N GLY C 35 6.21 12.81 11.53
CA GLY C 35 6.14 11.70 10.59
C GLY C 35 5.90 12.16 9.17
N VAL C 36 5.00 13.14 9.00
CA VAL C 36 4.73 13.68 7.67
C VAL C 36 6.01 14.28 7.10
N LEU C 37 6.80 14.93 7.94
CA LEU C 37 8.08 15.47 7.50
C LEU C 37 9.01 14.34 7.07
N LEU C 38 9.25 13.37 7.96
CA LEU C 38 10.11 12.25 7.64
C LEU C 38 9.71 11.60 6.32
N TYR C 39 8.40 11.54 6.06
CA TYR C 39 7.93 10.98 4.79
C TYR C 39 8.23 11.91 3.63
N VAL C 40 7.92 13.20 3.81
CA VAL C 40 7.90 14.14 2.70
C VAL C 40 9.32 14.53 2.31
N THR C 41 10.26 14.54 3.25
CA THR C 41 11.63 14.93 2.97
C THR C 41 12.51 13.79 2.50
N ARG C 42 11.95 12.60 2.29
CA ARG C 42 12.75 11.50 1.79
C ARG C 42 13.28 11.83 0.40
N PRO C 43 14.40 11.22 0.01
CA PRO C 43 14.75 11.23 -1.42
C PRO C 43 13.55 10.86 -2.28
N GLY C 44 13.11 11.78 -3.11
CA GLY C 44 12.05 11.52 -4.07
C GLY C 44 10.70 12.10 -3.73
N GLN C 45 10.48 12.57 -2.50
CA GLN C 45 9.14 12.91 -2.07
C GLN C 45 8.85 14.40 -2.30
N ILE C 46 7.61 14.80 -1.99
CA ILE C 46 7.05 16.10 -2.34
C ILE C 46 8.04 17.22 -2.06
N ILE C 47 8.51 17.31 -0.81
CA ILE C 47 9.54 18.25 -0.45
C ILE C 47 10.75 17.43 -0.05
N ALA C 48 11.57 17.06 -1.02
CA ALA C 48 12.66 16.12 -0.79
C ALA C 48 13.89 16.91 -0.41
N ASN C 49 14.22 16.92 0.87
CA ASN C 49 15.36 17.68 1.40
C ASN C 49 16.16 16.75 2.29
N ALA C 50 17.32 16.33 1.80
CA ALA C 50 18.16 15.39 2.55
C ALA C 50 18.60 16.01 3.87
N LYS C 51 18.98 17.29 3.85
CA LYS C 51 19.44 17.94 5.06
C LYS C 51 18.35 17.91 6.13
N LEU C 52 17.14 18.31 5.75
CA LEU C 52 16.04 18.34 6.70
C LEU C 52 15.68 16.94 7.16
N TYR C 53 15.69 15.97 6.23
CA TYR C 53 15.40 14.59 6.62
C TYR C 53 16.40 14.12 7.67
N ARG C 54 17.69 14.36 7.43
CA ARG C 54 18.71 13.95 8.38
C ARG C 54 18.51 14.65 9.72
N THR C 55 18.18 15.94 9.70
CA THR C 55 17.96 16.65 10.96
C THR C 55 16.80 16.06 11.74
N VAL C 56 15.64 15.93 11.11
CA VAL C 56 14.45 15.42 11.79
C VAL C 56 14.70 14.00 12.26
N SER C 57 15.22 13.15 11.37
CA SER C 57 15.51 11.78 11.74
C SER C 57 16.49 11.71 12.89
N ALA C 58 17.48 12.60 12.91
CA ALA C 58 18.44 12.65 13.99
C ALA C 58 17.74 12.98 15.30
N ILE C 59 16.92 14.01 15.30
CA ILE C 59 16.16 14.35 16.50
C ILE C 59 15.37 13.14 16.96
N VAL C 60 14.69 12.49 16.03
CA VAL C 60 13.82 11.36 16.37
C VAL C 60 14.63 10.25 17.02
N ASN C 61 15.74 9.87 16.37
CA ASN C 61 16.55 8.79 16.90
C ASN C 61 17.16 9.17 18.24
N ILE C 62 17.59 10.42 18.38
CA ILE C 62 18.18 10.87 19.64
C ILE C 62 17.18 10.68 20.77
N PHE C 63 15.96 11.21 20.58
CA PHE C 63 14.96 11.07 21.62
C PHE C 63 14.64 9.60 21.87
N ARG C 64 14.62 8.79 20.81
CA ARG C 64 14.37 7.37 20.98
C ARG C 64 15.44 6.71 21.85
N SER C 65 16.68 7.18 21.78
CA SER C 65 17.78 6.53 22.47
C SER C 65 17.90 6.89 23.95
N ILE C 66 17.13 7.85 24.46
CA ILE C 66 17.19 8.20 25.88
C ILE C 66 16.33 7.21 26.66
N PRO C 67 16.85 6.60 27.74
CA PRO C 67 15.99 5.80 28.61
C PRO C 67 14.84 6.62 29.18
N PHE C 68 13.74 5.94 29.50
CA PHE C 68 12.55 6.62 29.99
C PHE C 68 12.88 7.48 31.20
N ILE C 69 13.70 6.95 32.11
CA ILE C 69 13.89 7.57 33.41
C ILE C 69 14.74 8.83 33.26
N ILE C 70 15.85 8.72 32.54
CA ILE C 70 16.70 9.89 32.30
C ILE C 70 15.88 10.98 31.63
N LEU C 71 15.02 10.60 30.70
CA LEU C 71 14.17 11.58 30.03
C LEU C 71 13.27 12.29 31.03
N LEU C 72 12.55 11.52 31.84
CA LEU C 72 11.67 12.13 32.83
C LEU C 72 12.43 13.12 33.70
N VAL C 73 13.60 12.69 34.17
CA VAL C 73 14.40 13.55 35.03
C VAL C 73 14.74 14.86 34.31
N TRP C 74 15.45 14.74 33.19
CA TRP C 74 15.82 15.94 32.43
C TRP C 74 14.62 16.81 32.12
N MET C 75 13.43 16.22 32.05
CA MET C 75 12.22 16.99 31.78
C MET C 75 11.75 17.76 33.00
N ILE C 76 12.00 17.22 34.20
CA ILE C 76 11.45 17.76 35.43
C ILE C 76 11.35 19.29 35.41
N PRO C 77 12.44 20.03 35.15
CA PRO C 77 12.32 21.50 35.22
C PRO C 77 11.35 22.07 34.20
N PHE C 78 11.47 21.64 32.95
CA PHE C 78 10.55 22.07 31.91
C PHE C 78 9.15 21.53 32.18
N THR C 79 9.08 20.33 32.76
CA THR C 79 7.79 19.79 33.20
C THR C 79 7.10 20.76 34.16
N ARG C 80 7.85 21.28 35.13
CA ARG C 80 7.28 22.25 36.06
C ARG C 80 6.93 23.54 35.33
N VAL C 81 7.84 24.04 34.51
CA VAL C 81 7.54 25.21 33.68
C VAL C 81 6.17 25.06 33.03
N ILE C 82 5.86 23.85 32.58
CA ILE C 82 4.61 23.63 31.85
C ILE C 82 3.43 23.50 32.80
N VAL C 83 3.44 22.47 33.65
CA VAL C 83 2.28 22.15 34.49
C VAL C 83 2.44 22.63 35.92
N GLY C 84 3.56 23.29 36.25
CA GLY C 84 3.76 23.80 37.59
C GLY C 84 4.10 22.76 38.63
N THR C 85 4.41 21.53 38.23
CA THR C 85 4.80 20.50 39.17
C THR C 85 5.48 19.38 38.41
N SER C 86 6.31 18.63 39.12
CA SER C 86 6.99 17.47 38.56
C SER C 86 6.46 16.17 39.14
N ILE C 87 5.30 16.22 39.80
CA ILE C 87 4.72 15.06 40.46
C ILE C 87 3.24 15.00 40.13
N GLY C 88 2.70 13.80 40.21
CA GLY C 88 1.29 13.58 39.97
C GLY C 88 0.98 13.22 38.53
N LEU C 89 -0.27 13.50 38.14
CA LEU C 89 -0.81 12.94 36.90
C LEU C 89 -0.29 13.68 35.69
N GLN C 90 -0.52 14.99 35.63
CA GLN C 90 -0.05 15.78 34.48
C GLN C 90 1.47 15.74 34.38
N ALA C 91 2.15 15.82 35.53
CA ALA C 91 3.60 15.74 35.54
C ALA C 91 4.08 14.43 34.94
N ALA C 92 3.35 13.35 35.17
CA ALA C 92 3.71 12.08 34.54
C ALA C 92 3.37 12.07 33.06
N ILE C 93 2.24 12.69 32.70
CA ILE C 93 1.81 12.69 31.31
C ILE C 93 2.85 13.35 30.43
N VAL C 94 3.38 14.49 30.86
CA VAL C 94 4.27 15.29 30.01
C VAL C 94 5.44 14.43 29.52
N PRO C 95 6.25 13.86 30.40
CA PRO C 95 7.35 13.02 29.92
C PRO C 95 6.87 11.83 29.12
N LEU C 96 5.73 11.25 29.49
CA LEU C 96 5.15 10.19 28.68
C LEU C 96 4.93 10.65 27.24
N THR C 97 4.35 11.84 27.08
CA THR C 97 4.10 12.36 25.75
C THR C 97 5.38 12.53 24.96
N VAL C 98 6.41 13.10 25.59
CA VAL C 98 7.67 13.31 24.87
C VAL C 98 8.28 11.97 24.49
N GLY C 99 8.17 10.97 25.38
CA GLY C 99 8.69 9.66 25.06
C GLY C 99 7.98 9.02 23.89
N ALA C 100 6.66 9.23 23.81
CA ALA C 100 5.88 8.55 22.79
C ALA C 100 5.98 9.21 21.42
N ALA C 101 6.10 10.54 21.37
CA ALA C 101 6.01 11.25 20.10
C ALA C 101 6.93 10.72 19.01
N PRO C 102 8.20 10.38 19.28
CA PRO C 102 9.05 9.89 18.18
C PRO C 102 8.59 8.56 17.62
N PHE C 103 8.22 7.62 18.49
CA PHE C 103 7.67 6.35 18.03
C PHE C 103 6.44 6.59 17.17
N ILE C 104 5.57 7.50 17.60
CA ILE C 104 4.40 7.86 16.80
C ILE C 104 4.84 8.37 15.43
N ALA C 105 5.85 9.23 15.40
CA ALA C 105 6.30 9.78 14.14
C ALA C 105 6.81 8.68 13.22
N ARG C 106 7.54 7.71 13.77
CA ARG C 106 8.03 6.62 12.95
C ARG C 106 6.89 5.74 12.44
N MET C 107 5.90 5.48 13.30
CA MET C 107 4.72 4.76 12.86
C MET C 107 4.02 5.48 11.72
N VAL C 108 3.87 6.81 11.86
CA VAL C 108 3.27 7.62 10.82
C VAL C 108 4.07 7.49 9.53
N GLU C 109 5.38 7.68 9.61
CA GLU C 109 6.23 7.49 8.45
C GLU C 109 5.94 6.15 7.79
N ASN C 110 5.91 5.08 8.58
CA ASN C 110 5.60 3.76 8.05
C ASN C 110 4.28 3.79 7.28
N ALA C 111 3.24 4.31 7.92
CA ALA C 111 1.92 4.33 7.30
C ALA C 111 1.97 5.05 5.96
N LEU C 112 2.49 6.27 5.95
CA LEU C 112 2.54 7.05 4.72
C LEU C 112 3.34 6.33 3.65
N LEU C 113 4.43 5.68 4.04
CA LEU C 113 5.23 4.93 3.09
C LEU C 113 4.39 3.92 2.32
N GLU C 114 3.38 3.34 2.97
CA GLU C 114 2.53 2.38 2.30
C GLU C 114 1.51 3.04 1.37
N ILE C 115 1.53 4.36 1.23
CA ILE C 115 0.68 5.03 0.25
C ILE C 115 1.20 4.65 -1.13
N PRO C 116 0.33 4.54 -2.15
CA PRO C 116 0.82 4.21 -3.49
C PRO C 116 1.56 5.38 -4.11
N THR C 117 2.38 5.05 -5.10
CA THR C 117 3.18 6.07 -5.77
C THR C 117 2.33 6.86 -6.77
N GLY C 118 1.49 6.16 -7.55
CA GLY C 118 0.69 6.84 -8.53
C GLY C 118 -0.15 7.96 -7.96
N LEU C 119 -0.60 7.82 -6.70
CA LEU C 119 -1.42 8.87 -6.11
C LEU C 119 -0.60 10.11 -5.82
N ILE C 120 0.62 9.95 -5.31
CA ILE C 120 1.49 11.11 -5.13
C ILE C 120 1.78 11.74 -6.50
N GLU C 121 2.00 10.91 -7.52
CA GLU C 121 2.23 11.43 -8.86
C GLU C 121 1.05 12.28 -9.31
N ALA C 122 -0.17 11.79 -9.11
CA ALA C 122 -1.35 12.54 -9.51
C ALA C 122 -1.45 13.84 -8.74
N SER C 123 -1.23 13.80 -7.43
CA SER C 123 -1.32 15.01 -6.62
C SER C 123 -0.32 16.06 -7.10
N ARG C 124 0.90 15.63 -7.43
CA ARG C 124 1.88 16.58 -7.95
C ARG C 124 1.46 17.11 -9.32
N ALA C 125 0.91 16.23 -10.16
CA ALA C 125 0.55 16.64 -11.52
C ALA C 125 -0.56 17.69 -11.50
N MET C 126 -1.56 17.51 -10.63
CA MET C 126 -2.63 18.49 -10.53
C MET C 126 -2.11 19.87 -10.16
N GLY C 127 -0.95 19.96 -9.52
CA GLY C 127 -0.42 21.22 -9.07
C GLY C 127 -0.80 21.60 -7.65
N ALA C 128 -0.91 20.62 -6.75
CA ALA C 128 -1.28 20.90 -5.37
C ALA C 128 -0.05 21.28 -4.56
N THR C 129 -0.23 22.20 -3.62
CA THR C 129 0.88 22.57 -2.77
C THR C 129 1.19 21.44 -1.81
N PRO C 130 2.44 21.35 -1.35
CA PRO C 130 2.79 20.28 -0.40
C PRO C 130 1.79 20.13 0.73
N MET C 131 1.42 21.23 1.38
CA MET C 131 0.45 21.13 2.46
C MET C 131 -0.92 20.75 1.94
N GLN C 132 -1.27 21.21 0.74
CA GLN C 132 -2.50 20.73 0.12
C GLN C 132 -2.47 19.23 -0.07
N ILE C 133 -1.35 18.71 -0.56
CA ILE C 133 -1.23 17.26 -0.75
C ILE C 133 -1.35 16.53 0.57
N VAL C 134 -0.65 17.05 1.59
CA VAL C 134 -0.71 16.45 2.91
C VAL C 134 -2.16 16.37 3.38
N ARG C 135 -2.81 17.52 3.46
CA ARG C 135 -4.13 17.59 4.09
C ARG C 135 -5.19 16.92 3.24
N LYS C 136 -5.00 16.88 1.92
CA LYS C 136 -6.01 16.35 1.02
C LYS C 136 -5.70 14.96 0.50
N VAL C 137 -4.44 14.53 0.52
CA VAL C 137 -4.10 13.23 -0.05
C VAL C 137 -3.41 12.34 0.97
N LEU C 138 -2.25 12.78 1.45
CA LEU C 138 -1.43 11.91 2.27
C LEU C 138 -2.20 11.40 3.48
N LEU C 139 -2.79 12.30 4.23
CA LEU C 139 -3.47 11.89 5.45
C LEU C 139 -4.79 11.21 5.13
N PRO C 140 -5.60 11.76 4.22
CA PRO C 140 -6.81 11.03 3.84
C PRO C 140 -6.53 9.62 3.36
N GLU C 141 -5.63 9.47 2.38
CA GLU C 141 -5.42 8.17 1.77
C GLU C 141 -4.75 7.19 2.74
N ALA C 142 -3.92 7.69 3.64
CA ALA C 142 -3.26 6.83 4.62
C ALA C 142 -4.06 6.68 5.91
N LEU C 143 -5.33 7.09 5.93
CA LEU C 143 -6.06 7.14 7.18
C LEU C 143 -6.23 5.78 7.84
N PRO C 144 -6.53 4.70 7.13
CA PRO C 144 -6.65 3.40 7.81
C PRO C 144 -5.38 2.98 8.54
N GLY C 145 -4.23 3.08 7.87
CA GLY C 145 -2.98 2.74 8.53
C GLY C 145 -2.72 3.63 9.73
N LEU C 146 -3.02 4.92 9.61
CA LEU C 146 -2.84 5.83 10.72
C LEU C 146 -3.69 5.42 11.92
N VAL C 147 -4.94 5.04 11.68
CA VAL C 147 -5.82 4.65 12.78
C VAL C 147 -5.34 3.35 13.42
N ASN C 148 -4.94 2.38 12.62
CA ASN C 148 -4.42 1.14 13.19
C ASN C 148 -3.16 1.42 14.01
N ALA C 149 -2.30 2.32 13.52
CA ALA C 149 -1.13 2.72 14.28
C ALA C 149 -1.54 3.32 15.62
N ALA C 150 -2.54 4.20 15.60
CA ALA C 150 -3.01 4.80 16.85
C ALA C 150 -3.52 3.74 17.81
N THR C 151 -4.27 2.76 17.29
CA THR C 151 -4.70 1.64 18.11
C THR C 151 -3.50 1.00 18.79
N ILE C 152 -2.54 0.56 18.00
CA ILE C 152 -1.33 -0.07 18.53
C ILE C 152 -0.70 0.80 19.61
N THR C 153 -0.56 2.09 19.30
CA THR C 153 0.20 2.99 20.16
C THR C 153 -0.50 3.18 21.51
N LEU C 154 -1.82 3.30 21.51
CA LEU C 154 -2.53 3.45 22.78
C LEU C 154 -2.48 2.17 23.59
N ILE C 155 -2.60 1.02 22.92
CA ILE C 155 -2.46 -0.24 23.65
C ILE C 155 -1.12 -0.29 24.35
N THR C 156 -0.05 0.14 23.66
CA THR C 156 1.24 0.22 24.32
C THR C 156 1.22 1.22 25.46
N LEU C 157 0.59 2.38 25.24
CA LEU C 157 0.63 3.45 26.22
C LEU C 157 -0.01 3.03 27.54
N VAL C 158 -0.93 2.06 27.52
CA VAL C 158 -1.49 1.61 28.79
C VAL C 158 -0.37 1.18 29.74
N GLY C 159 0.37 0.13 29.35
CA GLY C 159 1.46 -0.34 30.18
C GLY C 159 2.59 0.65 30.32
N TYR C 160 2.85 1.44 29.28
CA TYR C 160 3.92 2.44 29.37
C TYR C 160 3.60 3.47 30.45
N SER C 161 2.34 3.89 30.52
CA SER C 161 1.90 4.77 31.60
C SER C 161 1.99 4.06 32.94
N ALA C 162 1.57 2.79 32.99
CA ALA C 162 1.73 2.01 34.22
C ALA C 162 3.15 2.13 34.75
N MET C 163 4.14 1.90 33.89
CA MET C 163 5.54 2.03 34.28
C MET C 163 5.85 3.46 34.72
N GLY C 164 5.78 4.40 33.79
CA GLY C 164 6.25 5.75 34.03
C GLY C 164 5.45 6.51 35.07
N GLY C 165 4.36 5.94 35.57
CA GLY C 165 3.49 6.66 36.47
C GLY C 165 4.09 6.96 37.84
N ALA C 166 5.16 6.29 38.22
CA ALA C 166 5.53 6.25 39.63
C ALA C 166 6.25 7.50 40.11
N VAL C 167 6.08 8.64 39.44
CA VAL C 167 6.23 9.94 40.10
C VAL C 167 4.83 10.33 40.55
N GLY C 168 4.38 9.68 41.62
CA GLY C 168 3.11 9.97 42.23
C GLY C 168 1.85 9.71 41.42
N ALA C 169 1.95 9.12 40.22
CA ALA C 169 0.74 8.83 39.42
C ALA C 169 0.90 7.47 38.75
N GLY C 170 0.54 6.41 39.46
CA GLY C 170 0.84 5.06 38.99
C GLY C 170 -0.22 4.35 38.19
N GLY C 171 -1.49 4.66 38.44
CA GLY C 171 -2.59 4.00 37.78
C GLY C 171 -2.70 2.51 38.12
N LEU C 172 -3.48 1.81 37.30
CA LEU C 172 -3.81 0.42 37.58
C LEU C 172 -2.57 -0.47 37.63
N GLY C 173 -1.58 -0.19 36.77
CA GLY C 173 -0.39 -1.03 36.77
C GLY C 173 0.40 -0.88 38.06
N GLN C 174 0.58 0.35 38.51
CA GLN C 174 1.21 0.59 39.81
C GLN C 174 0.44 -0.12 40.91
N ILE C 175 -0.89 -0.01 40.88
CA ILE C 175 -1.69 -0.65 41.92
C ILE C 175 -1.46 -2.15 41.92
N GLY C 176 -1.46 -2.76 40.73
CA GLY C 176 -1.21 -4.19 40.64
C GLY C 176 0.17 -4.56 41.19
N TYR C 177 1.17 -3.75 40.87
CA TYR C 177 2.51 -4.01 41.40
C TYR C 177 2.51 -3.95 42.92
N GLN C 178 1.89 -2.91 43.49
CA GLN C 178 1.95 -2.70 44.93
C GLN C 178 1.04 -3.68 45.68
N TYR C 179 -0.26 -3.61 45.43
CA TYR C 179 -1.21 -4.37 46.25
C TYR C 179 -1.52 -5.74 45.69
N GLY C 180 -1.53 -5.90 44.37
CA GLY C 180 -1.77 -7.21 43.79
C GLY C 180 -0.58 -8.13 43.96
N TYR C 181 0.63 -7.60 43.82
CA TYR C 181 1.84 -8.40 43.81
C TYR C 181 2.69 -8.20 45.06
N ILE C 182 3.06 -6.97 45.39
CA ILE C 182 3.88 -6.74 46.57
C ILE C 182 2.97 -6.91 47.77
N GLY C 183 2.90 -8.13 48.28
CA GLY C 183 1.98 -8.46 49.36
C GLY C 183 0.82 -9.21 48.72
N TYR C 184 0.72 -10.50 48.98
CA TYR C 184 -0.07 -11.38 48.12
C TYR C 184 -1.57 -11.15 48.27
N ASN C 185 -2.12 -10.31 47.40
CA ASN C 185 -3.57 -10.06 47.34
C ASN C 185 -4.05 -10.51 45.97
N ALA C 186 -4.53 -11.75 45.90
CA ALA C 186 -4.96 -12.31 44.63
C ALA C 186 -6.16 -11.55 44.07
N THR C 187 -7.11 -11.18 44.92
CA THR C 187 -8.28 -10.46 44.46
C THR C 187 -7.89 -9.17 43.75
N VAL C 188 -7.08 -8.34 44.41
CA VAL C 188 -6.69 -7.06 43.82
C VAL C 188 -5.97 -7.28 42.51
N MET C 189 -5.04 -8.24 42.47
CA MET C 189 -4.30 -8.50 41.25
C MET C 189 -5.23 -8.87 40.12
N ASN C 190 -6.15 -9.81 40.38
CA ASN C 190 -7.07 -10.25 39.33
C ASN C 190 -7.97 -9.10 38.88
N THR C 191 -8.37 -8.24 39.81
CA THR C 191 -9.21 -7.11 39.43
C THR C 191 -8.45 -6.17 38.51
N VAL C 192 -7.20 -5.86 38.86
CA VAL C 192 -6.39 -5.02 38.00
C VAL C 192 -6.27 -5.63 36.61
N LEU C 193 -5.94 -6.91 36.55
CA LEU C 193 -5.77 -7.55 35.26
C LEU C 193 -7.06 -7.51 34.44
N VAL C 194 -8.20 -7.76 35.08
CA VAL C 194 -9.46 -7.76 34.34
C VAL C 194 -9.74 -6.36 33.80
N LEU C 195 -9.51 -5.33 34.62
CA LEU C 195 -9.72 -3.97 34.15
C LEU C 195 -8.84 -3.68 32.96
N LEU C 196 -7.57 -4.07 33.02
CA LEU C 196 -6.65 -3.81 31.92
C LEU C 196 -7.07 -4.54 30.66
N VAL C 197 -7.50 -5.79 30.80
CA VAL C 197 -7.95 -6.56 29.65
C VAL C 197 -9.15 -5.88 29.01
N ILE C 198 -10.11 -5.45 29.84
CA ILE C 198 -11.27 -4.76 29.33
C ILE C 198 -10.86 -3.49 28.59
N LEU C 199 -9.90 -2.76 29.15
CA LEU C 199 -9.46 -1.52 28.53
C LEU C 199 -8.85 -1.79 27.14
N VAL C 200 -7.91 -2.73 27.07
CA VAL C 200 -7.28 -3.02 25.78
C VAL C 200 -8.33 -3.52 24.80
N TYR C 201 -9.28 -4.32 25.28
CA TYR C 201 -10.32 -4.82 24.39
C TYR C 201 -11.15 -3.69 23.85
N LEU C 202 -11.52 -2.74 24.70
CA LEU C 202 -12.29 -1.59 24.26
C LEU C 202 -11.52 -0.81 23.20
N ILE C 203 -10.24 -0.56 23.46
CA ILE C 203 -9.45 0.26 22.55
C ILE C 203 -9.33 -0.43 21.19
N GLN C 204 -9.04 -1.73 21.20
CA GLN C 204 -8.89 -2.45 19.94
C GLN C 204 -10.22 -2.55 19.20
N PHE C 205 -11.33 -2.73 19.93
CA PHE C 205 -12.62 -2.76 19.28
C PHE C 205 -12.91 -1.44 18.60
N ALA C 206 -12.67 -0.33 19.31
CA ALA C 206 -12.87 0.99 18.71
C ALA C 206 -12.00 1.15 17.48
N GLY C 207 -10.72 0.79 17.58
CA GLY C 207 -9.81 0.95 16.45
C GLY C 207 -10.25 0.15 15.25
N ASP C 208 -10.63 -1.12 15.47
CA ASP C 208 -11.03 -1.97 14.37
C ASP C 208 -12.33 -1.48 13.74
N ARG C 209 -13.28 -1.02 14.57
CA ARG C 209 -14.53 -0.52 14.04
C ARG C 209 -14.29 0.71 13.16
N ILE C 210 -13.44 1.63 13.62
CA ILE C 210 -13.13 2.81 12.82
C ILE C 210 -12.42 2.40 11.54
N VAL C 211 -11.49 1.45 11.63
CA VAL C 211 -10.73 1.05 10.44
C VAL C 211 -11.68 0.49 9.39
N ARG C 212 -12.51 -0.48 9.77
CA ARG C 212 -13.44 -1.07 8.82
C ARG C 212 -14.41 -0.02 8.30
N ALA C 213 -14.72 1.00 9.09
CA ALA C 213 -15.55 2.09 8.58
C ALA C 213 -14.94 2.72 7.33
N VAL C 214 -13.61 2.78 7.24
CA VAL C 214 -12.93 3.40 6.11
C VAL C 214 -12.64 2.33 5.06
N THR C 215 -13.18 2.53 3.86
CA THR C 215 -13.14 1.52 2.80
C THR C 215 -11.98 1.74 1.84
N HIS D 1 3.25 28.42 -30.38
CA HIS D 1 3.26 26.95 -30.10
C HIS D 1 3.00 26.67 -28.62
N MET D 2 1.85 26.07 -28.32
CA MET D 2 1.51 25.81 -26.94
C MET D 2 2.49 24.84 -26.31
N ILE D 3 3.05 23.92 -27.09
CA ILE D 3 3.98 22.93 -26.56
C ILE D 3 5.20 22.89 -27.47
N LYS D 4 6.38 22.86 -26.85
CA LYS D 4 7.64 22.72 -27.58
C LYS D 4 8.57 21.84 -26.78
N LEU D 5 8.93 20.68 -27.33
CA LEU D 5 9.93 19.81 -26.74
C LEU D 5 11.13 19.76 -27.66
N SER D 6 12.33 19.91 -27.10
CA SER D 6 13.54 19.99 -27.89
C SER D 6 14.61 19.08 -27.32
N ASN D 7 15.14 18.20 -28.17
CA ASN D 7 16.31 17.39 -27.84
C ASN D 7 16.13 16.66 -26.52
N ILE D 8 14.99 15.98 -26.39
CA ILE D 8 14.68 15.25 -25.17
C ILE D 8 15.34 13.87 -25.20
N THR D 9 16.05 13.53 -24.13
CA THR D 9 16.72 12.24 -24.00
C THR D 9 16.57 11.77 -22.57
N LYS D 10 16.23 10.50 -22.39
CA LYS D 10 16.02 9.95 -21.07
C LYS D 10 16.64 8.56 -20.97
N VAL D 11 17.48 8.36 -19.96
CA VAL D 11 18.03 7.05 -19.64
C VAL D 11 17.41 6.57 -18.35
N PHE D 12 17.16 5.26 -18.28
CA PHE D 12 16.79 4.61 -17.03
C PHE D 12 17.83 3.56 -16.71
N HIS D 13 18.20 3.46 -15.44
CA HIS D 13 19.10 2.40 -14.96
C HIS D 13 18.25 1.44 -14.15
N GLN D 14 17.61 0.48 -14.83
CA GLN D 14 16.80 -0.49 -14.12
C GLN D 14 17.68 -1.22 -13.11
N GLY D 15 18.61 -2.00 -13.64
CA GLY D 15 19.63 -2.68 -12.86
C GLY D 15 20.92 -2.75 -13.65
N THR D 16 21.37 -3.98 -13.85
CA THR D 16 22.52 -4.32 -14.68
C THR D 16 22.66 -3.45 -15.92
N ARG D 17 21.54 -3.14 -16.57
CA ARG D 17 21.56 -2.50 -17.88
C ARG D 17 20.86 -1.15 -17.83
N THR D 18 21.32 -0.25 -18.70
CA THR D 18 20.75 1.08 -18.85
C THR D 18 20.05 1.18 -20.21
N ILE D 19 19.01 2.01 -20.26
CA ILE D 19 18.07 2.02 -21.38
C ILE D 19 17.86 3.45 -21.84
N GLN D 20 17.88 3.64 -23.17
CA GLN D 20 17.62 4.94 -23.81
C GLN D 20 16.15 5.06 -24.18
N ALA D 21 15.31 5.21 -23.15
CA ALA D 21 13.87 5.26 -23.36
C ALA D 21 13.50 6.32 -24.39
N LEU D 22 14.16 7.47 -24.34
CA LEU D 22 14.00 8.53 -25.32
C LEU D 22 15.38 9.03 -25.73
N ASN D 23 15.54 9.33 -27.02
CA ASN D 23 16.85 9.73 -27.54
C ASN D 23 16.65 10.90 -28.50
N ASN D 24 16.85 12.12 -28.00
CA ASN D 24 16.86 13.32 -28.82
C ASN D 24 15.57 13.42 -29.65
N VAL D 25 14.49 13.61 -28.92
CA VAL D 25 13.14 13.72 -29.47
C VAL D 25 12.69 15.17 -29.38
N SER D 26 12.07 15.67 -30.45
CA SER D 26 11.62 17.05 -30.53
C SER D 26 10.26 17.09 -31.19
N LEU D 27 9.36 17.90 -30.64
CA LEU D 27 7.96 17.88 -31.06
C LEU D 27 7.29 19.18 -30.67
N HIS D 28 6.54 19.78 -31.60
CA HIS D 28 5.90 21.06 -31.36
C HIS D 28 4.41 20.95 -31.66
N VAL D 29 3.59 21.45 -30.74
CA VAL D 29 2.14 21.37 -30.85
C VAL D 29 1.58 22.77 -30.74
N PRO D 30 0.86 23.28 -31.74
CA PRO D 30 0.26 24.60 -31.62
C PRO D 30 -0.89 24.65 -30.63
N ALA D 31 -1.43 25.83 -30.40
CA ALA D 31 -2.58 25.98 -29.52
C ALA D 31 -3.84 25.44 -30.20
N GLY D 32 -4.67 24.78 -29.40
CA GLY D 32 -5.90 24.23 -29.92
C GLY D 32 -5.72 23.16 -30.96
N GLN D 33 -4.56 22.51 -30.99
CA GLN D 33 -4.31 21.44 -31.94
C GLN D 33 -4.43 20.09 -31.23
N ILE D 34 -4.73 19.05 -32.01
CA ILE D 34 -4.90 17.71 -31.50
C ILE D 34 -3.86 16.81 -32.17
N TYR D 35 -3.12 16.09 -31.34
CA TYR D 35 -1.86 15.48 -31.76
C TYR D 35 -1.76 14.11 -31.12
N GLY D 36 -1.57 13.09 -31.96
CA GLY D 36 -1.52 11.72 -31.49
C GLY D 36 -0.10 11.18 -31.44
N VAL D 37 0.10 10.18 -30.59
CA VAL D 37 1.37 9.48 -30.46
C VAL D 37 1.12 7.99 -30.59
N ILE D 38 1.87 7.33 -31.47
CA ILE D 38 1.72 5.90 -31.72
C ILE D 38 3.09 5.29 -31.90
N GLY D 39 3.17 3.99 -31.67
CA GLY D 39 4.44 3.29 -31.72
C GLY D 39 4.42 1.97 -31.00
N ALA D 40 5.29 1.06 -31.42
CA ALA D 40 5.35 -0.26 -30.79
C ALA D 40 5.50 -0.13 -29.28
N SER D 41 5.02 -1.15 -28.56
CA SER D 41 5.02 -1.11 -27.11
C SER D 41 6.45 -1.00 -26.59
N GLY D 42 6.63 -0.20 -25.53
CA GLY D 42 7.94 -0.02 -24.96
C GLY D 42 8.83 0.91 -25.75
N ALA D 43 8.25 1.79 -26.57
CA ALA D 43 9.04 2.67 -27.42
C ALA D 43 9.38 3.99 -26.75
N GLY D 44 8.67 4.38 -25.70
CA GLY D 44 8.89 5.64 -25.01
C GLY D 44 7.68 6.53 -24.90
N LYS D 45 6.56 6.17 -25.53
CA LYS D 45 5.42 7.08 -25.63
C LYS D 45 5.03 7.64 -24.26
N SER D 46 4.70 6.75 -23.33
CA SER D 46 4.30 7.19 -22.00
C SER D 46 5.38 8.05 -21.37
N THR D 47 6.64 7.65 -21.54
CA THR D 47 7.75 8.46 -21.01
C THR D 47 7.70 9.87 -21.58
N LEU D 48 7.56 9.98 -22.90
CA LEU D 48 7.52 11.28 -23.54
C LEU D 48 6.37 12.12 -23.00
N ILE D 49 5.16 11.56 -22.95
CA ILE D 49 4.02 12.33 -22.48
C ILE D 49 4.23 12.78 -21.05
N ARG D 50 4.90 11.97 -20.23
CA ARG D 50 5.18 12.38 -18.86
C ARG D 50 6.20 13.50 -18.81
N CYS D 51 7.10 13.56 -19.79
CA CYS D 51 8.09 14.64 -19.82
C CYS D 51 7.44 16.02 -19.87
N VAL D 52 6.32 16.16 -20.60
CA VAL D 52 5.64 17.44 -20.66
C VAL D 52 5.21 17.87 -19.26
N ASN D 53 4.43 17.01 -18.59
CA ASN D 53 4.08 17.28 -17.20
C ASN D 53 5.31 17.42 -16.32
N LEU D 54 6.44 16.90 -16.78
CA LEU D 54 7.67 16.80 -16.01
C LEU D 54 7.55 15.78 -14.88
N LEU D 55 6.57 14.87 -14.97
CA LEU D 55 6.58 13.69 -14.11
C LEU D 55 7.81 12.83 -14.38
N GLU D 56 8.45 13.01 -15.54
CA GLU D 56 9.75 12.43 -15.84
C GLU D 56 10.69 13.58 -16.18
N ARG D 57 11.76 13.73 -15.42
CA ARG D 57 12.70 14.82 -15.63
C ARG D 57 13.73 14.39 -16.67
N PRO D 58 13.73 14.96 -17.88
CA PRO D 58 14.69 14.53 -18.89
C PRO D 58 16.11 14.83 -18.47
N THR D 59 16.99 13.85 -18.69
CA THR D 59 18.40 14.01 -18.31
C THR D 59 19.06 15.12 -19.12
N GLU D 60 18.72 15.24 -20.40
CA GLU D 60 19.14 16.36 -21.24
C GLU D 60 17.99 16.67 -22.20
N GLY D 61 17.47 17.89 -22.15
CA GLY D 61 16.36 18.26 -22.99
C GLY D 61 15.64 19.49 -22.49
N SER D 62 14.81 20.05 -23.37
CA SER D 62 14.12 21.31 -23.10
C SER D 62 12.61 21.14 -23.25
N VAL D 63 11.86 21.67 -22.29
CA VAL D 63 10.41 21.59 -22.24
C VAL D 63 9.85 22.99 -22.13
N LEU D 64 8.90 23.32 -22.99
CA LEU D 64 8.27 24.63 -22.97
C LEU D 64 6.77 24.43 -23.10
N VAL D 65 6.01 24.94 -22.14
CA VAL D 65 4.56 24.86 -22.13
C VAL D 65 4.04 26.26 -21.87
N ASP D 66 3.32 26.82 -22.84
CA ASP D 66 2.80 28.18 -22.73
C ASP D 66 3.94 29.19 -22.61
N GLY D 67 4.99 28.99 -23.40
CA GLY D 67 6.12 29.89 -23.39
C GLY D 67 6.97 29.84 -22.14
N GLN D 68 6.69 28.92 -21.22
CA GLN D 68 7.41 28.84 -19.95
C GLN D 68 8.30 27.61 -19.97
N GLU D 69 9.59 27.81 -19.77
CA GLU D 69 10.54 26.70 -19.68
C GLU D 69 10.44 26.09 -18.30
N LEU D 70 10.39 24.76 -18.24
CA LEU D 70 10.09 24.06 -17.00
C LEU D 70 11.32 23.44 -16.35
N THR D 71 12.21 22.84 -17.15
CA THR D 71 13.46 22.30 -16.62
C THR D 71 14.05 23.23 -15.58
N THR D 72 14.10 24.52 -15.90
CA THR D 72 14.64 25.54 -15.00
C THR D 72 13.45 26.34 -14.46
N LEU D 73 12.87 25.84 -13.37
CA LEU D 73 11.72 26.48 -12.75
C LEU D 73 11.63 25.98 -11.31
N SER D 74 11.20 26.86 -10.41
CA SER D 74 11.12 26.49 -9.01
C SER D 74 9.93 25.58 -8.78
N GLU D 75 10.04 24.75 -7.73
CA GLU D 75 8.97 23.81 -7.42
C GLU D 75 7.63 24.52 -7.25
N SER D 76 7.65 25.72 -6.68
CA SER D 76 6.40 26.46 -6.49
C SER D 76 5.87 26.99 -7.82
N GLU D 77 6.74 27.65 -8.60
CA GLU D 77 6.35 28.04 -9.95
C GLU D 77 5.90 26.84 -10.76
N LEU D 78 6.61 25.72 -10.63
CA LEU D 78 6.23 24.52 -11.35
C LEU D 78 4.84 24.05 -10.95
N THR D 79 4.54 24.05 -9.65
CA THR D 79 3.21 23.70 -9.18
C THR D 79 2.15 24.59 -9.81
N LYS D 80 2.38 25.91 -9.74
CA LYS D 80 1.43 26.86 -10.28
C LYS D 80 1.20 26.60 -11.77
N ALA D 81 2.27 26.32 -12.52
CA ALA D 81 2.13 26.02 -13.93
C ALA D 81 1.33 24.74 -14.15
N ARG D 82 1.66 23.69 -13.39
CA ARG D 82 0.98 22.41 -13.56
C ARG D 82 -0.51 22.53 -13.33
N ARG D 83 -0.94 23.51 -12.54
CA ARG D 83 -2.37 23.70 -12.39
C ARG D 83 -3.04 24.10 -13.71
N GLN D 84 -2.24 24.26 -14.78
CA GLN D 84 -2.78 24.54 -16.11
C GLN D 84 -2.92 23.31 -17.00
N ILE D 85 -2.41 22.16 -16.58
CA ILE D 85 -2.27 20.99 -17.44
C ILE D 85 -3.03 19.84 -16.83
N GLY D 86 -3.94 19.25 -17.60
CA GLY D 86 -4.66 18.06 -17.17
C GLY D 86 -4.00 16.82 -17.73
N MET D 87 -3.97 15.76 -16.93
CA MET D 87 -3.43 14.49 -17.36
C MET D 87 -4.42 13.38 -17.07
N ILE D 88 -4.42 12.38 -17.96
CA ILE D 88 -5.22 11.17 -17.80
C ILE D 88 -4.24 10.00 -17.86
N PHE D 89 -4.07 9.33 -16.73
CA PHE D 89 -3.16 8.20 -16.64
C PHE D 89 -3.78 6.95 -17.23
N GLN D 90 -2.91 6.05 -17.68
CA GLN D 90 -3.38 4.76 -18.18
C GLN D 90 -4.20 4.01 -17.14
N HIS D 91 -3.98 4.27 -15.84
CA HIS D 91 -4.64 3.53 -14.77
C HIS D 91 -5.39 4.41 -13.78
N PHE D 92 -5.62 5.67 -14.12
CA PHE D 92 -6.60 6.58 -13.51
C PHE D 92 -6.24 7.13 -12.14
N ASN D 93 -5.34 6.47 -11.41
CA ASN D 93 -4.88 6.94 -10.11
C ASN D 93 -5.95 7.71 -9.33
N LEU D 94 -7.11 7.11 -9.09
CA LEU D 94 -8.17 7.78 -8.34
C LEU D 94 -7.96 7.61 -6.84
N LEU D 95 -8.47 8.57 -6.07
CA LEU D 95 -8.43 8.48 -4.61
C LEU D 95 -9.57 7.59 -4.13
N SER D 96 -9.24 6.55 -3.37
CA SER D 96 -10.25 5.69 -2.79
C SER D 96 -11.01 6.39 -1.68
N SER D 97 -10.37 7.37 -1.02
CA SER D 97 -10.98 8.09 0.08
C SER D 97 -12.11 9.01 -0.35
N ARG D 98 -12.25 9.27 -1.64
CA ARG D 98 -13.20 10.26 -2.13
C ARG D 98 -14.08 9.63 -3.19
N THR D 99 -15.36 10.02 -3.18
CA THR D 99 -16.30 9.52 -4.16
C THR D 99 -15.97 10.10 -5.52
N VAL D 100 -16.76 9.69 -6.51
CA VAL D 100 -16.66 10.28 -7.85
C VAL D 100 -16.61 11.80 -7.73
N PHE D 101 -17.64 12.36 -7.09
CA PHE D 101 -17.73 13.80 -6.94
C PHE D 101 -16.48 14.37 -6.28
N GLY D 102 -15.98 13.71 -5.23
CA GLY D 102 -14.84 14.25 -4.52
C GLY D 102 -13.58 14.28 -5.38
N ASN D 103 -13.29 13.16 -6.05
CA ASN D 103 -12.15 13.13 -6.95
C ASN D 103 -12.25 14.24 -7.98
N VAL D 104 -13.43 14.42 -8.57
CA VAL D 104 -13.57 15.44 -9.60
C VAL D 104 -13.43 16.83 -9.00
N ALA D 105 -13.91 17.01 -7.77
CA ALA D 105 -13.86 18.34 -7.16
C ALA D 105 -12.45 18.73 -6.77
N LEU D 106 -11.61 17.74 -6.48
CA LEU D 106 -10.29 18.01 -5.91
C LEU D 106 -9.53 19.13 -6.61
N PRO D 107 -9.37 19.13 -7.93
CA PRO D 107 -8.59 20.22 -8.55
C PRO D 107 -9.23 21.57 -8.31
N LEU D 108 -10.56 21.63 -8.35
CA LEU D 108 -11.25 22.88 -8.03
C LEU D 108 -10.94 23.31 -6.60
N GLU D 109 -10.95 22.36 -5.67
CA GLU D 109 -10.55 22.68 -4.30
C GLU D 109 -9.17 23.31 -4.27
N LEU D 110 -8.24 22.76 -5.05
CA LEU D 110 -6.88 23.30 -5.06
C LEU D 110 -6.88 24.79 -5.33
N ASP D 111 -7.77 25.26 -6.19
CA ASP D 111 -7.90 26.69 -6.47
C ASP D 111 -8.81 27.39 -5.47
N ASN D 112 -9.14 26.74 -4.36
CA ASN D 112 -10.03 27.31 -3.35
C ASN D 112 -11.30 27.88 -3.99
N THR D 113 -11.76 27.28 -5.08
CA THR D 113 -12.94 27.79 -5.75
C THR D 113 -14.16 27.67 -4.84
N PRO D 114 -15.17 28.52 -5.04
CA PRO D 114 -16.35 28.48 -4.17
C PRO D 114 -17.01 27.11 -4.16
N LYS D 115 -17.63 26.79 -3.02
CA LYS D 115 -18.28 25.50 -2.86
C LYS D 115 -19.40 25.32 -3.88
N ASP D 116 -20.24 26.34 -4.03
CA ASP D 116 -21.34 26.27 -4.98
C ASP D 116 -20.83 26.07 -6.40
N GLU D 117 -19.79 26.82 -6.76
CA GLU D 117 -19.19 26.65 -8.08
C GLU D 117 -18.70 25.22 -8.26
N VAL D 118 -18.07 24.65 -7.21
CA VAL D 118 -17.61 23.27 -7.31
C VAL D 118 -18.78 22.34 -7.58
N LYS D 119 -19.86 22.49 -6.80
CA LYS D 119 -21.03 21.64 -7.03
C LYS D 119 -21.49 21.74 -8.48
N ARG D 120 -21.73 22.95 -8.96
CA ARG D 120 -22.26 23.14 -10.30
C ARG D 120 -21.33 22.51 -11.34
N ARG D 121 -20.06 22.89 -11.30
CA ARG D 121 -19.13 22.46 -12.33
C ARG D 121 -18.93 20.95 -12.31
N VAL D 122 -18.78 20.38 -11.12
CA VAL D 122 -18.59 18.93 -11.00
C VAL D 122 -19.82 18.21 -11.52
N THR D 123 -21.02 18.69 -11.17
CA THR D 123 -22.24 18.07 -11.66
C THR D 123 -22.30 18.14 -13.18
N GLU D 124 -21.98 19.30 -13.74
CA GLU D 124 -21.95 19.43 -15.19
C GLU D 124 -21.04 18.39 -15.80
N LEU D 125 -19.81 18.28 -15.28
CA LEU D 125 -18.86 17.32 -15.84
C LEU D 125 -19.39 15.90 -15.74
N LEU D 126 -19.95 15.53 -14.59
CA LEU D 126 -20.44 14.16 -14.43
C LEU D 126 -21.57 13.88 -15.40
N SER D 127 -22.48 14.83 -15.58
CA SER D 127 -23.52 14.66 -16.58
C SER D 127 -22.91 14.46 -17.96
N LEU D 128 -21.87 15.23 -18.27
CA LEU D 128 -21.26 15.13 -19.59
C LEU D 128 -20.65 13.75 -19.81
N VAL D 129 -20.02 13.18 -18.78
CA VAL D 129 -19.42 11.87 -18.91
C VAL D 129 -20.45 10.79 -18.60
N GLY D 130 -21.72 11.19 -18.46
CA GLY D 130 -22.77 10.24 -18.18
C GLY D 130 -22.72 9.62 -16.80
N LEU D 131 -21.84 10.11 -15.93
CA LEU D 131 -21.77 9.63 -14.56
C LEU D 131 -22.63 10.46 -13.62
N GLY D 132 -23.68 11.10 -14.13
CA GLY D 132 -24.53 11.90 -13.27
C GLY D 132 -25.01 11.14 -12.06
N ASP D 133 -25.42 9.88 -12.26
CA ASP D 133 -26.01 9.09 -11.20
C ASP D 133 -24.99 8.44 -10.27
N LYS D 134 -23.70 8.51 -10.59
CA LYS D 134 -22.67 7.83 -9.81
C LYS D 134 -21.86 8.76 -8.91
N HIS D 135 -22.28 10.02 -8.78
CA HIS D 135 -21.42 11.04 -8.17
C HIS D 135 -20.93 10.63 -6.79
N ASP D 136 -21.75 9.95 -6.00
CA ASP D 136 -21.43 9.71 -4.60
C ASP D 136 -20.96 8.30 -4.29
N SER D 137 -20.59 7.53 -5.30
CA SER D 137 -20.05 6.19 -5.08
C SER D 137 -18.52 6.23 -5.12
N TYR D 138 -17.90 5.15 -4.62
CA TYR D 138 -16.45 5.13 -4.52
C TYR D 138 -15.83 4.34 -5.66
N PRO D 139 -14.59 4.67 -6.02
CA PRO D 139 -13.93 3.95 -7.12
C PRO D 139 -13.90 2.44 -6.92
N SER D 140 -13.87 1.97 -5.68
CA SER D 140 -13.87 0.53 -5.45
C SER D 140 -15.17 -0.12 -5.88
N ASN D 141 -16.21 0.66 -6.18
CA ASN D 141 -17.51 0.14 -6.58
C ASN D 141 -17.79 0.37 -8.05
N LEU D 142 -16.78 0.71 -8.83
CA LEU D 142 -16.97 1.20 -10.19
C LEU D 142 -16.31 0.26 -11.19
N SER D 143 -16.97 0.06 -12.31
CA SER D 143 -16.38 -0.66 -13.41
C SER D 143 -15.27 0.17 -14.04
N GLY D 144 -14.40 -0.50 -14.81
CA GLY D 144 -13.26 0.18 -15.40
C GLY D 144 -13.63 1.42 -16.17
N GLY D 145 -14.55 1.29 -17.13
CA GLY D 145 -14.97 2.44 -17.91
C GLY D 145 -15.44 3.60 -17.04
N GLN D 146 -16.19 3.29 -15.98
CA GLN D 146 -16.67 4.35 -15.10
C GLN D 146 -15.51 5.09 -14.47
N LYS D 147 -14.51 4.36 -13.98
CA LYS D 147 -13.36 5.00 -13.37
C LYS D 147 -12.57 5.81 -14.39
N GLN D 148 -12.47 5.30 -15.62
CA GLN D 148 -11.80 6.05 -16.67
C GLN D 148 -12.50 7.38 -16.92
N ARG D 149 -13.83 7.36 -16.95
CA ARG D 149 -14.57 8.60 -17.16
C ARG D 149 -14.43 9.52 -15.95
N VAL D 150 -14.36 8.96 -14.74
CA VAL D 150 -14.05 9.76 -13.56
C VAL D 150 -12.74 10.52 -13.78
N ALA D 151 -11.71 9.78 -14.19
CA ALA D 151 -10.41 10.39 -14.42
C ALA D 151 -10.50 11.49 -15.48
N ILE D 152 -11.23 11.23 -16.55
CA ILE D 152 -11.40 12.24 -17.59
C ILE D 152 -12.01 13.52 -16.99
N ALA D 153 -13.13 13.36 -16.29
CA ALA D 153 -13.80 14.52 -15.71
C ALA D 153 -12.84 15.30 -14.81
N ARG D 154 -12.07 14.61 -13.98
CA ARG D 154 -11.14 15.32 -13.12
C ARG D 154 -10.11 16.07 -13.95
N ALA D 155 -9.57 15.44 -14.99
CA ALA D 155 -8.63 16.11 -15.87
C ALA D 155 -9.20 17.42 -16.39
N LEU D 156 -10.48 17.42 -16.77
CA LEU D 156 -11.09 18.61 -17.33
C LEU D 156 -11.63 19.56 -16.28
N ALA D 157 -11.59 19.19 -15.00
CA ALA D 157 -12.20 20.00 -13.96
C ALA D 157 -11.72 21.45 -14.03
N SER D 158 -10.40 21.65 -14.08
CA SER D 158 -9.83 22.98 -13.93
C SER D 158 -9.77 23.77 -15.23
N ASN D 159 -10.44 23.31 -16.28
CA ASN D 159 -10.40 23.97 -17.58
C ASN D 159 -8.96 24.25 -17.99
N PRO D 160 -8.11 23.23 -18.07
CA PRO D 160 -6.70 23.47 -18.41
C PRO D 160 -6.51 23.79 -19.89
N LYS D 161 -5.39 24.42 -20.20
CA LYS D 161 -5.04 24.74 -21.57
C LYS D 161 -4.49 23.55 -22.35
N VAL D 162 -4.04 22.51 -21.65
CA VAL D 162 -3.39 21.37 -22.28
C VAL D 162 -3.91 20.09 -21.66
N LEU D 163 -4.10 19.07 -22.50
CA LEU D 163 -4.49 17.75 -22.03
C LEU D 163 -3.49 16.71 -22.49
N LEU D 164 -3.11 15.83 -21.57
CA LEU D 164 -2.21 14.71 -21.86
C LEU D 164 -2.94 13.40 -21.60
N CYS D 165 -3.37 12.73 -22.68
CA CYS D 165 -4.08 11.47 -22.58
C CYS D 165 -3.09 10.31 -22.70
N ASP D 166 -3.15 9.34 -21.79
CA ASP D 166 -2.44 8.07 -21.95
C ASP D 166 -3.50 7.00 -22.14
N GLN D 167 -3.96 6.84 -23.38
CA GLN D 167 -4.94 5.80 -23.73
C GLN D 167 -6.22 6.02 -22.93
N ALA D 168 -6.74 7.24 -23.00
CA ALA D 168 -7.87 7.67 -22.17
C ALA D 168 -9.21 7.08 -22.59
N THR D 169 -9.30 6.32 -23.69
CA THR D 169 -10.56 5.72 -24.09
C THR D 169 -10.42 4.22 -24.31
N SER D 170 -9.41 3.60 -23.71
CA SER D 170 -9.14 2.18 -23.95
C SER D 170 -10.14 1.29 -23.23
N ALA D 171 -10.71 1.76 -22.12
CA ALA D 171 -11.66 0.99 -21.34
C ALA D 171 -13.11 1.41 -21.62
N LEU D 172 -13.37 2.02 -22.76
CA LEU D 172 -14.70 2.52 -23.09
C LEU D 172 -15.19 1.87 -24.37
N ASP D 173 -16.40 1.33 -24.30
CA ASP D 173 -17.09 0.74 -25.44
C ASP D 173 -17.19 1.75 -26.59
N PRO D 174 -17.43 1.28 -27.81
CA PRO D 174 -17.45 2.21 -28.95
C PRO D 174 -18.37 3.41 -28.75
N ALA D 175 -19.56 3.21 -28.20
CA ALA D 175 -20.50 4.32 -28.06
C ALA D 175 -19.98 5.36 -27.08
N THR D 176 -19.65 4.92 -25.87
CA THR D 176 -19.06 5.81 -24.89
C THR D 176 -17.82 6.49 -25.45
N THR D 177 -17.00 5.71 -26.16
CA THR D 177 -15.81 6.27 -26.79
C THR D 177 -16.17 7.44 -27.69
N ARG D 178 -17.15 7.25 -28.58
CA ARG D 178 -17.51 8.33 -29.50
C ARG D 178 -18.04 9.54 -28.75
N SER D 179 -18.89 9.32 -27.74
CA SER D 179 -19.39 10.45 -26.96
C SER D 179 -18.23 11.25 -26.39
N ILE D 180 -17.26 10.57 -25.79
CA ILE D 180 -16.14 11.25 -25.15
C ILE D 180 -15.34 12.03 -26.18
N LEU D 181 -15.04 11.42 -27.31
CA LEU D 181 -14.21 12.09 -28.31
C LEU D 181 -14.95 13.28 -28.91
N GLU D 182 -16.25 13.15 -29.13
CA GLU D 182 -17.06 14.29 -29.55
C GLU D 182 -16.92 15.43 -28.55
N LEU D 183 -16.98 15.12 -27.26
CA LEU D 183 -16.82 16.14 -26.24
C LEU D 183 -15.45 16.82 -26.37
N LEU D 184 -14.40 16.04 -26.51
CA LEU D 184 -13.07 16.64 -26.62
C LEU D 184 -12.99 17.56 -27.83
N LYS D 185 -13.52 17.12 -28.96
CA LYS D 185 -13.49 17.94 -30.16
C LYS D 185 -14.24 19.25 -29.93
N ASP D 186 -15.42 19.16 -29.30
CA ASP D 186 -16.18 20.37 -29.01
C ASP D 186 -15.35 21.32 -28.16
N ILE D 187 -14.72 20.81 -27.12
CA ILE D 187 -13.92 21.66 -26.26
C ILE D 187 -12.76 22.25 -27.03
N ASN D 188 -12.08 21.43 -27.82
CA ASN D 188 -10.92 21.90 -28.57
C ASN D 188 -11.30 23.06 -29.48
N ARG D 189 -12.45 22.95 -30.15
CA ARG D 189 -12.85 23.98 -31.09
C ARG D 189 -13.60 25.14 -30.44
N ARG D 190 -14.05 24.98 -29.20
CA ARG D 190 -14.74 26.05 -28.48
C ARG D 190 -13.75 26.88 -27.69
N LEU D 191 -12.98 26.24 -26.81
CA LEU D 191 -12.01 26.91 -25.94
C LEU D 191 -10.57 26.68 -26.42
N GLY D 192 -10.39 26.28 -27.67
CA GLY D 192 -9.04 26.14 -28.22
C GLY D 192 -8.12 25.27 -27.39
N LEU D 193 -8.62 24.13 -26.91
CA LEU D 193 -7.81 23.26 -26.07
C LEU D 193 -6.80 22.49 -26.91
N THR D 194 -5.55 22.48 -26.45
CA THR D 194 -4.49 21.69 -27.07
C THR D 194 -4.45 20.30 -26.42
N ILE D 195 -4.26 19.28 -27.24
CA ILE D 195 -4.34 17.90 -26.80
C ILE D 195 -3.15 17.12 -27.35
N LEU D 196 -2.51 16.34 -26.49
CA LEU D 196 -1.54 15.34 -26.90
C LEU D 196 -1.94 14.01 -26.28
N LEU D 197 -1.99 12.96 -27.09
CA LEU D 197 -2.60 11.71 -26.65
C LEU D 197 -1.82 10.51 -27.19
N ILE D 198 -1.74 9.48 -26.36
CA ILE D 198 -1.19 8.18 -26.74
C ILE D 198 -2.35 7.25 -27.05
N THR D 199 -2.17 6.38 -28.05
CA THR D 199 -3.20 5.42 -28.39
C THR D 199 -2.59 4.28 -29.18
N HIS D 200 -3.18 3.09 -29.03
CA HIS D 200 -2.95 1.98 -29.93
C HIS D 200 -4.11 1.75 -30.87
N GLU D 201 -5.16 2.56 -30.78
CA GLU D 201 -6.32 2.46 -31.63
C GLU D 201 -6.16 3.51 -32.71
N MET D 202 -5.51 3.13 -33.82
CA MET D 202 -5.39 4.04 -34.95
C MET D 202 -6.73 4.68 -35.26
N ASP D 203 -7.81 3.92 -35.09
CA ASP D 203 -9.16 4.45 -35.17
C ASP D 203 -9.27 5.83 -34.51
N VAL D 204 -8.91 5.92 -33.23
CA VAL D 204 -8.93 7.19 -32.53
C VAL D 204 -8.08 8.22 -33.27
N VAL D 205 -6.86 7.82 -33.64
CA VAL D 205 -5.92 8.74 -34.25
C VAL D 205 -6.58 9.46 -35.42
N LYS D 206 -7.01 8.68 -36.41
CA LYS D 206 -7.66 9.27 -37.57
C LYS D 206 -9.09 9.71 -37.26
N ARG D 207 -9.55 9.55 -36.02
CA ARG D 207 -10.84 10.12 -35.66
C ARG D 207 -10.72 11.59 -35.28
N ILE D 208 -9.75 11.95 -34.44
CA ILE D 208 -9.67 13.35 -34.01
C ILE D 208 -8.29 13.97 -34.16
N CYS D 209 -7.20 13.22 -34.22
CA CYS D 209 -5.88 13.83 -34.24
C CYS D 209 -5.73 14.72 -35.47
N ASP D 210 -5.28 15.95 -35.24
CA ASP D 210 -4.91 16.81 -36.37
C ASP D 210 -3.58 16.39 -36.95
N CYS D 211 -2.59 16.13 -36.10
CA CYS D 211 -1.31 15.61 -36.54
C CYS D 211 -0.95 14.40 -35.72
N VAL D 212 -0.02 13.60 -36.24
CA VAL D 212 0.35 12.34 -35.61
C VAL D 212 1.86 12.22 -35.56
N ALA D 213 2.33 11.47 -34.57
CA ALA D 213 3.75 11.22 -34.36
C ALA D 213 3.95 9.74 -34.08
N VAL D 214 5.07 9.21 -34.56
CA VAL D 214 5.36 7.80 -34.51
C VAL D 214 6.71 7.61 -33.83
N ILE D 215 6.81 6.62 -32.96
CA ILE D 215 7.99 6.45 -32.11
C ILE D 215 8.47 5.01 -32.21
N SER D 216 9.79 4.85 -32.38
CA SER D 216 10.44 3.56 -32.38
C SER D 216 11.75 3.68 -31.63
N ASN D 217 11.95 2.77 -30.68
CA ASN D 217 13.18 2.71 -29.89
C ASN D 217 13.59 4.11 -29.42
N GLY D 218 12.67 4.75 -28.70
CA GLY D 218 12.97 6.04 -28.11
C GLY D 218 13.30 7.14 -29.08
N GLU D 219 12.91 6.98 -30.35
CA GLU D 219 13.23 7.95 -31.39
C GLU D 219 11.96 8.30 -32.15
N LEU D 220 11.79 9.59 -32.43
CA LEU D 220 10.61 10.10 -33.12
C LEU D 220 10.82 9.87 -34.60
N ILE D 221 10.34 8.73 -35.09
CA ILE D 221 10.54 8.35 -36.49
C ILE D 221 9.98 9.43 -37.42
N GLU D 222 8.70 9.76 -37.27
CA GLU D 222 8.16 10.81 -38.11
C GLU D 222 6.91 11.41 -37.47
N GLN D 223 6.64 12.66 -37.82
CA GLN D 223 5.40 13.35 -37.46
C GLN D 223 4.87 14.01 -38.73
N ASP D 224 3.55 13.95 -38.90
CA ASP D 224 2.91 14.51 -40.09
C ASP D 224 1.42 14.53 -39.84
N THR D 225 0.67 14.99 -40.83
CA THR D 225 -0.78 14.89 -40.76
C THR D 225 -1.19 13.43 -40.77
N VAL D 226 -2.35 13.16 -40.18
CA VAL D 226 -2.87 11.79 -40.09
C VAL D 226 -2.70 11.09 -41.43
N SER D 227 -3.21 11.71 -42.49
CA SER D 227 -3.15 11.09 -43.81
C SER D 227 -1.70 10.82 -44.20
N GLU D 228 -0.89 11.87 -44.23
CA GLU D 228 0.48 11.75 -44.70
C GLU D 228 1.23 10.64 -43.98
N VAL D 229 0.93 10.40 -42.71
CA VAL D 229 1.57 9.30 -42.00
C VAL D 229 0.98 7.98 -42.45
N PHE D 230 -0.35 7.87 -42.44
CA PHE D 230 -0.99 6.65 -42.90
C PHE D 230 -1.00 6.52 -44.42
N SER D 231 -0.45 7.49 -45.13
CA SER D 231 -0.47 7.50 -46.59
C SER D 231 0.91 7.89 -47.09
N HIS D 232 1.52 6.99 -47.86
CA HIS D 232 2.92 7.07 -48.27
C HIS D 232 3.80 7.64 -47.14
N PRO D 233 3.85 6.97 -46.00
CA PRO D 233 4.86 7.31 -45.00
C PRO D 233 6.26 7.01 -45.51
N LYS D 234 7.22 7.63 -44.84
CA LYS D 234 8.63 7.48 -45.14
C LYS D 234 9.28 6.52 -44.13
N THR D 235 10.62 6.47 -44.12
CA THR D 235 11.33 5.79 -43.05
C THR D 235 10.94 4.33 -42.87
N PRO D 236 11.58 3.41 -43.62
CA PRO D 236 11.17 1.99 -43.58
C PRO D 236 10.63 1.51 -42.25
N LEU D 237 11.19 1.98 -41.14
CA LEU D 237 10.61 1.67 -39.84
C LEU D 237 9.17 2.15 -39.78
N ALA D 238 8.94 3.41 -40.12
CA ALA D 238 7.60 3.99 -40.01
C ALA D 238 6.62 3.25 -40.90
N GLN D 239 6.97 3.09 -42.17
CA GLN D 239 6.06 2.41 -43.09
C GLN D 239 5.84 0.96 -42.69
N LYS D 240 6.86 0.32 -42.12
CA LYS D 240 6.68 -1.02 -41.59
C LYS D 240 5.63 -1.02 -40.48
N PHE D 241 5.76 -0.09 -39.54
CA PHE D 241 4.77 0.04 -38.48
C PHE D 241 3.37 0.25 -39.06
N ILE D 242 3.25 1.19 -40.00
CA ILE D 242 1.96 1.50 -40.58
C ILE D 242 1.38 0.26 -41.24
N GLN D 243 2.20 -0.47 -42.00
CA GLN D 243 1.78 -1.75 -42.54
C GLN D 243 1.24 -2.63 -41.43
N SER D 244 1.89 -2.62 -40.27
CA SER D 244 1.40 -3.38 -39.13
C SER D 244 -0.02 -2.95 -38.76
N THR D 245 -0.33 -1.66 -38.90
CA THR D 245 -1.66 -1.17 -38.56
C THR D 245 -2.70 -1.51 -39.61
N LEU D 246 -2.29 -2.02 -40.76
CA LEU D 246 -3.23 -2.45 -41.78
C LEU D 246 -3.73 -3.86 -41.46
N HIS D 247 -4.86 -4.22 -42.07
CA HIS D 247 -5.50 -5.48 -41.68
C HIS D 247 -4.94 -6.68 -42.44
N LEU D 248 -5.00 -6.67 -43.77
CA LEU D 248 -4.46 -7.77 -44.56
C LEU D 248 -4.92 -9.11 -43.97
N ASP D 249 -6.23 -9.34 -44.08
CA ASP D 249 -6.86 -10.41 -43.33
C ASP D 249 -6.79 -11.74 -44.07
N ILE D 250 -7.12 -11.75 -45.35
CA ILE D 250 -7.16 -12.99 -46.14
C ILE D 250 -7.94 -14.03 -45.34
N PRO D 251 -9.26 -13.91 -45.23
CA PRO D 251 -10.01 -14.83 -44.38
C PRO D 251 -9.64 -16.27 -44.67
N GLU D 252 -9.60 -17.09 -43.60
CA GLU D 252 -9.17 -18.47 -43.73
C GLU D 252 -9.89 -19.18 -44.86
N ASP D 253 -11.14 -18.78 -45.13
CA ASP D 253 -11.89 -19.37 -46.23
C ASP D 253 -11.14 -19.23 -47.54
N TYR D 254 -10.67 -18.02 -47.84
CA TYR D 254 -9.95 -17.79 -49.09
C TYR D 254 -8.57 -18.40 -49.05
N GLN D 255 -7.92 -18.38 -47.88
CA GLN D 255 -6.63 -19.06 -47.75
C GLN D 255 -6.74 -20.52 -48.17
N GLU D 256 -7.79 -21.20 -47.70
CA GLU D 256 -7.97 -22.61 -48.03
C GLU D 256 -8.11 -22.80 -49.54
N ARG D 257 -8.92 -21.96 -50.18
CA ARG D 257 -9.24 -22.10 -51.59
C ARG D 257 -8.27 -21.39 -52.52
N LEU D 258 -7.20 -20.80 -52.00
CA LEU D 258 -6.31 -20.00 -52.83
C LEU D 258 -5.35 -20.89 -53.62
N GLN D 259 -5.14 -20.54 -54.88
CA GLN D 259 -4.25 -21.27 -55.77
C GLN D 259 -3.24 -20.30 -56.36
N ALA D 260 -1.94 -20.59 -56.16
CA ALA D 260 -0.90 -19.73 -56.72
C ALA D 260 -0.96 -19.70 -58.24
N GLU D 261 -1.51 -20.73 -58.87
CA GLU D 261 -1.52 -20.81 -60.32
C GLU D 261 -2.88 -20.43 -60.89
N PRO D 262 -2.93 -19.66 -61.97
CA PRO D 262 -4.21 -19.41 -62.65
C PRO D 262 -4.65 -20.66 -63.38
N PHE D 263 -5.91 -21.00 -63.21
CA PHE D 263 -6.55 -22.10 -63.93
C PHE D 263 -7.68 -21.54 -64.76
N THR D 264 -8.20 -22.37 -65.65
CA THR D 264 -9.29 -21.91 -66.51
C THR D 264 -10.46 -21.46 -65.66
N ASP D 265 -11.11 -20.38 -66.10
CA ASP D 265 -12.26 -19.83 -65.38
C ASP D 265 -11.87 -19.42 -63.96
N CYS D 266 -10.62 -19.01 -63.78
CA CYS D 266 -10.18 -18.55 -62.48
C CYS D 266 -10.64 -17.13 -62.24
N VAL D 267 -10.74 -16.76 -60.97
CA VAL D 267 -11.09 -15.40 -60.57
C VAL D 267 -9.93 -14.86 -59.75
N PRO D 268 -9.15 -13.92 -60.27
CA PRO D 268 -8.04 -13.38 -59.48
C PRO D 268 -8.50 -12.73 -58.19
N MET D 269 -7.76 -12.99 -57.12
CA MET D 269 -7.94 -12.33 -55.84
C MET D 269 -6.82 -11.31 -55.65
N LEU D 270 -7.17 -10.08 -55.30
CA LEU D 270 -6.20 -9.01 -55.33
C LEU D 270 -6.40 -8.05 -54.16
N ARG D 271 -5.28 -7.65 -53.56
CA ARG D 271 -5.24 -6.61 -52.55
C ARG D 271 -4.88 -5.28 -53.22
N LEU D 272 -5.62 -4.23 -52.84
CA LEU D 272 -5.41 -2.89 -53.37
C LEU D 272 -5.04 -1.96 -52.21
N GLU D 273 -4.15 -1.02 -52.49
CA GLU D 273 -3.75 -0.02 -51.51
C GLU D 273 -3.86 1.36 -52.15
N PHE D 274 -4.64 2.24 -51.52
CA PHE D 274 -4.83 3.62 -51.95
C PHE D 274 -4.00 4.52 -51.05
N THR D 275 -3.08 5.28 -51.64
CA THR D 275 -2.17 6.16 -50.91
C THR D 275 -2.32 7.57 -51.47
N GLY D 276 -3.16 8.39 -50.84
CA GLY D 276 -3.39 9.73 -51.28
C GLY D 276 -3.92 9.82 -52.70
N GLN D 277 -5.08 9.20 -52.94
CA GLN D 277 -5.72 9.20 -54.24
C GLN D 277 -6.88 10.20 -54.27
N SER D 278 -7.21 10.66 -55.47
CA SER D 278 -8.28 11.62 -55.65
C SER D 278 -9.63 10.99 -55.32
N VAL D 279 -10.29 11.50 -54.28
CA VAL D 279 -11.57 10.95 -53.86
C VAL D 279 -12.58 11.02 -54.99
N ASP D 280 -12.71 12.17 -55.64
CA ASP D 280 -13.68 12.31 -56.71
C ASP D 280 -13.44 11.29 -57.82
N ALA D 281 -12.18 10.95 -58.05
CA ALA D 281 -11.83 10.05 -59.14
C ALA D 281 -12.52 8.71 -58.94
N PRO D 282 -13.52 8.39 -59.76
CA PRO D 282 -14.12 7.05 -59.69
C PRO D 282 -13.27 6.09 -60.52
N LEU D 283 -12.65 5.13 -59.84
CA LEU D 283 -11.71 4.22 -60.50
C LEU D 283 -12.27 2.83 -60.71
N LEU D 284 -12.98 2.30 -59.70
CA LEU D 284 -13.51 0.95 -59.82
C LEU D 284 -14.83 0.94 -60.55
N SER D 285 -15.68 1.94 -60.30
CA SER D 285 -16.84 2.14 -61.15
C SER D 285 -16.40 2.32 -62.60
N GLU D 286 -15.39 3.16 -62.81
CA GLU D 286 -14.86 3.38 -64.14
C GLU D 286 -14.27 2.10 -64.72
N THR D 287 -13.53 1.35 -63.90
CA THR D 287 -12.95 0.09 -64.37
C THR D 287 -14.03 -0.89 -64.80
N ALA D 288 -15.08 -1.01 -63.99
CA ALA D 288 -16.19 -1.89 -64.33
C ALA D 288 -16.82 -1.47 -65.66
N ARG D 289 -17.04 -0.16 -65.83
CA ARG D 289 -17.64 0.30 -67.07
C ARG D 289 -16.73 0.04 -68.26
N ARG D 290 -15.41 0.17 -68.07
CA ARG D 290 -14.47 0.06 -69.18
C ARG D 290 -14.20 -1.38 -69.59
N PHE D 291 -13.67 -2.19 -68.68
CA PHE D 291 -13.22 -3.53 -69.02
C PHE D 291 -14.26 -4.61 -68.81
N ASN D 292 -15.48 -4.25 -68.39
CA ASN D 292 -16.51 -5.21 -68.03
C ASN D 292 -15.93 -6.28 -67.09
N VAL D 293 -15.14 -5.82 -66.11
CA VAL D 293 -14.70 -6.68 -65.03
C VAL D 293 -15.56 -6.34 -63.82
N ASN D 294 -15.55 -7.24 -62.84
CA ASN D 294 -16.37 -7.08 -61.65
C ASN D 294 -15.46 -7.15 -60.43
N ASN D 295 -15.46 -6.08 -59.65
CA ASN D 295 -14.60 -5.94 -58.48
C ASN D 295 -15.49 -6.11 -57.26
N ALA D 296 -15.46 -7.31 -56.67
CA ALA D 296 -16.29 -7.64 -55.52
C ALA D 296 -15.49 -7.36 -54.26
N ILE D 297 -15.89 -6.31 -53.52
CA ILE D 297 -15.17 -5.91 -52.31
C ILE D 297 -15.34 -7.02 -51.27
N ILE D 298 -14.26 -7.74 -50.98
CA ILE D 298 -14.28 -8.69 -49.87
C ILE D 298 -14.20 -7.93 -48.55
N SER D 299 -13.17 -7.11 -48.41
CA SER D 299 -12.97 -6.32 -47.20
C SER D 299 -12.49 -4.94 -47.60
N ALA D 300 -12.68 -3.96 -46.72
CA ALA D 300 -12.27 -2.61 -47.03
C ALA D 300 -11.95 -1.83 -45.76
N GLN D 301 -10.79 -1.19 -45.75
CA GLN D 301 -10.47 -0.13 -44.81
C GLN D 301 -10.13 1.11 -45.63
N MET D 302 -11.04 2.08 -45.64
CA MET D 302 -10.86 3.32 -46.40
C MET D 302 -11.19 4.50 -45.50
N ASP D 303 -10.28 5.46 -45.43
CA ASP D 303 -10.45 6.66 -44.62
C ASP D 303 -10.11 7.87 -45.45
N TYR D 304 -10.75 9.00 -45.12
CA TYR D 304 -10.60 10.24 -45.87
C TYR D 304 -9.97 11.31 -44.99
N ALA D 305 -9.00 12.03 -45.55
CA ALA D 305 -8.41 13.16 -44.84
C ALA D 305 -7.73 14.06 -45.86
N GLY D 306 -7.75 15.36 -45.57
CA GLY D 306 -7.15 16.35 -46.44
C GLY D 306 -7.43 16.12 -47.91
N GLY D 307 -8.70 15.92 -48.26
CA GLY D 307 -9.10 15.81 -49.64
C GLY D 307 -8.71 14.55 -50.35
N VAL D 308 -8.20 13.53 -49.64
CA VAL D 308 -7.78 12.29 -50.28
C VAL D 308 -8.31 11.08 -49.50
N LYS D 309 -8.34 9.94 -50.18
CA LYS D 309 -8.84 8.70 -49.62
C LYS D 309 -7.73 7.66 -49.65
N PHE D 310 -7.51 6.97 -48.53
CA PHE D 310 -6.41 6.03 -48.38
C PHE D 310 -6.89 4.78 -47.63
N GLY D 311 -6.12 3.71 -47.74
CA GLY D 311 -6.45 2.46 -47.08
C GLY D 311 -6.42 1.28 -48.04
N ILE D 312 -6.59 0.09 -47.45
CA ILE D 312 -6.51 -1.17 -48.20
C ILE D 312 -7.91 -1.69 -48.52
N MET D 313 -7.98 -2.53 -49.54
CA MET D 313 -9.23 -3.11 -50.01
C MET D 313 -8.94 -4.49 -50.60
N LEU D 314 -9.55 -5.53 -50.04
CA LEU D 314 -9.42 -6.89 -50.54
C LEU D 314 -10.60 -7.18 -51.46
N THR D 315 -10.31 -7.59 -52.70
CA THR D 315 -11.36 -7.73 -53.70
C THR D 315 -11.10 -8.91 -54.63
N GLU D 316 -12.16 -9.31 -55.32
CA GLU D 316 -12.09 -10.25 -56.43
C GLU D 316 -12.17 -9.48 -57.74
N MET D 317 -11.31 -9.82 -58.70
CA MET D 317 -11.42 -9.28 -60.05
C MET D 317 -12.09 -10.34 -60.91
N HIS D 318 -13.33 -10.08 -61.29
CA HIS D 318 -14.14 -11.03 -62.02
C HIS D 318 -14.12 -10.73 -63.51
N GLY D 319 -14.06 -11.79 -64.32
CA GLY D 319 -14.07 -11.67 -65.76
C GLY D 319 -13.10 -12.65 -66.39
N THR D 320 -12.53 -12.26 -67.52
CA THR D 320 -11.56 -13.10 -68.21
C THR D 320 -10.16 -12.74 -67.75
N GLN D 321 -9.31 -13.74 -67.59
CA GLN D 321 -7.96 -13.51 -67.09
C GLN D 321 -7.32 -12.33 -67.80
N GLN D 322 -7.53 -12.22 -69.11
CA GLN D 322 -6.98 -11.09 -69.85
C GLN D 322 -7.62 -9.78 -69.40
N ASP D 323 -8.95 -9.74 -69.35
CA ASP D 323 -9.64 -8.55 -68.86
C ASP D 323 -9.18 -8.19 -67.45
N THR D 324 -9.02 -9.19 -66.60
CA THR D 324 -8.58 -8.94 -65.23
C THR D 324 -7.21 -8.29 -65.22
N GLN D 325 -6.28 -8.82 -66.01
CA GLN D 325 -4.92 -8.27 -66.02
C GLN D 325 -4.91 -6.86 -66.62
N ALA D 326 -5.73 -6.61 -67.64
CA ALA D 326 -5.80 -5.27 -68.20
C ALA D 326 -6.34 -4.27 -67.18
N ALA D 327 -7.40 -4.65 -66.47
CA ALA D 327 -7.95 -3.78 -65.44
C ALA D 327 -6.91 -3.51 -64.36
N ILE D 328 -6.17 -4.55 -63.97
CA ILE D 328 -5.09 -4.37 -62.99
C ILE D 328 -4.07 -3.36 -63.51
N ALA D 329 -3.69 -3.50 -64.78
CA ALA D 329 -2.74 -2.57 -65.37
C ALA D 329 -3.23 -1.13 -65.28
N TRP D 330 -4.50 -0.89 -65.66
CA TRP D 330 -5.04 0.47 -65.61
C TRP D 330 -5.04 1.01 -64.18
N LEU D 331 -5.51 0.19 -63.23
CA LEU D 331 -5.55 0.65 -61.85
C LEU D 331 -4.16 1.00 -61.35
N GLN D 332 -3.15 0.21 -61.73
CA GLN D 332 -1.79 0.57 -61.36
C GLN D 332 -1.36 1.87 -62.04
N GLU D 333 -1.77 2.06 -63.31
CA GLU D 333 -1.50 3.33 -63.98
C GLU D 333 -1.92 4.49 -63.11
N HIS D 334 -3.10 4.38 -62.47
CA HIS D 334 -3.63 5.49 -61.68
C HIS D 334 -3.19 5.42 -60.22
N HIS D 335 -2.01 4.85 -59.95
CA HIS D 335 -1.34 4.96 -58.65
C HIS D 335 -2.04 4.16 -57.56
N VAL D 336 -2.75 3.11 -57.92
CA VAL D 336 -3.29 2.17 -56.95
C VAL D 336 -2.31 1.01 -56.85
N LYS D 337 -1.77 0.78 -55.67
CA LYS D 337 -0.79 -0.28 -55.48
C LYS D 337 -1.53 -1.61 -55.42
N VAL D 338 -1.39 -2.42 -56.48
CA VAL D 338 -2.13 -3.67 -56.61
C VAL D 338 -1.17 -4.83 -56.44
N GLU D 339 -1.59 -5.84 -55.66
CA GLU D 339 -0.85 -7.09 -55.54
C GLU D 339 -1.83 -8.23 -55.70
N VAL D 340 -1.58 -9.10 -56.68
CA VAL D 340 -2.42 -10.28 -56.88
C VAL D 340 -1.92 -11.38 -55.96
N LEU D 341 -2.83 -11.92 -55.15
CA LEU D 341 -2.46 -12.89 -54.13
C LEU D 341 -2.60 -14.32 -54.61
N GLY D 342 -3.48 -14.56 -55.58
CA GLY D 342 -3.70 -15.90 -56.08
C GLY D 342 -4.90 -15.91 -57.00
N TYR D 343 -5.45 -17.11 -57.21
CA TYR D 343 -6.61 -17.30 -58.06
C TYR D 343 -7.60 -18.19 -57.34
N VAL D 344 -8.82 -17.69 -57.16
CA VAL D 344 -9.90 -18.46 -56.56
C VAL D 344 -10.98 -18.68 -57.61
N LYS E 1 1.75 17.93 52.04
CA LYS E 1 2.18 16.84 51.17
C LYS E 1 3.45 16.21 51.70
N VAL E 2 3.63 14.91 51.48
CA VAL E 2 4.77 14.18 52.00
C VAL E 2 5.23 13.16 50.96
N GLY E 3 6.53 13.14 50.68
CA GLY E 3 7.08 12.11 49.84
C GLY E 3 7.30 10.81 50.59
N VAL E 4 7.25 9.70 49.86
CA VAL E 4 7.43 8.37 50.42
C VAL E 4 8.05 7.50 49.33
N ILE E 5 8.60 6.36 49.74
CA ILE E 5 9.19 5.41 48.80
C ILE E 5 8.15 4.33 48.51
N VAL E 6 8.23 3.75 47.31
CA VAL E 6 7.32 2.70 46.90
C VAL E 6 7.83 1.36 47.38
N GLY E 7 8.87 1.37 48.21
CA GLY E 7 9.36 0.16 48.82
C GLY E 7 8.40 -0.34 49.88
N ALA E 8 8.88 -1.29 50.68
CA ALA E 8 8.07 -1.86 51.76
C ALA E 8 7.82 -0.87 52.88
N GLU E 9 8.62 0.18 52.99
CA GLU E 9 8.51 1.14 54.09
C GLU E 9 7.35 2.12 53.82
N GLN E 10 6.16 1.55 53.62
CA GLN E 10 4.99 2.35 53.28
C GLN E 10 3.85 2.25 54.29
N GLN E 11 3.50 1.06 54.76
CA GLN E 11 2.52 0.98 55.84
C GLN E 11 3.09 1.56 57.12
N VAL E 12 4.43 1.53 57.27
CA VAL E 12 5.10 2.33 58.28
C VAL E 12 4.57 3.75 58.26
N ALA E 13 4.44 4.31 57.05
CA ALA E 13 3.95 5.67 56.87
C ALA E 13 2.43 5.76 56.80
N GLU E 14 1.73 4.67 56.47
CA GLU E 14 0.28 4.72 56.51
C GLU E 14 -0.24 4.78 57.94
N VAL E 15 0.43 4.09 58.87
CA VAL E 15 0.07 4.23 60.28
C VAL E 15 0.36 5.65 60.75
N ALA E 16 1.43 6.26 60.25
CA ALA E 16 1.73 7.64 60.60
C ALA E 16 0.68 8.59 60.05
N GLN E 17 0.23 8.35 58.82
CA GLN E 17 -0.88 9.13 58.27
C GLN E 17 -2.12 8.95 59.14
N LYS E 18 -2.39 7.72 59.56
CA LYS E 18 -3.52 7.46 60.44
C LYS E 18 -3.42 8.32 61.68
N VAL E 19 -2.27 8.28 62.34
CA VAL E 19 -2.10 9.04 63.59
C VAL E 19 -2.15 10.54 63.32
N ALA E 20 -1.70 10.99 62.15
CA ALA E 20 -1.67 12.42 61.86
C ALA E 20 -3.07 12.95 61.58
N LYS E 21 -3.80 12.27 60.70
CA LYS E 21 -5.19 12.64 60.44
C LYS E 21 -6.11 12.25 61.59
N ASP E 22 -5.59 11.57 62.61
CA ASP E 22 -6.36 11.23 63.81
C ASP E 22 -6.19 12.29 64.90
N LYS E 23 -4.96 12.51 65.35
CA LYS E 23 -4.71 13.42 66.44
C LYS E 23 -4.77 14.88 65.99
N TYR E 24 -4.36 15.18 64.76
CA TYR E 24 -4.22 16.55 64.29
C TYR E 24 -5.08 16.88 63.07
N GLY E 25 -5.76 15.90 62.48
CA GLY E 25 -6.74 16.16 61.44
C GLY E 25 -6.27 17.07 60.33
N LEU E 26 -5.13 16.75 59.72
CA LEU E 26 -4.55 17.57 58.66
C LEU E 26 -4.56 16.78 57.36
N ASP E 27 -5.17 17.35 56.32
CA ASP E 27 -5.24 16.70 55.02
C ASP E 27 -3.89 16.78 54.32
N VAL E 28 -2.97 15.96 54.81
CA VAL E 28 -1.70 15.77 54.13
C VAL E 28 -1.93 14.88 52.91
N GLU E 29 -1.42 15.31 51.77
CA GLU E 29 -1.57 14.56 50.52
C GLU E 29 -0.32 13.72 50.29
N LEU E 30 -0.50 12.41 50.21
CA LEU E 30 0.64 11.50 50.19
C LEU E 30 1.20 11.34 48.79
N VAL E 31 2.46 10.90 48.73
CA VAL E 31 3.15 10.63 47.47
C VAL E 31 4.11 9.48 47.68
N THR E 32 4.29 8.67 46.65
CA THR E 32 5.24 7.57 46.66
C THR E 32 6.12 7.68 45.41
N PHE E 33 7.35 7.19 45.52
CA PHE E 33 8.34 7.36 44.46
C PHE E 33 9.04 6.05 44.17
N ASN E 34 9.29 5.79 42.88
CA ASN E 34 9.96 4.58 42.42
C ASN E 34 11.42 4.82 42.09
N ASP E 35 11.92 6.03 42.28
CA ASP E 35 13.35 6.32 42.20
C ASP E 35 13.80 6.94 43.53
N TYR E 36 15.09 7.26 43.61
CA TYR E 36 15.72 7.59 44.87
C TYR E 36 16.15 9.03 44.98
N VAL E 37 15.91 9.86 43.97
CA VAL E 37 16.24 11.28 44.05
C VAL E 37 15.01 12.17 44.02
N LEU E 38 13.92 11.73 43.43
CA LEU E 38 12.81 12.62 43.12
C LEU E 38 12.11 13.17 44.36
N PRO E 39 12.08 12.46 45.47
CA PRO E 39 11.58 13.12 46.70
C PRO E 39 12.45 14.29 47.10
N ASN E 40 13.77 14.14 46.99
CA ASN E 40 14.68 15.22 47.33
C ASN E 40 14.51 16.40 46.37
N GLU E 41 14.43 16.10 45.07
CA GLU E 41 14.19 17.17 44.10
C GLU E 41 12.84 17.83 44.33
N ALA E 42 11.84 17.04 44.76
CA ALA E 42 10.53 17.61 45.05
C ALA E 42 10.62 18.58 46.22
N LEU E 43 11.29 18.17 47.29
CA LEU E 43 11.51 19.08 48.41
C LEU E 43 12.20 20.35 47.92
N SER E 44 13.42 20.22 47.39
CA SER E 44 14.17 21.38 46.95
C SER E 44 13.38 22.23 45.97
N LYS E 45 12.42 21.63 45.26
CA LYS E 45 11.54 22.35 44.37
C LYS E 45 10.25 22.79 45.03
N GLY E 46 9.97 22.31 46.25
CA GLY E 46 8.87 22.82 47.03
C GLY E 46 7.53 22.13 46.85
N ASP E 47 7.49 21.02 46.11
CA ASP E 47 6.22 20.34 45.89
C ASP E 47 5.72 19.68 47.18
N ILE E 48 6.56 18.86 47.79
CA ILE E 48 6.18 18.10 48.98
C ILE E 48 6.79 18.75 50.21
N ASP E 49 6.22 18.42 51.38
CA ASP E 49 6.71 18.99 52.63
C ASP E 49 7.89 18.20 53.17
N ALA E 50 7.83 16.88 53.10
CA ALA E 50 8.76 16.03 53.82
C ALA E 50 9.04 14.77 53.02
N ASN E 51 9.86 13.89 53.59
CA ASN E 51 10.19 12.61 53.00
C ASN E 51 10.78 11.74 54.11
N ALA E 52 10.44 10.46 54.09
CA ALA E 52 10.65 9.57 55.24
C ALA E 52 11.26 8.25 54.80
N PHE E 53 12.35 8.31 54.01
CA PHE E 53 12.93 7.09 53.47
C PHE E 53 14.45 6.98 53.57
N GLN E 54 15.18 8.08 53.71
CA GLN E 54 16.63 8.06 53.56
C GLN E 54 17.34 8.03 54.91
N HIS E 55 18.64 7.77 54.87
CA HIS E 55 19.45 7.76 56.09
C HIS E 55 20.62 8.74 55.95
N LYS E 56 21.25 9.01 57.09
CA LYS E 56 22.14 10.17 57.19
C LYS E 56 23.26 10.15 56.17
N PRO E 57 23.97 9.05 55.92
CA PRO E 57 24.93 9.07 54.81
C PRO E 57 24.27 9.38 53.49
N TYR E 58 23.11 8.79 53.22
CA TYR E 58 22.38 9.08 51.99
C TYR E 58 21.94 10.54 51.96
N LEU E 59 21.42 11.05 53.07
CA LEU E 59 21.08 12.46 53.14
C LEU E 59 22.28 13.32 52.79
N ASP E 60 23.35 13.19 53.56
CA ASP E 60 24.58 13.92 53.28
C ASP E 60 24.94 13.85 51.81
N GLN E 61 24.85 12.66 51.22
CA GLN E 61 25.09 12.54 49.78
C GLN E 61 24.20 13.47 48.98
N GLN E 62 22.91 13.52 49.35
CA GLN E 62 21.94 14.32 48.59
C GLN E 62 22.10 15.81 48.86
N LEU E 63 22.67 16.19 49.99
CA LEU E 63 22.97 17.58 50.27
C LEU E 63 24.29 18.00 49.64
N LYS E 64 25.14 17.02 49.31
CA LYS E 64 26.38 17.22 48.57
C LYS E 64 26.12 17.22 47.07
N ASP E 65 25.45 16.19 46.57
CA ASP E 65 25.04 16.12 45.17
C ASP E 65 23.69 16.81 45.01
N ARG E 66 23.58 17.67 43.99
CA ARG E 66 22.42 18.52 43.72
C ARG E 66 22.27 19.64 44.75
N GLY E 67 23.12 19.69 45.78
CA GLY E 67 23.13 20.81 46.72
C GLY E 67 21.79 21.11 47.37
N TYR E 68 21.20 20.10 48.02
CA TYR E 68 19.92 20.28 48.69
C TYR E 68 20.15 20.82 50.10
N LYS E 69 19.25 21.70 50.53
CA LYS E 69 19.30 22.28 51.88
C LYS E 69 18.24 21.55 52.70
N LEU E 70 18.62 20.41 53.27
CA LEU E 70 17.73 19.60 54.09
C LEU E 70 18.45 19.20 55.37
N VAL E 71 17.66 18.91 56.40
CA VAL E 71 18.18 18.54 57.71
C VAL E 71 17.32 17.44 58.30
N ALA E 72 17.95 16.56 59.08
CA ALA E 72 17.29 15.38 59.63
C ALA E 72 16.38 15.78 60.79
N VAL E 73 15.11 15.37 60.72
CA VAL E 73 14.12 15.78 61.72
C VAL E 73 13.27 14.63 62.25
N GLY E 74 13.80 13.42 62.34
CA GLY E 74 12.97 12.32 62.83
C GLY E 74 13.74 11.13 63.33
N ASN E 75 13.14 10.45 64.33
CA ASN E 75 13.54 9.13 64.81
C ASN E 75 13.00 8.06 63.85
N THR E 76 13.40 6.80 64.08
CA THR E 76 13.21 5.77 63.05
C THR E 76 13.00 4.40 63.68
N PHE E 77 12.76 3.41 62.81
CA PHE E 77 12.69 2.00 63.15
C PHE E 77 14.06 1.33 62.94
N VAL E 78 14.18 0.09 63.42
CA VAL E 78 15.47 -0.58 63.43
C VAL E 78 15.91 -1.06 62.04
N TYR E 79 14.97 -1.30 61.12
CA TYR E 79 15.28 -1.70 59.74
C TYR E 79 16.52 -2.59 59.62
N PRO E 80 16.52 -3.77 60.23
CA PRO E 80 17.71 -4.64 60.13
C PRO E 80 17.80 -5.34 58.79
N ILE E 81 19.04 -5.49 58.31
CA ILE E 81 19.35 -6.23 57.09
C ILE E 81 20.26 -7.38 57.47
N ALA E 82 20.17 -8.48 56.71
CA ALA E 82 20.90 -9.68 57.08
C ALA E 82 21.03 -10.58 55.89
N GLY E 83 22.05 -11.44 55.94
CA GLY E 83 22.18 -12.48 54.95
C GLY E 83 21.24 -13.63 55.21
N TYR E 84 20.80 -14.27 54.14
CA TYR E 84 19.88 -15.39 54.22
C TYR E 84 20.20 -16.38 53.12
N SER E 85 20.05 -17.67 53.45
CA SER E 85 20.16 -18.73 52.46
C SER E 85 19.26 -19.87 52.90
N LYS E 86 18.33 -20.27 52.04
CA LYS E 86 17.57 -21.48 52.24
C LYS E 86 18.31 -22.70 51.73
N LYS E 87 19.50 -22.52 51.14
CA LYS E 87 20.33 -23.63 50.71
C LYS E 87 21.32 -24.10 51.76
N ILE E 88 21.68 -23.24 52.71
CA ILE E 88 22.69 -23.55 53.71
C ILE E 88 22.27 -22.97 55.04
N LYS E 89 22.77 -23.58 56.13
CA LYS E 89 22.54 -23.08 57.47
C LYS E 89 23.78 -22.40 58.07
N SER E 90 24.90 -22.39 57.34
CA SER E 90 26.12 -21.79 57.85
C SER E 90 26.91 -21.23 56.67
N LEU E 91 27.84 -20.32 56.98
CA LEU E 91 28.77 -19.82 55.97
C LEU E 91 29.83 -20.86 55.64
N ASP E 92 30.06 -21.82 56.54
CA ASP E 92 30.93 -22.94 56.24
C ASP E 92 30.46 -23.69 54.99
N GLU E 93 29.18 -23.56 54.64
CA GLU E 93 28.59 -24.27 53.52
C GLU E 93 28.52 -23.43 52.26
N LEU E 94 29.29 -22.34 52.20
CA LEU E 94 29.36 -21.47 51.03
C LEU E 94 30.64 -21.76 50.26
N GLN E 95 30.53 -21.80 48.93
CA GLN E 95 31.62 -22.25 48.08
C GLN E 95 31.93 -21.21 47.01
N ASP E 96 32.98 -21.48 46.24
CA ASP E 96 33.47 -20.51 45.26
C ASP E 96 32.53 -20.39 44.08
N GLY E 97 32.55 -19.22 43.43
CA GLY E 97 31.70 -18.94 42.31
C GLY E 97 30.24 -18.72 42.65
N SER E 98 29.84 -18.92 43.90
CA SER E 98 28.44 -18.75 44.27
C SER E 98 28.01 -17.29 44.15
N GLN E 99 26.84 -17.09 43.57
CA GLN E 99 26.32 -15.76 43.36
C GLN E 99 25.67 -15.22 44.63
N VAL E 100 25.67 -13.90 44.77
CA VAL E 100 25.19 -13.23 45.97
C VAL E 100 24.23 -12.12 45.55
N ALA E 101 23.03 -12.14 46.12
CA ALA E 101 21.96 -11.23 45.73
C ALA E 101 21.86 -10.09 46.73
N VAL E 102 21.87 -8.87 46.23
CA VAL E 102 21.73 -7.68 47.07
C VAL E 102 20.81 -6.68 46.38
N PRO E 103 20.19 -5.79 47.17
CA PRO E 103 19.32 -4.79 46.56
C PRO E 103 20.11 -3.81 45.70
N ASN E 104 19.60 -3.57 44.50
CA ASN E 104 20.29 -2.67 43.58
C ASN E 104 20.24 -1.21 44.03
N ASP E 105 19.39 -0.88 45.01
CA ASP E 105 19.29 0.50 45.45
C ASP E 105 20.57 0.94 46.17
N PRO E 106 20.92 2.22 46.08
CA PRO E 106 22.20 2.67 46.67
C PRO E 106 22.33 2.36 48.15
N THR E 107 21.38 2.79 48.98
CA THR E 107 21.49 2.59 50.41
C THR E 107 21.75 1.13 50.75
N ASN E 108 20.81 0.26 50.40
CA ASN E 108 20.94 -1.15 50.76
C ASN E 108 22.07 -1.82 49.99
N LEU E 109 22.37 -1.35 48.77
CA LEU E 109 23.53 -1.86 48.05
C LEU E 109 24.80 -1.69 48.88
N GLY E 110 25.07 -0.46 49.31
CA GLY E 110 26.27 -0.20 50.10
C GLY E 110 26.24 -0.90 51.44
N ARG E 111 25.08 -0.91 52.10
CA ARG E 111 25.00 -1.54 53.41
C ARG E 111 25.21 -3.05 53.30
N SER E 112 24.71 -3.67 52.24
CA SER E 112 24.94 -5.09 52.01
C SER E 112 26.40 -5.34 51.67
N LEU E 113 27.04 -4.41 50.96
CA LEU E 113 28.48 -4.55 50.70
C LEU E 113 29.27 -4.52 52.00
N LEU E 114 28.94 -3.60 52.90
CA LEU E 114 29.65 -3.55 54.18
C LEU E 114 29.31 -4.75 55.04
N LEU E 115 28.08 -5.27 54.96
CA LEU E 115 27.74 -6.49 55.67
C LEU E 115 28.52 -7.68 55.12
N LEU E 116 28.79 -7.67 53.82
CA LEU E 116 29.56 -8.76 53.20
C LEU E 116 31.05 -8.64 53.51
N GLN E 117 31.55 -7.43 53.71
CA GLN E 117 32.91 -7.30 54.22
C GLN E 117 32.97 -7.68 55.70
N LYS E 118 31.88 -7.43 56.44
CA LYS E 118 31.81 -7.82 57.84
C LYS E 118 31.89 -9.33 57.99
N VAL E 119 31.11 -10.07 57.20
CA VAL E 119 31.14 -11.53 57.27
C VAL E 119 32.51 -12.07 56.87
N GLY E 120 33.32 -11.26 56.21
CA GLY E 120 34.69 -11.63 55.89
C GLY E 120 34.91 -12.24 54.53
N LEU E 121 33.87 -12.31 53.69
CA LEU E 121 34.04 -12.95 52.38
C LEU E 121 34.80 -12.05 51.42
N ILE E 122 34.36 -10.79 51.27
CA ILE E 122 35.01 -9.83 50.40
C ILE E 122 35.53 -8.67 51.25
N LYS E 123 36.33 -7.82 50.62
CA LYS E 123 36.77 -6.58 51.25
C LYS E 123 36.93 -5.51 50.17
N LEU E 124 36.57 -4.29 50.52
CA LEU E 124 36.52 -3.17 49.59
C LEU E 124 37.67 -2.22 49.86
N LYS E 125 37.72 -1.12 49.10
CA LYS E 125 38.79 -0.14 49.24
C LYS E 125 38.51 0.78 50.42
N ASP E 126 39.44 1.70 50.68
CA ASP E 126 39.51 2.41 51.94
C ASP E 126 38.84 3.77 51.87
N GLY E 127 38.28 4.18 53.02
CA GLY E 127 37.77 5.53 53.20
C GLY E 127 36.43 5.82 52.55
N VAL E 128 35.42 4.97 52.80
CA VAL E 128 34.14 5.13 52.13
C VAL E 128 33.01 5.43 53.10
N GLY E 129 32.73 4.53 54.02
CA GLY E 129 31.54 4.63 54.83
C GLY E 129 30.44 3.68 54.38
N LEU E 130 29.19 4.16 54.35
CA LEU E 130 28.04 3.27 54.22
C LEU E 130 27.52 3.10 52.79
N LEU E 131 28.04 3.84 51.82
CA LEU E 131 27.54 3.77 50.44
C LEU E 131 28.62 3.27 49.48
N PRO E 132 29.17 2.09 49.71
CA PRO E 132 30.08 1.49 48.72
C PRO E 132 29.28 0.89 47.56
N THR E 133 30.03 0.41 46.56
CA THR E 133 29.44 -0.16 45.36
C THR E 133 30.30 -1.31 44.88
N VAL E 134 29.90 -1.93 43.78
CA VAL E 134 30.67 -3.00 43.19
C VAL E 134 32.00 -2.49 42.66
N LEU E 135 32.09 -1.19 42.38
CA LEU E 135 33.38 -0.60 42.02
C LEU E 135 34.46 -0.98 43.03
N ASP E 136 34.07 -1.16 44.29
CA ASP E 136 35.01 -1.20 45.40
C ASP E 136 35.52 -2.59 45.72
N VAL E 137 34.91 -3.64 45.17
CA VAL E 137 35.26 -5.01 45.57
C VAL E 137 36.68 -5.30 45.11
N VAL E 138 37.60 -5.42 46.06
CA VAL E 138 39.02 -5.63 45.76
C VAL E 138 39.49 -6.98 46.29
N GLU E 139 38.89 -7.44 47.38
CA GLU E 139 39.16 -8.78 47.90
C GLU E 139 37.92 -9.64 47.69
N ASN E 140 38.07 -10.71 46.91
CA ASN E 140 36.98 -11.65 46.67
C ASN E 140 37.56 -13.05 46.55
N PRO E 141 38.11 -13.58 47.64
CA PRO E 141 38.73 -14.92 47.57
C PRO E 141 37.79 -15.98 47.03
N LYS E 142 36.55 -16.03 47.50
CA LYS E 142 35.61 -17.05 47.03
C LYS E 142 35.08 -16.78 45.64
N ASN E 143 35.38 -15.62 45.06
CA ASN E 143 34.91 -15.29 43.72
C ASN E 143 33.40 -15.27 43.65
N LEU E 144 32.76 -14.72 44.66
CA LEU E 144 31.33 -14.48 44.61
C LEU E 144 31.02 -13.44 43.54
N LYS E 145 29.86 -13.58 42.90
CA LYS E 145 29.43 -12.65 41.86
C LYS E 145 28.22 -11.89 42.37
N ILE E 146 28.30 -10.57 42.31
CA ILE E 146 27.35 -9.68 42.96
C ILE E 146 26.22 -9.38 41.99
N VAL E 147 25.00 -9.37 42.51
CA VAL E 147 23.79 -9.26 41.70
C VAL E 147 22.94 -8.14 42.26
N GLU E 148 22.46 -7.26 41.38
CA GLU E 148 21.70 -6.07 41.78
C GLU E 148 20.30 -6.16 41.15
N LEU E 149 19.33 -6.53 41.97
CA LEU E 149 17.94 -6.66 41.57
C LEU E 149 17.11 -5.62 42.30
N GLU E 150 15.82 -5.56 41.95
CA GLU E 150 14.83 -4.95 42.83
C GLU E 150 14.61 -5.89 44.01
N ALA E 151 14.88 -5.40 45.23
CA ALA E 151 14.88 -6.24 46.43
C ALA E 151 13.77 -7.29 46.44
N PRO E 152 12.49 -6.96 46.24
CA PRO E 152 11.44 -7.98 46.33
C PRO E 152 11.75 -9.25 45.57
N GLN E 153 12.65 -9.16 44.58
CA GLN E 153 12.90 -10.28 43.69
C GLN E 153 13.90 -11.29 44.21
N LEU E 154 14.81 -10.93 45.13
CA LEU E 154 15.80 -11.93 45.48
C LEU E 154 15.30 -13.03 46.43
N PRO E 155 14.37 -12.78 47.35
CA PRO E 155 14.07 -13.84 48.33
C PRO E 155 13.72 -15.16 47.67
N ARG E 156 13.02 -15.14 46.54
CA ARG E 156 12.85 -16.36 45.76
C ARG E 156 14.14 -16.75 45.04
N SER E 157 15.03 -15.78 44.80
CA SER E 157 16.33 -16.12 44.26
C SER E 157 17.07 -17.07 45.18
N LEU E 158 16.81 -17.00 46.49
CA LEU E 158 17.29 -18.06 47.37
C LEU E 158 16.78 -19.41 46.89
N ASP E 159 15.59 -19.43 46.30
CA ASP E 159 15.08 -20.63 45.64
C ASP E 159 15.67 -20.83 44.26
N ASP E 160 16.59 -19.96 43.85
CA ASP E 160 17.23 -20.08 42.55
C ASP E 160 18.36 -21.09 42.60
N ALA E 161 18.48 -21.90 41.55
CA ALA E 161 19.57 -22.85 41.47
C ALA E 161 20.93 -22.15 41.46
N GLN E 162 20.96 -20.88 41.02
CA GLN E 162 22.24 -20.17 40.90
C GLN E 162 22.64 -19.53 42.22
N ILE E 163 21.71 -18.84 42.87
CA ILE E 163 22.06 -18.01 44.03
C ILE E 163 22.27 -18.90 45.25
N ALA E 164 23.32 -18.58 46.01
CA ALA E 164 23.59 -19.24 47.27
C ALA E 164 23.27 -18.38 48.48
N LEU E 165 23.13 -17.07 48.30
CA LEU E 165 23.02 -16.16 49.43
C LEU E 165 22.39 -14.86 48.97
N ALA E 166 21.56 -14.27 49.84
CA ALA E 166 20.90 -13.01 49.51
C ALA E 166 20.89 -12.11 50.75
N VAL E 167 21.29 -10.86 50.58
CA VAL E 167 21.32 -9.90 51.67
C VAL E 167 19.98 -9.15 51.62
N ILE E 168 19.07 -9.55 52.51
CA ILE E 168 17.68 -9.08 52.45
C ILE E 168 17.34 -8.33 53.72
N ASN E 169 16.33 -7.48 53.62
CA ASN E 169 15.83 -6.69 54.73
C ASN E 169 14.95 -7.55 55.63
N THR E 170 14.50 -6.95 56.74
CA THR E 170 13.82 -7.72 57.77
C THR E 170 12.33 -7.88 57.51
N THR E 171 11.66 -6.85 57.01
CA THR E 171 10.24 -7.02 56.70
C THR E 171 10.04 -8.03 55.58
N TYR E 172 10.88 -7.96 54.54
CA TYR E 172 10.83 -8.97 53.49
C TYR E 172 11.20 -10.34 54.04
N ALA E 173 12.21 -10.39 54.90
CA ALA E 173 12.57 -11.65 55.53
C ALA E 173 11.37 -12.25 56.25
N SER E 174 10.55 -11.40 56.89
CA SER E 174 9.40 -11.87 57.63
C SER E 174 8.21 -12.19 56.75
N GLN E 175 8.17 -11.66 55.52
CA GLN E 175 7.11 -12.03 54.59
C GLN E 175 6.93 -13.54 54.53
N ILE E 176 8.01 -14.27 54.22
CA ILE E 176 7.94 -15.71 54.10
C ILE E 176 8.27 -16.43 55.39
N GLY E 177 8.60 -15.71 56.46
CA GLY E 177 8.77 -16.30 57.76
C GLY E 177 10.20 -16.60 58.17
N LEU E 178 11.13 -15.72 57.82
CA LEU E 178 12.53 -15.86 58.21
C LEU E 178 12.93 -14.63 59.02
N THR E 179 13.12 -14.80 60.33
CA THR E 179 13.64 -13.71 61.13
C THR E 179 15.16 -13.65 61.04
N PRO E 180 15.75 -12.46 61.10
CA PRO E 180 17.21 -12.37 60.94
C PRO E 180 17.96 -13.10 62.04
N ALA E 181 17.68 -12.74 63.29
CA ALA E 181 18.53 -13.15 64.41
C ALA E 181 18.82 -14.64 64.40
N LYS E 182 17.77 -15.47 64.37
CA LYS E 182 17.92 -16.91 64.53
C LYS E 182 17.57 -17.71 63.28
N ASP E 183 16.49 -17.35 62.58
CA ASP E 183 16.16 -18.06 61.35
C ASP E 183 17.16 -17.72 60.25
N GLY E 184 17.45 -16.44 60.06
CA GLY E 184 18.50 -16.04 59.16
C GLY E 184 19.84 -16.60 59.60
N ILE E 185 20.57 -17.21 58.67
CA ILE E 185 21.81 -17.90 59.04
C ILE E 185 22.81 -16.92 59.63
N PHE E 186 22.91 -15.72 59.05
CA PHE E 186 23.85 -14.72 59.52
C PHE E 186 23.27 -13.33 59.30
N VAL E 187 23.73 -12.38 60.12
CA VAL E 187 22.96 -11.17 60.37
C VAL E 187 23.89 -9.96 60.54
N GLU E 188 23.28 -8.80 60.79
CA GLU E 188 23.99 -7.54 60.94
C GLU E 188 23.67 -6.95 62.30
N ASP E 189 24.69 -6.60 63.07
CA ASP E 189 24.46 -5.97 64.36
C ASP E 189 24.05 -4.51 64.11
N LYS E 190 23.92 -3.73 65.19
CA LYS E 190 23.40 -2.38 65.06
C LYS E 190 24.32 -1.54 64.18
N GLU E 191 23.81 -1.10 63.04
CA GLU E 191 24.51 -0.27 62.07
C GLU E 191 23.89 1.12 62.13
N SER E 192 24.40 1.95 63.04
CA SER E 192 23.76 3.22 63.40
C SER E 192 23.18 4.02 62.24
N PRO E 193 23.91 4.29 61.16
CA PRO E 193 23.48 5.36 60.24
C PRO E 193 22.49 4.98 59.16
N TYR E 194 21.77 3.86 59.30
CA TYR E 194 20.72 3.51 58.35
C TYR E 194 19.37 4.11 58.72
N VAL E 195 19.35 5.19 59.50
CA VAL E 195 18.10 5.70 60.06
C VAL E 195 17.14 6.16 58.97
N ALA E 196 15.85 5.91 59.17
CA ALA E 196 14.84 6.35 58.22
C ALA E 196 14.86 7.86 58.00
N LEU E 197 15.26 8.63 59.00
CA LEU E 197 15.57 10.05 58.84
C LEU E 197 14.47 10.80 58.09
N ILE E 198 13.34 10.94 58.76
CA ILE E 198 12.31 11.86 58.28
C ILE E 198 12.97 13.21 58.00
N VAL E 199 12.79 13.72 56.78
CA VAL E 199 13.45 14.95 56.37
C VAL E 199 12.41 15.98 55.94
N THR E 200 12.85 17.23 55.90
CA THR E 200 12.06 18.34 55.41
C THR E 200 13.02 19.38 54.84
N ARG E 201 12.48 20.46 54.31
CA ARG E 201 13.31 21.58 53.88
C ARG E 201 13.74 22.40 55.10
N GLU E 202 14.93 22.97 55.01
CA GLU E 202 15.44 23.81 56.10
C GLU E 202 14.45 24.91 56.44
N ASP E 203 13.75 25.44 55.43
CA ASP E 203 12.78 26.50 55.66
C ASP E 203 11.47 25.96 56.22
N ASN E 204 10.94 24.89 55.61
CA ASN E 204 9.62 24.41 55.96
C ASN E 204 9.62 23.50 57.18
N LYS E 205 10.78 23.08 57.66
CA LYS E 205 10.83 22.16 58.81
C LYS E 205 10.13 22.74 60.03
N ASP E 206 9.90 24.05 60.06
CA ASP E 206 9.35 24.72 61.23
C ASP E 206 7.87 25.06 61.05
N ALA E 207 7.20 24.46 60.08
CA ALA E 207 5.76 24.63 59.94
C ALA E 207 5.02 23.73 60.92
N GLU E 208 3.94 24.24 61.49
CA GLU E 208 3.13 23.46 62.42
C GLU E 208 2.76 22.11 61.83
N ASN E 209 2.26 22.12 60.59
CA ASN E 209 1.89 20.88 59.91
C ASN E 209 3.02 19.86 59.95
N VAL E 210 4.23 20.31 59.61
CA VAL E 210 5.38 19.42 59.56
C VAL E 210 5.62 18.77 60.93
N LYS E 211 5.71 19.60 61.97
CA LYS E 211 5.99 19.07 63.30
C LYS E 211 4.92 18.09 63.73
N LYS E 212 3.64 18.42 63.48
CA LYS E 212 2.57 17.57 63.97
C LYS E 212 2.54 16.25 63.23
N PHE E 213 2.88 16.23 61.94
CA PHE E 213 3.03 14.95 61.27
C PHE E 213 4.18 14.16 61.88
N VAL E 214 5.34 14.81 62.05
CA VAL E 214 6.49 14.11 62.61
C VAL E 214 6.11 13.47 63.93
N GLN E 215 5.32 14.18 64.73
CA GLN E 215 4.80 13.60 65.97
C GLN E 215 3.97 12.36 65.67
N ALA E 216 2.92 12.53 64.85
CA ALA E 216 2.06 11.40 64.52
C ALA E 216 2.87 10.19 64.06
N TYR E 217 4.02 10.42 63.46
CA TYR E 217 4.84 9.33 62.94
C TYR E 217 5.58 8.61 64.06
N GLN E 218 6.03 9.35 65.06
CA GLN E 218 6.79 8.80 66.18
C GLN E 218 5.84 8.63 67.35
N SER E 219 5.43 7.39 67.61
CA SER E 219 4.43 7.13 68.65
C SER E 219 4.41 5.63 68.94
N ASP E 220 3.64 5.27 69.98
CA ASP E 220 3.57 3.88 70.40
C ASP E 220 2.96 2.98 69.34
N GLU E 221 1.86 3.44 68.72
CA GLU E 221 1.22 2.64 67.68
C GLU E 221 2.17 2.36 66.53
N VAL E 222 2.94 3.37 66.11
CA VAL E 222 3.85 3.18 65.00
C VAL E 222 4.98 2.23 65.38
N TYR E 223 5.41 2.26 66.64
CA TYR E 223 6.53 1.44 67.09
C TYR E 223 6.12 -0.02 67.28
N GLU E 224 4.92 -0.26 67.79
CA GLU E 224 4.47 -1.64 68.02
C GLU E 224 3.94 -2.26 66.73
N ALA E 225 3.12 -1.52 65.98
CA ALA E 225 2.64 -2.02 64.70
C ALA E 225 3.77 -2.43 63.78
N ALA E 226 4.98 -1.91 64.00
CA ALA E 226 6.15 -2.27 63.21
C ALA E 226 6.60 -3.69 63.53
HG HG F . -21.19 -30.44 -27.34
HG HG G . -7.46 -12.08 -25.32
PG AGS H . -17.00 -1.99 -17.96
S1G AGS H . -15.50 -2.96 -16.91
O2G AGS H . -17.36 -0.62 -17.20
O3G AGS H . -16.56 -1.69 -19.35
PB AGS H . -18.52 -4.11 -16.95
O1B AGS H . -19.75 -4.87 -17.33
O2B AGS H . -17.33 -5.05 -16.95
O3B AGS H . -18.31 -2.92 -18.02
PA AGS H . -18.51 -4.46 -14.20
O1A AGS H . -18.82 -5.90 -14.55
O2A AGS H . -17.09 -4.36 -13.69
O3A AGS H . -18.70 -3.51 -15.47
O5' AGS H . -19.50 -3.96 -13.04
C5' AGS H . -20.84 -3.67 -13.39
C4' AGS H . -21.50 -2.84 -12.28
O4' AGS H . -21.34 -3.52 -11.04
C3' AGS H . -20.87 -1.46 -12.13
O3' AGS H . -21.88 -0.47 -11.99
C2' AGS H . -20.05 -1.54 -10.85
O2' AGS H . -20.11 -0.32 -10.13
C1' AGS H . -20.72 -2.67 -10.07
N9 AGS H . -19.81 -3.50 -9.28
C8 AGS H . -19.02 -4.49 -9.75
N7 AGS H . -18.33 -5.07 -8.74
C5 AGS H . -18.68 -4.47 -7.59
C6 AGS H . -18.33 -4.59 -6.17
N6 AGS H . -17.43 -5.52 -5.76
N1 AGS H . -18.93 -3.76 -5.29
C2 AGS H . -19.82 -2.84 -5.68
N3 AGS H . -20.19 -2.67 -6.97
C4 AGS H . -19.67 -3.44 -7.95
HOG2 AGS H . -16.75 0.12 -17.22
H5'1 AGS H . -20.87 -3.12 -14.33
H5'2 AGS H . -21.40 -4.60 -13.52
H4' AGS H . -22.55 -2.72 -12.57
H3' AGS H . -20.26 -1.19 -13.00
HO3' AGS H . -22.50 -0.53 -12.73
H2' AGS H . -18.98 -1.72 -11.04
HO2' AGS H . -19.95 0.42 -10.73
H1' AGS H . -21.40 -2.18 -9.36
H8 AGS H . -18.96 -4.77 -10.80
HN61 AGS H . -17.19 -5.60 -4.78
HN62 AGS H . -16.99 -6.14 -6.43
H2 AGS H . -20.28 -2.20 -4.93
HG HG I . -7.59 9.55 -26.17
I IOD J . -7.22 5.42 -26.66
I IOD K . -8.84 11.40 -25.02
PG AGS L . 3.83 0.90 -23.81
S1G AGS L . 2.38 0.22 -25.09
O2G AGS L . 3.21 1.09 -22.35
O3G AGS L . 5.00 -0.01 -23.86
PB AGS L . 5.54 3.10 -24.07
O1B AGS L . 6.68 2.40 -24.76
O2B AGS L . 5.50 4.52 -24.54
O3B AGS L . 4.17 2.36 -24.40
PA AGS L . 7.22 3.54 -21.98
O1A AGS L . 7.57 4.85 -22.61
O2A AGS L . 7.17 3.64 -20.48
O3A AGS L . 5.77 3.10 -22.50
O5' AGS L . 8.27 2.40 -22.40
C5' AGS L . 9.57 2.76 -22.83
C4' AGS L . 10.65 2.07 -22.01
O4' AGS L . 10.89 2.81 -20.80
C3' AGS L . 10.30 0.65 -21.57
O3' AGS L . 11.18 -0.28 -22.20
C2' AGS L . 10.53 0.61 -20.06
O2' AGS L . 11.32 -0.51 -19.69
C1' AGS L . 11.26 1.92 -19.76
N9 AGS L . 10.86 2.48 -18.45
C8 AGS L . 9.76 3.23 -18.24
N7 AGS L . 9.69 3.60 -16.93
C5 AGS L . 10.77 3.09 -16.30
C6 AGS L . 11.31 3.11 -14.92
N6 AGS L . 10.68 3.76 -13.91
N1 AGS L . 12.45 2.44 -14.68
C2 AGS L . 13.11 1.79 -15.65
N3 AGS L . 12.68 1.74 -16.93
C4 AGS L . 11.54 2.36 -17.31
HOG2 AGS L . 2.36 0.66 -22.13
H5'1 AGS L . 9.69 2.48 -23.88
H5'2 AGS L . 9.70 3.84 -22.76
H4' AGS L . 11.52 2.03 -22.67
H3' AGS L . 9.28 0.37 -21.83
H2' AGS L . 9.59 0.52 -19.51
HO2' AGS L . 10.86 -1.32 -19.91
H1' AGS L . 12.34 1.73 -19.70
H8 AGS L . 9.04 3.50 -19.00
HN61 AGS L . 11.07 3.74 -12.97
HN62 AGS L . 9.82 4.25 -14.08
H2 AGS L . 14.04 1.28 -15.40
#